data_7W5K
#
_entry.id   7W5K
#
_cell.length_a   80.305
_cell.length_b   117.928
_cell.length_c   108.179
_cell.angle_alpha   90.000
_cell.angle_beta   95.140
_cell.angle_gamma   90.000
#
_symmetry.space_group_name_H-M   'P 1 21 1'
#
loop_
_entity.id
_entity.type
_entity.pdbx_description
1 polymer 'L-sorbosone dehydrogenase, NAD(P) dependent'
2 non-polymer 'NADP NICOTINAMIDE-ADENINE-DINUCLEOTIDE PHOSPHATE'
3 water water
#
_entity_poly.entity_id   1
_entity_poly.type   'polypeptide(L)'
_entity_poly.pdbx_seq_one_letter_code
;MNVVSKTVSLPLKPREFGFFIDGEWRAGKDFFDRSSPAHDVPVTRIPRCTREDLDEAVAAARRAFENGSWAGLAAADRAA
VLLKAAGLLRERRDDIAYWEVLENGKPISQAKGEIDHCIACFEMAAGAARMLHGDTFNNLGEGLFGMVLREPIGVVGLIT
PWNFPFMILCERAPFILASGCTLVVKPAEVTSATTLLLAEILADAGLPKGVFNVVTGTGRTVGQAMTEHQDIDMLSFTGS
TGVGKSCIHAAADSNLKKLGLELGGKNPIVVFADSNLEDAADAVAFGISFNTGQCAVSSSRLIVERSVAEKFERLVVAKM
EKIRVGDPFDPETQIGAITTEAQNKTILDYIAKGKAEGAKLLCGGGIVDFGKGQYIQPTLFTDVKPSMGIARDEIFGPVL
ASFHFDTVDEAIAIANDTVYGLAASVWSKDIDKALAVTRRVRAGRFWVNTIMSGGPETPLGGFKQSGWGREAGLYGVEEY
TQIKSVHIETGKRSHWISHHHHHH
;
_entity_poly.pdbx_strand_id   A,B,C,D
#
# COMPACT_ATOMS: atom_id res chain seq x y z
N VAL A 8 -40.87 -5.97 22.75
CA VAL A 8 -42.14 -5.65 23.38
C VAL A 8 -41.97 -5.54 24.90
N SER A 9 -41.39 -6.56 25.53
CA SER A 9 -41.41 -6.67 26.98
C SER A 9 -40.08 -6.24 27.59
N LEU A 10 -40.16 -5.34 28.56
CA LEU A 10 -39.03 -4.84 29.34
C LEU A 10 -38.70 -5.82 30.47
N PRO A 11 -37.46 -5.81 30.95
CA PRO A 11 -37.10 -6.76 32.01
C PRO A 11 -37.93 -6.50 33.25
N LEU A 12 -38.43 -7.60 33.82
CA LEU A 12 -39.24 -7.51 35.04
C LEU A 12 -38.47 -6.84 36.17
N LYS A 13 -37.20 -7.20 36.31
CA LYS A 13 -36.30 -6.58 37.26
C LYS A 13 -35.05 -6.21 36.47
N PRO A 14 -34.39 -5.09 36.77
CA PRO A 14 -33.25 -4.70 35.94
C PRO A 14 -32.17 -5.78 35.93
N ARG A 15 -31.63 -6.03 34.74
CA ARG A 15 -30.61 -7.05 34.63
C ARG A 15 -29.31 -6.54 35.22
N GLU A 16 -28.82 -7.23 36.22
CA GLU A 16 -27.58 -6.87 36.86
C GLU A 16 -26.43 -7.54 36.14
N PHE A 17 -25.52 -6.74 35.62
CA PHE A 17 -24.36 -7.23 34.92
C PHE A 17 -23.17 -7.33 35.88
N GLY A 18 -22.20 -8.14 35.47
CA GLY A 18 -20.86 -8.08 36.02
C GLY A 18 -19.95 -7.25 35.13
N PHE A 19 -18.72 -7.06 35.58
CA PHE A 19 -17.68 -6.61 34.68
C PHE A 19 -16.77 -7.78 34.34
N PHE A 20 -15.86 -7.56 33.40
CA PHE A 20 -15.17 -8.65 32.72
C PHE A 20 -13.68 -8.38 32.76
N ILE A 21 -12.96 -9.18 33.53
CA ILE A 21 -11.52 -9.04 33.62
C ILE A 21 -10.90 -10.41 33.47
N ASP A 22 -9.91 -10.51 32.59
CA ASP A 22 -9.11 -11.72 32.44
C ASP A 22 -9.97 -12.94 32.17
N GLY A 23 -10.91 -12.77 31.24
CA GLY A 23 -11.78 -13.85 30.86
C GLY A 23 -12.81 -14.22 31.90
N GLU A 24 -12.82 -13.45 32.97
CA GLU A 24 -13.72 -13.79 34.08
C GLU A 24 -14.73 -12.69 34.35
N TRP A 25 -15.99 -13.07 34.47
CA TRP A 25 -17.00 -12.15 34.93
C TRP A 25 -16.86 -11.92 36.43
N ARG A 26 -16.99 -10.66 36.83
CA ARG A 26 -16.79 -10.23 38.20
C ARG A 26 -18.09 -9.65 38.71
N ALA A 27 -18.49 -10.09 39.90
CA ALA A 27 -19.59 -9.41 40.54
C ALA A 27 -19.16 -7.99 40.85
N GLY A 28 -20.03 -7.04 40.63
CA GLY A 28 -19.73 -5.71 41.10
C GLY A 28 -19.88 -5.63 42.62
N LYS A 29 -19.36 -4.56 43.19
CA LYS A 29 -19.67 -4.19 44.56
C LYS A 29 -20.67 -3.05 44.60
N ASP A 30 -20.34 -1.93 43.95
CA ASP A 30 -21.29 -0.85 43.72
C ASP A 30 -21.86 -0.93 42.32
N PHE A 31 -23.10 -0.50 42.16
CA PHE A 31 -23.78 -0.63 40.89
C PHE A 31 -24.41 0.69 40.49
N PHE A 32 -24.30 0.98 39.20
CA PHE A 32 -25.04 2.05 38.57
C PHE A 32 -26.37 1.47 38.10
N ASP A 33 -27.47 2.13 38.46
CA ASP A 33 -28.80 1.68 38.05
C ASP A 33 -29.22 2.46 36.83
N ARG A 34 -29.41 1.75 35.74
CA ARG A 34 -29.75 2.36 34.48
C ARG A 34 -31.20 2.09 34.16
N SER A 35 -31.94 3.15 33.87
CA SER A 35 -33.31 3.06 33.39
C SER A 35 -33.32 3.31 31.90
N SER A 36 -34.27 2.67 31.23
CA SER A 36 -34.48 2.93 29.83
C SER A 36 -34.72 4.41 29.61
N PRO A 37 -33.91 5.09 28.80
CA PRO A 37 -34.24 6.49 28.50
C PRO A 37 -35.54 6.63 27.75
N ALA A 38 -36.01 5.57 27.09
CA ALA A 38 -37.28 5.64 26.37
C ALA A 38 -38.47 5.26 27.21
N HIS A 39 -38.27 4.53 28.31
CA HIS A 39 -39.39 3.95 29.04
C HIS A 39 -39.46 4.37 30.49
N ASP A 40 -38.44 5.03 31.02
CA ASP A 40 -38.36 5.37 32.45
C ASP A 40 -38.65 4.14 33.30
N VAL A 41 -38.07 3.01 32.91
CA VAL A 41 -38.16 1.80 33.69
C VAL A 41 -36.74 1.32 33.93
N PRO A 42 -36.42 0.87 35.13
CA PRO A 42 -35.09 0.28 35.37
C PRO A 42 -34.90 -0.92 34.46
N VAL A 43 -33.76 -0.97 33.79
CA VAL A 43 -33.48 -2.02 32.83
C VAL A 43 -32.22 -2.79 33.17
N THR A 44 -31.20 -2.09 33.64
CA THR A 44 -29.91 -2.71 33.87
C THR A 44 -29.30 -2.18 35.13
N ARG A 45 -28.39 -2.98 35.65
CA ARG A 45 -27.60 -2.67 36.83
C ARG A 45 -26.17 -3.02 36.50
N ILE A 46 -25.28 -2.03 36.53
CA ILE A 46 -23.95 -2.15 35.96
C ILE A 46 -22.94 -1.92 37.08
N PRO A 47 -21.93 -2.77 37.22
CA PRO A 47 -20.90 -2.53 38.23
C PRO A 47 -20.29 -1.14 38.06
N ARG A 48 -20.12 -0.43 39.17
CA ARG A 48 -19.28 0.76 39.19
C ARG A 48 -17.91 0.27 39.60
N CYS A 49 -17.02 0.17 38.62
CA CYS A 49 -15.73 -0.40 38.94
C CYS A 49 -14.83 0.63 39.58
N THR A 50 -13.81 0.12 40.22
CA THR A 50 -12.87 0.91 40.95
C THR A 50 -11.62 1.00 40.13
N ARG A 51 -10.69 1.82 40.59
CA ARG A 51 -9.38 1.94 39.89
C ARG A 51 -8.62 0.63 40.06
N GLU A 52 -8.84 -0.06 41.17
CA GLU A 52 -8.16 -1.34 41.31
C GLU A 52 -8.66 -2.34 40.27
N ASP A 53 -9.97 -2.37 40.03
CA ASP A 53 -10.52 -3.14 38.92
C ASP A 53 -9.85 -2.75 37.62
N LEU A 54 -9.78 -1.45 37.35
CA LEU A 54 -9.11 -0.99 36.14
C LEU A 54 -7.67 -1.49 36.10
N ASP A 55 -6.93 -1.32 37.20
CA ASP A 55 -5.56 -1.80 37.22
C ASP A 55 -5.50 -3.29 36.93
N GLU A 56 -6.43 -4.05 37.50
CA GLU A 56 -6.46 -5.48 37.26
C GLU A 56 -6.72 -5.77 35.80
N ALA A 57 -7.66 -5.05 35.21
CA ALA A 57 -7.96 -5.22 33.79
C ALA A 57 -6.75 -4.87 32.94
N VAL A 58 -6.06 -3.77 33.28
CA VAL A 58 -4.85 -3.45 32.56
C VAL A 58 -3.82 -4.55 32.75
N ALA A 59 -3.68 -5.04 33.99
CA ALA A 59 -2.73 -6.11 34.28
C ALA A 59 -3.08 -7.36 33.49
N ALA A 60 -4.38 -7.69 33.41
CA ALA A 60 -4.82 -8.81 32.58
C ALA A 60 -4.53 -8.54 31.10
N ALA A 61 -4.84 -7.33 30.62
CA ALA A 61 -4.58 -7.00 29.23
C ALA A 61 -3.09 -7.04 28.93
N ARG A 62 -2.30 -6.55 29.88
CA ARG A 62 -0.85 -6.63 29.74
C ARG A 62 -0.39 -8.06 29.67
N ARG A 63 -0.82 -8.87 30.66
CA ARG A 63 -0.46 -10.28 30.68
C ARG A 63 -0.83 -10.94 29.37
N ALA A 64 -2.10 -10.80 28.98
CA ALA A 64 -2.57 -11.44 27.76
C ALA A 64 -1.81 -10.94 26.55
N PHE A 65 -1.33 -9.70 26.60
CA PHE A 65 -0.58 -9.20 25.47
C PHE A 65 0.85 -9.72 25.47
N GLU A 66 1.51 -9.72 26.65
CA GLU A 66 2.90 -10.09 26.72
C GLU A 66 3.11 -11.60 26.65
N ASN A 67 2.14 -12.40 27.05
CA ASN A 67 2.39 -13.84 27.04
C ASN A 67 2.15 -14.47 25.67
N GLY A 68 1.86 -13.66 24.66
CA GLY A 68 1.66 -14.19 23.33
C GLY A 68 0.36 -14.90 23.10
N SER A 69 -0.56 -14.93 24.07
CA SER A 69 -1.80 -15.67 23.89
C SER A 69 -2.68 -15.09 22.80
N TRP A 70 -2.38 -13.88 22.33
CA TRP A 70 -3.21 -13.21 21.35
C TRP A 70 -2.34 -12.59 20.28
N ALA A 71 -1.40 -11.73 20.70
CA ALA A 71 -0.48 -11.12 19.76
C ALA A 71 0.49 -12.14 19.17
N GLY A 72 0.81 -13.18 19.93
CA GLY A 72 1.71 -14.20 19.41
C GLY A 72 1.06 -15.19 18.49
N LEU A 73 -0.27 -15.21 18.43
CA LEU A 73 -0.96 -16.08 17.51
C LEU A 73 -0.73 -15.61 16.09
N ALA A 74 -0.98 -16.53 15.16
CA ALA A 74 -1.13 -16.15 13.77
C ALA A 74 -2.37 -15.27 13.62
N ALA A 75 -2.29 -14.32 12.69
CA ALA A 75 -3.46 -13.55 12.32
C ALA A 75 -4.65 -14.46 12.03
N ALA A 76 -4.39 -15.62 11.43
CA ALA A 76 -5.44 -16.58 11.15
C ALA A 76 -6.25 -16.90 12.40
N ASP A 77 -5.59 -16.98 13.53
CA ASP A 77 -6.27 -17.34 14.80
C ASP A 77 -7.05 -16.12 15.31
N ARG A 78 -6.48 -14.93 15.18
CA ARG A 78 -7.24 -13.74 15.54
C ARG A 78 -8.41 -13.54 14.59
N ALA A 79 -8.18 -13.76 13.30
CA ALA A 79 -9.29 -13.70 12.34
C ALA A 79 -10.34 -14.74 12.69
N ALA A 80 -9.93 -15.94 13.11
CA ALA A 80 -10.90 -16.97 13.47
C ALA A 80 -11.84 -16.47 14.56
N VAL A 81 -11.27 -15.90 15.62
CA VAL A 81 -12.08 -15.39 16.71
C VAL A 81 -12.98 -14.26 16.22
N LEU A 82 -12.40 -13.31 15.49
CA LEU A 82 -13.19 -12.18 15.00
C LEU A 82 -14.31 -12.66 14.09
N LEU A 83 -14.01 -13.61 13.21
CA LEU A 83 -15.02 -14.16 12.32
C LEU A 83 -16.08 -14.92 13.11
N LYS A 84 -15.65 -15.67 14.12
CA LYS A 84 -16.64 -16.35 14.94
C LYS A 84 -17.48 -15.35 15.70
N ALA A 85 -16.83 -14.32 16.26
CA ALA A 85 -17.57 -13.24 16.91
C ALA A 85 -18.57 -12.63 15.95
N ALA A 86 -18.15 -12.37 14.70
CA ALA A 86 -19.07 -11.86 13.70
C ALA A 86 -20.28 -12.78 13.56
N GLY A 87 -20.03 -14.09 13.56
CA GLY A 87 -21.15 -15.03 13.52
C GLY A 87 -22.03 -14.93 14.75
N LEU A 88 -21.42 -14.82 15.93
CA LEU A 88 -22.19 -14.69 17.16
C LEU A 88 -22.97 -13.38 17.17
N LEU A 89 -22.39 -12.30 16.64
CA LEU A 89 -23.14 -11.06 16.50
C LEU A 89 -24.41 -11.29 15.71
N ARG A 90 -24.30 -11.98 14.58
CA ARG A 90 -25.48 -12.26 13.78
C ARG A 90 -26.50 -13.07 14.58
N GLU A 91 -26.04 -14.13 15.25
CA GLU A 91 -26.94 -14.98 16.03
C GLU A 91 -27.61 -14.21 17.15
N ARG A 92 -26.90 -13.30 17.77
CA ARG A 92 -27.39 -12.61 18.95
C ARG A 92 -27.88 -11.21 18.63
N ARG A 93 -28.01 -10.90 17.35
CA ARG A 93 -28.50 -9.61 16.89
C ARG A 93 -29.66 -9.09 17.71
N ASP A 94 -30.73 -9.89 17.79
CA ASP A 94 -31.93 -9.43 18.46
C ASP A 94 -31.67 -9.15 19.94
N ASP A 95 -30.90 -10.01 20.59
CA ASP A 95 -30.61 -9.78 22.00
C ASP A 95 -29.75 -8.53 22.20
N ILE A 96 -28.66 -8.42 21.43
CA ILE A 96 -27.83 -7.22 21.51
C ILE A 96 -28.66 -5.98 21.26
N ALA A 97 -29.47 -6.01 20.20
CA ALA A 97 -30.28 -4.86 19.85
C ALA A 97 -31.28 -4.56 20.97
N TYR A 98 -31.84 -5.60 21.57
CA TYR A 98 -32.75 -5.37 22.68
C TYR A 98 -32.08 -4.58 23.79
N TRP A 99 -30.92 -5.06 24.26
CA TRP A 99 -30.23 -4.35 25.34
C TRP A 99 -29.75 -2.99 24.88
N GLU A 100 -29.35 -2.88 23.62
CA GLU A 100 -28.91 -1.57 23.08
C GLU A 100 -30.05 -0.58 23.20
N VAL A 101 -31.21 -0.97 22.70
CA VAL A 101 -32.37 -0.08 22.77
C VAL A 101 -32.63 0.29 24.22
N LEU A 102 -32.63 -0.70 25.11
CA LEU A 102 -33.01 -0.49 26.50
C LEU A 102 -32.15 0.58 27.14
N GLU A 103 -30.86 0.55 26.90
CA GLU A 103 -29.99 1.51 27.59
C GLU A 103 -29.80 2.80 26.83
N ASN A 104 -30.01 2.76 25.52
CA ASN A 104 -29.73 3.90 24.69
C ASN A 104 -30.97 4.62 24.23
N GLY A 105 -32.04 3.88 23.95
CA GLY A 105 -33.25 4.51 23.47
C GLY A 105 -33.38 4.57 21.97
N LYS A 106 -32.35 4.13 21.22
CA LYS A 106 -32.45 4.12 19.77
C LYS A 106 -33.51 3.10 19.33
N PRO A 107 -34.10 3.29 18.16
CA PRO A 107 -35.10 2.35 17.65
C PRO A 107 -34.52 0.96 17.44
N ILE A 108 -35.37 -0.05 17.66
CA ILE A 108 -34.92 -1.45 17.53
C ILE A 108 -34.46 -1.73 16.11
N SER A 109 -35.17 -1.19 15.11
CA SER A 109 -34.79 -1.42 13.72
C SER A 109 -33.41 -0.81 13.43
N GLN A 110 -33.17 0.40 13.92
CA GLN A 110 -31.84 0.96 13.77
C GLN A 110 -30.82 0.13 14.51
N ALA A 111 -31.14 -0.25 15.76
CA ALA A 111 -30.21 -1.06 16.56
C ALA A 111 -29.86 -2.37 15.85
N LYS A 112 -30.85 -3.03 15.27
CA LYS A 112 -30.56 -4.25 14.55
C LYS A 112 -29.70 -3.98 13.33
N GLY A 113 -30.05 -2.94 12.57
CA GLY A 113 -29.25 -2.58 11.40
C GLY A 113 -27.85 -2.17 11.78
N GLU A 114 -27.69 -1.55 12.94
CA GLU A 114 -26.35 -1.24 13.44
C GLU A 114 -25.54 -2.51 13.63
N ILE A 115 -26.19 -3.60 14.04
CA ILE A 115 -25.47 -4.85 14.26
C ILE A 115 -24.87 -5.36 12.97
N ASP A 116 -25.56 -5.14 11.84
CA ASP A 116 -24.99 -5.49 10.55
C ASP A 116 -23.66 -4.79 10.34
N HIS A 117 -23.60 -3.51 10.65
CA HIS A 117 -22.34 -2.81 10.54
C HIS A 117 -21.31 -3.42 11.49
N CYS A 118 -21.74 -3.78 12.70
CA CYS A 118 -20.86 -4.45 13.64
C CYS A 118 -20.31 -5.73 13.04
N ILE A 119 -21.16 -6.50 12.37
CA ILE A 119 -20.70 -7.73 11.76
C ILE A 119 -19.68 -7.42 10.69
N ALA A 120 -19.99 -6.42 9.85
CA ALA A 120 -19.05 -6.00 8.83
C ALA A 120 -17.72 -5.58 9.45
N CYS A 121 -17.78 -4.86 10.57
CA CYS A 121 -16.54 -4.44 11.23
C CYS A 121 -15.73 -5.64 11.66
N PHE A 122 -16.39 -6.61 12.29
CA PHE A 122 -15.68 -7.80 12.74
C PHE A 122 -15.09 -8.55 11.56
N GLU A 123 -15.84 -8.66 10.47
CA GLU A 123 -15.30 -9.29 9.26
C GLU A 123 -14.18 -8.46 8.68
N MET A 124 -14.39 -7.13 8.59
CA MET A 124 -13.33 -6.28 8.07
C MET A 124 -12.06 -6.45 8.89
N ALA A 125 -12.20 -6.41 10.22
CA ALA A 125 -11.04 -6.59 11.09
C ALA A 125 -10.45 -7.98 10.94
N ALA A 126 -11.31 -8.99 10.82
CA ALA A 126 -10.81 -10.35 10.63
C ALA A 126 -9.95 -10.41 9.38
N GLY A 127 -10.47 -9.85 8.29
CA GLY A 127 -9.68 -9.75 7.09
C GLY A 127 -8.44 -8.91 7.30
N ALA A 128 -8.60 -7.75 7.93
CA ALA A 128 -7.46 -6.88 8.14
C ALA A 128 -6.40 -7.56 9.00
N ALA A 129 -6.82 -8.40 9.95
CA ALA A 129 -5.85 -9.12 10.78
C ALA A 129 -4.82 -9.81 9.92
N ARG A 130 -5.27 -10.44 8.84
CA ARG A 130 -4.37 -11.18 7.97
C ARG A 130 -3.59 -10.25 7.08
N MET A 131 -4.20 -9.16 6.64
CA MET A 131 -3.55 -8.32 5.66
C MET A 131 -2.65 -7.29 6.30
N LEU A 132 -2.72 -7.14 7.62
CA LEU A 132 -1.86 -6.21 8.33
C LEU A 132 -0.40 -6.47 7.99
N HIS A 133 0.25 -5.47 7.42
CA HIS A 133 1.57 -5.72 6.89
C HIS A 133 2.41 -4.45 7.00
N GLY A 134 3.72 -4.64 7.00
CA GLY A 134 4.61 -3.50 6.88
C GLY A 134 5.27 -3.54 5.53
N ASP A 135 6.50 -3.07 5.44
CA ASP A 135 7.19 -2.96 4.17
C ASP A 135 8.52 -3.68 4.22
N THR A 136 8.95 -4.16 3.06
CA THR A 136 10.34 -4.54 2.88
C THR A 136 10.99 -3.56 1.93
N PHE A 137 12.21 -3.17 2.26
CA PHE A 137 13.01 -2.32 1.39
C PHE A 137 14.20 -3.17 1.00
N ASN A 138 13.98 -3.92 -0.07
CA ASN A 138 14.97 -4.77 -0.69
C ASN A 138 15.80 -3.98 -1.68
N ASN A 139 15.59 -2.66 -1.72
CA ASN A 139 16.18 -1.78 -2.70
C ASN A 139 17.28 -0.92 -2.10
N LEU A 140 17.79 -1.28 -0.94
CA LEU A 140 18.70 -0.40 -0.23
C LEU A 140 20.17 -0.72 -0.50
N GLY A 141 20.44 -1.74 -1.30
CA GLY A 141 21.80 -2.17 -1.58
C GLY A 141 22.04 -3.62 -1.19
N GLU A 142 23.09 -4.23 -1.75
CA GLU A 142 23.36 -5.63 -1.47
C GLU A 142 23.57 -5.87 0.03
N GLY A 143 24.23 -4.94 0.71
CA GLY A 143 24.59 -5.16 2.09
C GLY A 143 23.67 -4.51 3.10
N LEU A 144 22.54 -3.93 2.68
CA LEU A 144 21.63 -3.29 3.62
C LEU A 144 20.22 -3.72 3.25
N PHE A 145 19.59 -4.46 4.15
CA PHE A 145 18.21 -4.87 3.98
C PHE A 145 17.37 -4.05 4.95
N GLY A 146 16.31 -3.47 4.44
CA GLY A 146 15.41 -2.67 5.26
C GLY A 146 14.02 -3.28 5.24
N MET A 147 13.36 -3.22 6.39
CA MET A 147 11.96 -3.57 6.44
C MET A 147 11.29 -2.65 7.45
N VAL A 148 9.97 -2.60 7.33
CA VAL A 148 9.12 -1.91 8.28
C VAL A 148 8.14 -2.95 8.79
N LEU A 149 8.20 -3.20 10.09
CA LEU A 149 7.26 -4.09 10.75
C LEU A 149 6.12 -3.29 11.36
N ARG A 150 4.95 -3.91 11.39
CA ARG A 150 3.86 -3.44 12.21
C ARG A 150 3.66 -4.44 13.33
N GLU A 151 3.36 -3.94 14.51
CA GLU A 151 3.11 -4.82 15.62
C GLU A 151 2.05 -4.18 16.48
N PRO A 152 1.19 -4.98 17.11
CA PRO A 152 0.20 -4.41 18.03
C PRO A 152 0.89 -3.51 19.03
N ILE A 153 0.31 -2.33 19.26
CA ILE A 153 1.00 -1.42 20.17
C ILE A 153 1.01 -2.02 21.58
N GLY A 154 0.06 -2.88 21.90
CA GLY A 154 0.04 -3.50 23.20
C GLY A 154 -1.31 -3.38 23.86
N VAL A 155 -1.34 -2.85 25.08
CA VAL A 155 -2.60 -2.74 25.82
C VAL A 155 -3.31 -1.47 25.39
N VAL A 156 -4.53 -1.63 24.89
CA VAL A 156 -5.28 -0.50 24.37
C VAL A 156 -6.46 -0.26 25.28
N GLY A 157 -6.57 0.99 25.77
CA GLY A 157 -7.77 1.42 26.41
C GLY A 157 -8.79 1.83 25.36
N LEU A 158 -10.03 1.52 25.61
CA LEU A 158 -11.12 1.80 24.69
C LEU A 158 -12.23 2.45 25.49
N ILE A 159 -12.47 3.71 25.24
CA ILE A 159 -13.55 4.44 25.89
C ILE A 159 -14.54 4.81 24.80
N THR A 160 -15.80 4.50 25.04
CA THR A 160 -16.83 4.66 24.03
C THR A 160 -17.96 5.48 24.61
N PRO A 161 -18.76 6.11 23.76
CA PRO A 161 -19.85 6.95 24.23
C PRO A 161 -21.17 6.19 24.26
N TRP A 162 -22.24 6.89 24.65
CA TRP A 162 -23.51 6.21 24.77
C TRP A 162 -24.36 6.28 23.51
N ASN A 163 -23.93 7.00 22.48
CA ASN A 163 -24.87 7.20 21.37
C ASN A 163 -24.93 6.00 20.45
N PHE A 164 -23.81 5.37 20.16
CA PHE A 164 -23.76 4.11 19.40
C PHE A 164 -22.92 3.17 20.23
N PRO A 165 -23.44 2.75 21.39
CA PRO A 165 -22.61 2.00 22.34
C PRO A 165 -22.02 0.75 21.72
N PHE A 166 -22.87 -0.09 21.15
CA PHE A 166 -22.37 -1.33 20.59
C PHE A 166 -21.65 -1.10 19.27
N MET A 167 -22.20 -0.23 18.42
CA MET A 167 -21.61 -0.06 17.10
C MET A 167 -20.25 0.59 17.17
N ILE A 168 -20.13 1.67 17.93
CA ILE A 168 -18.82 2.30 18.02
C ILE A 168 -17.82 1.34 18.63
N LEU A 169 -18.26 0.60 19.65
CA LEU A 169 -17.42 -0.44 20.22
C LEU A 169 -16.94 -1.38 19.13
N CYS A 170 -17.87 -1.85 18.29
CA CYS A 170 -17.53 -2.77 17.21
C CYS A 170 -16.78 -2.09 16.09
N GLU A 171 -16.82 -0.77 16.04
CA GLU A 171 -16.04 -0.01 15.10
C GLU A 171 -14.65 0.29 15.64
N ARG A 172 -14.30 -0.30 16.77
CA ARG A 172 -13.02 -0.09 17.41
C ARG A 172 -12.40 -1.42 17.82
N ALA A 173 -13.06 -2.10 18.75
CA ALA A 173 -12.50 -3.31 19.34
C ALA A 173 -11.98 -4.33 18.33
N PRO A 174 -12.74 -4.75 17.31
CA PRO A 174 -12.19 -5.77 16.41
C PRO A 174 -10.95 -5.29 15.68
N PHE A 175 -10.93 -4.02 15.26
CA PHE A 175 -9.76 -3.47 14.59
C PHE A 175 -8.57 -3.38 15.53
N ILE A 176 -8.83 -3.03 16.79
CA ILE A 176 -7.76 -3.01 17.76
C ILE A 176 -7.26 -4.43 18.00
N LEU A 177 -8.21 -5.36 18.18
CA LEU A 177 -7.87 -6.74 18.47
C LEU A 177 -7.11 -7.39 17.32
N ALA A 178 -7.48 -7.01 16.09
CA ALA A 178 -7.02 -7.71 14.89
C ALA A 178 -5.51 -7.78 14.83
N SER A 179 -4.83 -6.71 15.24
CA SER A 179 -3.38 -6.68 15.19
C SER A 179 -2.74 -7.51 16.29
N GLY A 180 -3.50 -7.89 17.31
CA GLY A 180 -2.91 -8.54 18.46
C GLY A 180 -2.90 -7.69 19.70
N CYS A 181 -3.46 -6.48 19.65
CA CYS A 181 -3.62 -5.69 20.86
C CYS A 181 -4.60 -6.37 21.81
N THR A 182 -4.46 -6.06 23.08
CA THR A 182 -5.44 -6.39 24.09
C THR A 182 -6.17 -5.12 24.50
N LEU A 183 -7.34 -5.30 25.08
CA LEU A 183 -8.25 -4.17 25.25
C LEU A 183 -8.68 -4.08 26.68
N VAL A 184 -8.69 -2.86 27.20
CA VAL A 184 -9.45 -2.53 28.40
C VAL A 184 -10.49 -1.51 27.98
N VAL A 185 -11.76 -1.85 28.16
CA VAL A 185 -12.88 -1.10 27.59
C VAL A 185 -13.69 -0.49 28.73
N LYS A 186 -13.96 0.81 28.63
CA LYS A 186 -14.99 1.42 29.48
C LYS A 186 -16.07 1.99 28.58
N PRO A 187 -17.23 1.35 28.48
CA PRO A 187 -18.33 1.93 27.74
C PRO A 187 -18.95 3.07 28.54
N ALA A 188 -19.87 3.80 27.91
CA ALA A 188 -20.58 4.82 28.63
C ALA A 188 -21.28 4.19 29.82
N GLU A 189 -21.23 4.88 30.95
CA GLU A 189 -21.93 4.39 32.13
C GLU A 189 -23.37 4.04 31.82
N VAL A 190 -24.05 4.87 31.01
CA VAL A 190 -25.49 4.67 30.79
C VAL A 190 -25.80 3.60 29.76
N THR A 191 -24.80 3.13 29.02
CA THR A 191 -24.98 2.16 27.97
C THR A 191 -23.82 1.18 28.03
N SER A 192 -23.70 0.48 29.14
CA SER A 192 -22.61 -0.48 29.32
C SER A 192 -23.01 -1.90 28.95
N ALA A 193 -24.31 -2.20 28.93
CA ALA A 193 -24.77 -3.58 28.77
C ALA A 193 -24.19 -4.25 27.55
N THR A 194 -24.37 -3.65 26.37
CA THR A 194 -24.02 -4.35 25.14
C THR A 194 -22.52 -4.50 24.99
N THR A 195 -21.74 -3.63 25.62
CA THR A 195 -20.31 -3.84 25.66
C THR A 195 -19.98 -5.05 26.49
N LEU A 196 -20.69 -5.23 27.61
CA LEU A 196 -20.55 -6.45 28.37
C LEU A 196 -21.04 -7.64 27.56
N LEU A 197 -22.07 -7.47 26.74
CA LEU A 197 -22.49 -8.55 25.86
C LEU A 197 -21.40 -8.89 24.86
N LEU A 198 -20.68 -7.89 24.35
CA LEU A 198 -19.59 -8.18 23.43
C LEU A 198 -18.50 -9.00 24.11
N ALA A 199 -18.20 -8.69 25.37
CA ALA A 199 -17.23 -9.48 26.12
C ALA A 199 -17.66 -10.93 26.17
N GLU A 200 -18.94 -11.17 26.42
CA GLU A 200 -19.47 -12.53 26.40
C GLU A 200 -19.33 -13.16 25.02
N ILE A 201 -19.72 -12.40 23.99
CA ILE A 201 -19.60 -12.87 22.61
C ILE A 201 -18.15 -13.17 22.28
N LEU A 202 -17.25 -12.26 22.63
CA LEU A 202 -15.83 -12.46 22.34
C LEU A 202 -15.29 -13.70 23.03
N ALA A 203 -15.67 -13.90 24.30
CA ALA A 203 -15.27 -15.12 25.00
C ALA A 203 -15.84 -16.35 24.33
N ASP A 204 -17.12 -16.31 23.95
CA ASP A 204 -17.68 -17.44 23.22
C ASP A 204 -17.02 -17.60 21.86
N ALA A 205 -16.51 -16.52 21.28
CA ALA A 205 -15.83 -16.63 20.00
C ALA A 205 -14.43 -17.20 20.16
N GLY A 206 -13.99 -17.48 21.38
CA GLY A 206 -12.68 -17.99 21.60
C GLY A 206 -11.62 -16.97 21.89
N LEU A 207 -12.00 -15.71 22.15
CA LEU A 207 -11.01 -14.73 22.52
C LEU A 207 -10.31 -15.14 23.81
N PRO A 208 -8.99 -15.21 23.83
CA PRO A 208 -8.31 -15.56 25.07
C PRO A 208 -8.63 -14.56 26.16
N LYS A 209 -8.58 -15.07 27.40
CA LYS A 209 -8.84 -14.25 28.56
C LYS A 209 -7.87 -13.07 28.62
N GLY A 210 -8.34 -11.95 29.15
CA GLY A 210 -7.52 -10.77 29.30
C GLY A 210 -7.34 -9.96 28.03
N VAL A 211 -7.77 -10.49 26.89
CA VAL A 211 -7.62 -9.77 25.63
C VAL A 211 -8.65 -8.67 25.51
N PHE A 212 -9.84 -8.89 26.04
CA PHE A 212 -10.91 -7.91 26.04
C PHE A 212 -11.45 -7.84 27.46
N ASN A 213 -11.21 -6.73 28.12
CA ASN A 213 -11.67 -6.52 29.47
C ASN A 213 -12.58 -5.31 29.48
N VAL A 214 -13.66 -5.40 30.24
CA VAL A 214 -14.59 -4.30 30.39
C VAL A 214 -14.62 -3.91 31.85
N VAL A 215 -14.21 -2.68 32.08
CA VAL A 215 -14.29 -2.09 33.43
C VAL A 215 -15.36 -1.01 33.27
N THR A 216 -16.55 -1.26 33.78
CA THR A 216 -17.62 -0.30 33.67
C THR A 216 -17.50 0.75 34.76
N GLY A 217 -18.06 1.89 34.51
CA GLY A 217 -17.99 2.97 35.47
C GLY A 217 -17.95 4.29 34.75
N THR A 218 -17.73 5.34 35.51
CA THR A 218 -17.83 6.68 34.96
C THR A 218 -16.53 7.07 34.29
N GLY A 219 -16.65 7.94 33.29
CA GLY A 219 -15.45 8.48 32.66
C GLY A 219 -14.57 9.24 33.64
N ARG A 220 -15.27 9.81 34.70
CA ARG A 220 -14.49 10.63 35.66
C ARG A 220 -13.73 9.71 36.62
N THR A 221 -14.11 8.48 36.76
CA THR A 221 -13.36 7.58 37.63
C THR A 221 -12.54 6.59 36.79
N VAL A 222 -13.23 5.63 36.17
CA VAL A 222 -12.54 4.59 35.42
C VAL A 222 -11.91 5.19 34.17
N GLY A 223 -12.67 6.00 33.43
CA GLY A 223 -12.16 6.57 32.21
C GLY A 223 -10.92 7.42 32.45
N GLN A 224 -11.00 8.34 33.42
CA GLN A 224 -9.85 9.18 33.72
C GLN A 224 -8.66 8.34 34.13
N ALA A 225 -8.89 7.28 34.91
CA ALA A 225 -7.79 6.41 35.30
C ALA A 225 -7.23 5.67 34.08
N MET A 226 -8.09 5.33 33.13
CA MET A 226 -7.61 4.71 31.90
C MET A 226 -6.71 5.66 31.12
N THR A 227 -7.16 6.92 30.94
CA THR A 227 -6.35 7.86 30.18
C THR A 227 -5.05 8.15 30.90
N GLU A 228 -5.05 8.06 32.22
CA GLU A 228 -3.85 8.28 33.00
C GLU A 228 -3.05 7.02 33.22
N HIS A 229 -3.49 5.87 32.71
CA HIS A 229 -2.85 4.63 33.14
C HIS A 229 -1.43 4.54 32.62
N GLN A 230 -0.54 4.12 33.50
CA GLN A 230 0.87 4.04 33.19
C GLN A 230 1.18 2.85 32.30
N ASP A 231 0.22 1.95 32.12
CA ASP A 231 0.50 0.73 31.40
C ASP A 231 -0.46 0.51 30.24
N ILE A 232 -1.27 1.49 29.89
CA ILE A 232 -2.05 1.42 28.67
C ILE A 232 -1.26 2.13 27.58
N ASP A 233 -0.93 1.41 26.52
CA ASP A 233 -0.06 1.95 25.50
C ASP A 233 -0.78 2.88 24.54
N MET A 234 -2.07 2.68 24.39
CA MET A 234 -2.86 3.47 23.48
C MET A 234 -4.28 3.52 23.97
N LEU A 235 -4.94 4.62 23.73
CA LEU A 235 -6.33 4.72 24.14
C LEU A 235 -7.14 5.12 22.93
N SER A 236 -8.12 4.29 22.60
CA SER A 236 -9.16 4.66 21.67
C SER A 236 -10.22 5.39 22.47
N PHE A 237 -10.39 6.68 22.21
CA PHE A 237 -11.43 7.45 22.86
C PHE A 237 -12.40 7.96 21.83
N THR A 238 -13.68 7.71 22.05
CA THR A 238 -14.73 8.26 21.21
C THR A 238 -15.68 8.99 22.13
N GLY A 239 -15.87 10.28 21.89
CA GLY A 239 -16.65 11.10 22.78
C GLY A 239 -16.36 12.56 22.47
N SER A 240 -16.68 13.40 23.44
CA SER A 240 -16.62 14.83 23.19
C SER A 240 -15.18 15.30 23.00
N THR A 241 -15.03 16.37 22.23
CA THR A 241 -13.73 17.01 22.12
C THR A 241 -13.26 17.47 23.50
N GLY A 242 -14.17 17.93 24.35
CA GLY A 242 -13.78 18.33 25.69
C GLY A 242 -13.10 17.20 26.46
N VAL A 243 -13.70 16.02 26.47
CA VAL A 243 -13.08 14.90 27.17
C VAL A 243 -11.90 14.38 26.37
N GLY A 244 -11.97 14.47 25.04
CA GLY A 244 -10.81 14.16 24.24
C GLY A 244 -9.60 14.92 24.70
N LYS A 245 -9.78 16.21 24.96
CA LYS A 245 -8.69 17.02 25.49
C LYS A 245 -8.22 16.51 26.84
N SER A 246 -9.15 16.05 27.69
CA SER A 246 -8.74 15.44 28.95
C SER A 246 -7.85 14.23 28.71
N CYS A 247 -8.23 13.38 27.74
CA CYS A 247 -7.37 12.26 27.38
C CYS A 247 -5.97 12.71 26.97
N ILE A 248 -5.89 13.77 26.15
CA ILE A 248 -4.59 14.23 25.68
C ILE A 248 -3.73 14.70 26.84
N HIS A 249 -4.27 15.57 27.70
CA HIS A 249 -3.58 15.95 28.93
C HIS A 249 -3.17 14.70 29.71
N ALA A 250 -4.09 13.76 29.87
CA ALA A 250 -3.80 12.59 30.68
C ALA A 250 -2.68 11.77 30.07
N ALA A 251 -2.65 11.67 28.74
CA ALA A 251 -1.53 10.99 28.08
C ALA A 251 -0.22 11.71 28.37
N ALA A 252 -0.22 13.04 28.26
CA ALA A 252 0.98 13.79 28.57
C ALA A 252 1.37 13.58 30.02
N ASP A 253 0.40 13.51 30.90
CA ASP A 253 0.69 13.43 32.32
C ASP A 253 1.01 12.03 32.77
N SER A 254 0.79 11.03 31.92
CA SER A 254 1.14 9.66 32.28
C SER A 254 2.27 9.17 31.39
N ASN A 255 1.99 8.27 30.46
CA ASN A 255 3.01 7.50 29.78
C ASN A 255 3.14 7.83 28.31
N LEU A 256 2.55 8.95 27.87
CA LEU A 256 2.58 9.35 26.48
C LEU A 256 1.85 8.34 25.60
N LYS A 257 0.88 7.63 26.17
CA LYS A 257 0.11 6.68 25.40
C LYS A 257 -0.45 7.37 24.15
N LYS A 258 -0.45 6.64 23.04
CA LYS A 258 -1.07 7.16 21.83
C LYS A 258 -2.57 7.28 22.04
N LEU A 259 -3.18 8.21 21.33
CA LEU A 259 -4.61 8.45 21.47
C LEU A 259 -5.27 8.38 20.11
N GLY A 260 -6.23 7.47 19.97
CA GLY A 260 -7.10 7.48 18.81
C GLY A 260 -8.35 8.21 19.23
N LEU A 261 -8.49 9.46 18.79
CA LEU A 261 -9.56 10.33 19.28
C LEU A 261 -10.61 10.45 18.19
N GLU A 262 -11.85 10.14 18.56
CA GLU A 262 -13.00 10.31 17.70
C GLU A 262 -13.89 11.26 18.49
N LEU A 263 -13.85 12.53 18.12
CA LEU A 263 -14.35 13.56 18.98
C LEU A 263 -15.65 14.13 18.39
N GLY A 264 -15.94 15.38 18.71
CA GLY A 264 -17.16 15.99 18.30
C GLY A 264 -17.15 16.35 16.82
N GLY A 265 -18.27 16.89 16.39
CA GLY A 265 -18.40 17.38 15.04
C GLY A 265 -19.51 18.39 15.00
N LYS A 266 -19.46 19.22 13.96
CA LYS A 266 -20.52 20.14 13.64
C LYS A 266 -20.56 20.08 12.11
N ASN A 267 -21.09 18.99 11.63
CA ASN A 267 -20.78 18.59 10.27
C ASN A 267 -21.68 19.31 9.28
N PRO A 268 -21.10 19.78 8.18
CA PRO A 268 -21.89 20.44 7.15
C PRO A 268 -22.53 19.44 6.21
N ILE A 269 -23.72 19.78 5.74
CA ILE A 269 -24.30 19.11 4.60
C ILE A 269 -24.54 20.21 3.57
N VAL A 270 -23.74 20.18 2.52
CA VAL A 270 -23.78 21.19 1.47
C VAL A 270 -24.74 20.71 0.40
N VAL A 271 -25.82 21.46 0.20
CA VAL A 271 -26.85 21.08 -0.75
C VAL A 271 -26.86 22.12 -1.86
N PHE A 272 -26.55 21.67 -3.07
CA PHE A 272 -26.55 22.55 -4.24
C PHE A 272 -27.89 22.49 -4.95
N ALA A 273 -28.21 23.59 -5.64
CA ALA A 273 -29.45 23.63 -6.40
C ALA A 273 -29.51 22.52 -7.42
N ASP A 274 -28.37 22.10 -7.96
CA ASP A 274 -28.37 21.07 -8.99
C ASP A 274 -28.31 19.66 -8.42
N SER A 275 -28.46 19.51 -7.11
CA SER A 275 -28.60 18.17 -6.55
C SER A 275 -30.03 17.69 -6.75
N ASN A 276 -30.24 16.39 -6.56
CA ASN A 276 -31.60 15.89 -6.41
C ASN A 276 -32.09 16.38 -5.05
N LEU A 277 -32.87 17.45 -5.07
CA LEU A 277 -33.22 18.15 -3.83
C LEU A 277 -34.06 17.27 -2.91
N GLU A 278 -34.94 16.46 -3.48
CA GLU A 278 -35.75 15.56 -2.67
C GLU A 278 -34.88 14.50 -2.00
N ASP A 279 -33.92 13.93 -2.74
CA ASP A 279 -32.96 13.02 -2.12
C ASP A 279 -32.17 13.72 -1.03
N ALA A 280 -31.63 14.90 -1.35
CA ALA A 280 -30.86 15.65 -0.36
C ALA A 280 -31.71 16.00 0.85
N ALA A 281 -32.96 16.40 0.64
CA ALA A 281 -33.82 16.73 1.78
C ALA A 281 -34.03 15.52 2.67
N ASP A 282 -34.27 14.36 2.07
CA ASP A 282 -34.37 13.13 2.86
C ASP A 282 -33.07 12.86 3.62
N ALA A 283 -31.95 12.97 2.92
CA ALA A 283 -30.65 12.74 3.56
C ALA A 283 -30.37 13.79 4.62
N VAL A 284 -30.78 15.04 4.37
CA VAL A 284 -30.58 16.06 5.38
C VAL A 284 -31.41 15.75 6.62
N ALA A 285 -32.70 15.45 6.41
CA ALA A 285 -33.55 15.08 7.53
C ALA A 285 -32.99 13.87 8.27
N PHE A 286 -32.60 12.84 7.52
CA PHE A 286 -31.94 11.69 8.11
C PHE A 286 -30.66 12.10 8.83
N GLY A 287 -29.83 12.91 8.17
CA GLY A 287 -28.50 13.19 8.67
C GLY A 287 -28.52 13.84 10.05
N ILE A 288 -29.53 14.66 10.33
CA ILE A 288 -29.62 15.30 11.62
C ILE A 288 -30.55 14.54 12.57
N SER A 289 -31.45 13.70 12.05
CA SER A 289 -32.42 13.01 12.89
C SER A 289 -32.04 11.59 13.27
N PHE A 290 -31.21 10.94 12.47
CA PHE A 290 -30.75 9.60 12.80
C PHE A 290 -30.17 9.58 14.21
N ASN A 291 -30.59 8.57 14.99
CA ASN A 291 -30.19 8.47 16.38
C ASN A 291 -30.63 9.71 17.16
N THR A 292 -31.72 10.33 16.73
CA THR A 292 -32.23 11.58 17.29
C THR A 292 -31.12 12.63 17.34
N GLY A 293 -30.33 12.70 16.28
CA GLY A 293 -29.25 13.66 16.23
C GLY A 293 -28.11 13.41 17.20
N GLN A 294 -28.17 12.36 18.03
CA GLN A 294 -27.06 12.02 18.92
C GLN A 294 -26.06 11.21 18.12
N CYS A 295 -25.38 11.91 17.24
CA CYS A 295 -24.56 11.28 16.22
C CYS A 295 -23.48 12.29 15.87
N ALA A 296 -22.22 11.89 16.03
CA ALA A 296 -21.13 12.83 15.80
C ALA A 296 -20.98 13.16 14.33
N VAL A 297 -21.41 12.28 13.44
CA VAL A 297 -21.36 12.55 12.01
C VAL A 297 -22.68 13.13 11.52
N SER A 298 -23.55 13.53 12.44
CA SER A 298 -24.82 14.10 12.02
C SER A 298 -24.59 15.36 11.18
N SER A 299 -25.41 15.53 10.16
CA SER A 299 -25.30 16.72 9.34
C SER A 299 -26.06 17.80 10.09
N SER A 300 -25.36 18.50 10.98
CA SER A 300 -25.99 19.47 11.86
C SER A 300 -26.05 20.85 11.22
N ARG A 301 -25.27 21.12 10.18
CA ARG A 301 -25.25 22.42 9.54
C ARG A 301 -25.65 22.24 8.09
N LEU A 302 -26.90 22.59 7.80
CA LEU A 302 -27.38 22.62 6.43
C LEU A 302 -26.80 23.84 5.75
N ILE A 303 -26.10 23.61 4.66
CA ILE A 303 -25.49 24.68 3.90
C ILE A 303 -26.06 24.57 2.50
N VAL A 304 -27.08 25.36 2.22
CA VAL A 304 -27.89 25.16 1.03
C VAL A 304 -27.77 26.37 0.13
N GLU A 305 -27.70 26.12 -1.18
CA GLU A 305 -27.61 27.21 -2.13
C GLU A 305 -28.82 28.12 -2.01
N ARG A 306 -28.56 29.42 -1.88
CA ARG A 306 -29.61 30.38 -1.54
C ARG A 306 -30.79 30.30 -2.51
N SER A 307 -30.52 30.01 -3.78
CA SER A 307 -31.58 30.01 -4.80
C SER A 307 -32.67 28.99 -4.48
N VAL A 308 -32.32 27.91 -3.79
CA VAL A 308 -33.28 26.89 -3.42
C VAL A 308 -33.40 26.74 -1.91
N ALA A 309 -32.79 27.66 -1.16
CA ALA A 309 -32.66 27.49 0.27
C ALA A 309 -34.03 27.34 0.92
N GLU A 310 -34.96 28.24 0.59
CA GLU A 310 -36.25 28.22 1.25
C GLU A 310 -37.05 27.01 0.82
N LYS A 311 -36.98 26.67 -0.46
CA LYS A 311 -37.63 25.46 -0.92
C LYS A 311 -37.06 24.23 -0.23
N PHE A 312 -35.73 24.19 -0.11
CA PHE A 312 -35.11 23.02 0.49
C PHE A 312 -35.41 22.93 1.98
N GLU A 313 -35.27 24.06 2.69
CA GLU A 313 -35.60 24.06 4.11
C GLU A 313 -37.02 23.57 4.34
N ARG A 314 -37.95 24.00 3.48
CA ARG A 314 -39.31 23.51 3.59
C ARG A 314 -39.39 22.02 3.26
N LEU A 315 -38.63 21.57 2.25
CA LEU A 315 -38.57 20.14 1.97
C LEU A 315 -38.07 19.36 3.19
N VAL A 316 -37.06 19.90 3.87
CA VAL A 316 -36.51 19.21 5.04
C VAL A 316 -37.52 19.21 6.17
N VAL A 317 -38.22 20.33 6.37
CA VAL A 317 -39.28 20.36 7.37
C VAL A 317 -40.31 19.28 7.07
N ALA A 318 -40.79 19.24 5.83
CA ALA A 318 -41.76 18.21 5.45
C ALA A 318 -41.20 16.83 5.71
N LYS A 319 -39.90 16.64 5.50
CA LYS A 319 -39.35 15.34 5.82
C LYS A 319 -39.32 15.12 7.34
N MET A 320 -38.91 16.12 8.09
CA MET A 320 -38.76 15.96 9.55
C MET A 320 -40.12 15.68 10.20
N GLU A 321 -41.17 16.29 9.67
CA GLU A 321 -42.53 16.17 10.25
C GLU A 321 -43.04 14.73 10.11
N LYS A 322 -42.51 14.00 9.12
CA LYS A 322 -42.93 12.61 8.99
C LYS A 322 -41.98 11.63 9.62
N ILE A 323 -40.92 12.08 10.28
CA ILE A 323 -40.04 11.12 10.95
C ILE A 323 -40.81 10.48 12.09
N ARG A 324 -40.91 9.15 12.05
CA ARG A 324 -41.66 8.44 13.06
C ARG A 324 -40.89 8.46 14.37
N VAL A 325 -41.35 9.26 15.33
CA VAL A 325 -40.84 9.30 16.69
C VAL A 325 -41.74 8.42 17.53
N GLY A 326 -41.15 7.69 18.46
CA GLY A 326 -41.99 6.83 19.29
C GLY A 326 -41.18 5.79 20.02
N ASP A 327 -41.91 4.80 20.52
CA ASP A 327 -41.38 3.69 21.27
C ASP A 327 -40.31 2.97 20.44
N PRO A 328 -39.07 2.91 20.92
CA PRO A 328 -38.00 2.33 20.09
C PRO A 328 -38.24 0.89 19.72
N PHE A 329 -39.09 0.17 20.46
CA PHE A 329 -39.34 -1.21 20.11
C PHE A 329 -40.39 -1.34 19.04
N ASP A 330 -41.09 -0.26 18.71
CA ASP A 330 -41.87 -0.23 17.50
C ASP A 330 -40.94 -0.30 16.31
N PRO A 331 -40.99 -1.36 15.49
CA PRO A 331 -40.06 -1.44 14.34
C PRO A 331 -40.24 -0.31 13.35
N GLU A 332 -41.37 0.38 13.39
CA GLU A 332 -41.57 1.53 12.52
C GLU A 332 -40.99 2.82 13.09
N THR A 333 -40.69 2.85 14.39
CA THR A 333 -40.08 4.04 14.98
C THR A 333 -38.75 4.33 14.28
N GLN A 334 -38.56 5.57 13.86
CA GLN A 334 -37.35 5.93 13.16
C GLN A 334 -36.33 6.66 14.03
N ILE A 335 -36.78 7.45 14.99
CA ILE A 335 -35.87 8.05 15.95
C ILE A 335 -36.37 7.74 17.35
N GLY A 336 -35.44 7.45 18.27
CA GLY A 336 -35.76 7.05 19.60
C GLY A 336 -35.49 8.13 20.63
N ALA A 337 -35.28 7.69 21.86
CA ALA A 337 -35.20 8.61 22.97
C ALA A 337 -33.83 9.28 23.01
N ILE A 338 -33.80 10.47 23.62
CA ILE A 338 -32.52 11.03 24.02
C ILE A 338 -31.94 10.17 25.14
N THR A 339 -30.67 9.82 25.01
CA THR A 339 -30.14 8.74 25.82
C THR A 339 -29.95 9.18 27.28
N THR A 340 -29.54 10.41 27.50
CA THR A 340 -29.29 10.91 28.84
C THR A 340 -30.11 12.16 29.10
N GLU A 341 -30.39 12.39 30.37
CA GLU A 341 -31.11 13.59 30.75
C GLU A 341 -30.27 14.82 30.48
N ALA A 342 -28.97 14.76 30.79
CA ALA A 342 -28.09 15.89 30.51
C ALA A 342 -28.13 16.25 29.05
N GLN A 343 -28.01 15.25 28.17
CA GLN A 343 -28.04 15.57 26.73
C GLN A 343 -29.40 16.11 26.34
N ASN A 344 -30.47 15.57 26.93
CA ASN A 344 -31.80 16.11 26.66
C ASN A 344 -31.88 17.58 27.05
N LYS A 345 -31.39 17.90 28.25
CA LYS A 345 -31.38 19.30 28.68
C LYS A 345 -30.49 20.14 27.77
N THR A 346 -29.31 19.62 27.44
CA THR A 346 -28.41 20.33 26.53
C THR A 346 -29.09 20.65 25.21
N ILE A 347 -29.76 19.66 24.62
CA ILE A 347 -30.43 19.88 23.34
C ILE A 347 -31.52 20.93 23.49
N LEU A 348 -32.39 20.76 24.48
CA LEU A 348 -33.44 21.75 24.72
C LEU A 348 -32.86 23.13 24.97
N ASP A 349 -31.78 23.22 25.77
CA ASP A 349 -31.11 24.49 26.00
C ASP A 349 -30.63 25.10 24.69
N TYR A 350 -30.06 24.28 23.81
CA TYR A 350 -29.56 24.81 22.55
C TYR A 350 -30.71 25.26 21.68
N ILE A 351 -31.83 24.55 21.72
CA ILE A 351 -33.01 25.03 21.01
C ILE A 351 -33.44 26.38 21.57
N ALA A 352 -33.50 26.51 22.90
CA ALA A 352 -33.80 27.80 23.50
C ALA A 352 -32.78 28.85 23.09
N LYS A 353 -31.49 28.51 23.21
CA LYS A 353 -30.45 29.44 22.80
C LYS A 353 -30.60 29.84 21.34
N GLY A 354 -30.94 28.89 20.49
CA GLY A 354 -31.19 29.22 19.09
C GLY A 354 -32.27 30.27 18.93
N LYS A 355 -33.42 30.06 19.58
CA LYS A 355 -34.49 31.06 19.50
C LYS A 355 -34.05 32.36 20.13
N ALA A 356 -33.46 32.30 21.33
CA ALA A 356 -33.06 33.49 22.05
C ALA A 356 -32.06 34.30 21.24
N GLU A 357 -31.25 33.64 20.43
CA GLU A 357 -30.20 34.33 19.64
C GLU A 357 -30.76 34.85 18.31
N GLY A 358 -32.05 34.61 18.04
CA GLY A 358 -32.66 35.18 16.87
C GLY A 358 -32.75 34.27 15.67
N ALA A 359 -32.35 33.01 15.79
CA ALA A 359 -32.55 32.08 14.70
C ALA A 359 -34.04 31.76 14.56
N LYS A 360 -34.47 31.50 13.34
CA LYS A 360 -35.87 31.20 13.06
C LYS A 360 -36.11 29.70 13.14
N LEU A 361 -36.97 29.29 14.07
CA LEU A 361 -37.38 27.90 14.18
C LEU A 361 -38.37 27.58 13.04
N LEU A 362 -38.05 26.57 12.25
CA LEU A 362 -38.96 26.17 11.18
C LEU A 362 -39.82 24.98 11.54
N CYS A 363 -39.32 24.10 12.39
CA CYS A 363 -40.08 22.93 12.80
C CYS A 363 -39.43 22.38 14.05
N GLY A 364 -40.21 21.58 14.78
CA GLY A 364 -39.71 20.99 16.00
C GLY A 364 -39.47 22.07 17.03
N GLY A 365 -38.34 21.96 17.73
CA GLY A 365 -38.01 22.92 18.76
C GLY A 365 -38.41 22.48 20.15
N GLY A 366 -39.11 21.36 20.29
CA GLY A 366 -39.56 20.93 21.60
C GLY A 366 -39.47 19.43 21.76
N ILE A 367 -39.85 18.98 22.95
CA ILE A 367 -39.92 17.56 23.21
C ILE A 367 -41.09 16.95 22.45
N VAL A 368 -41.05 15.63 22.30
CA VAL A 368 -42.21 14.83 21.93
C VAL A 368 -42.66 14.13 23.20
N ASP A 369 -43.86 14.42 23.66
CA ASP A 369 -44.30 13.96 24.97
C ASP A 369 -45.09 12.66 24.82
N PHE A 370 -44.46 11.55 25.20
CA PHE A 370 -45.14 10.28 25.32
C PHE A 370 -45.48 9.95 26.76
N GLY A 371 -45.29 10.90 27.68
CA GLY A 371 -45.52 10.69 29.10
C GLY A 371 -44.45 9.85 29.76
N LYS A 372 -43.67 9.13 28.96
CA LYS A 372 -42.50 8.38 29.41
C LYS A 372 -41.30 8.75 28.54
N GLY A 373 -40.11 8.57 29.09
CA GLY A 373 -38.86 8.87 28.42
C GLY A 373 -38.69 10.27 27.86
N GLN A 374 -37.59 10.50 27.14
CA GLN A 374 -37.22 11.83 26.65
C GLN A 374 -37.05 11.79 25.14
N TYR A 375 -38.00 12.40 24.42
CA TYR A 375 -37.95 12.51 22.98
C TYR A 375 -37.94 13.97 22.55
N ILE A 376 -37.26 14.27 21.46
CA ILE A 376 -37.16 15.64 20.97
C ILE A 376 -37.52 15.66 19.50
N GLN A 377 -38.34 16.62 19.10
CA GLN A 377 -38.75 16.72 17.71
C GLN A 377 -37.54 17.01 16.82
N PRO A 378 -37.46 16.42 15.64
CA PRO A 378 -36.49 16.91 14.66
C PRO A 378 -36.70 18.39 14.42
N THR A 379 -35.62 19.14 14.55
CA THR A 379 -35.67 20.59 14.68
C THR A 379 -34.79 21.22 13.62
N LEU A 380 -35.34 22.18 12.89
CA LEU A 380 -34.63 22.93 11.88
C LEU A 380 -34.68 24.40 12.22
N PHE A 381 -33.52 25.03 12.31
CA PHE A 381 -33.39 26.47 12.41
C PHE A 381 -32.87 27.05 11.10
N THR A 382 -33.46 28.15 10.68
CA THR A 382 -32.86 28.95 9.62
C THR A 382 -32.58 30.35 10.18
N ASP A 383 -32.15 31.26 9.32
CA ASP A 383 -31.64 32.57 9.73
C ASP A 383 -30.59 32.41 10.83
N VAL A 384 -29.71 31.45 10.63
CA VAL A 384 -28.68 31.15 11.60
C VAL A 384 -27.45 31.96 11.26
N LYS A 385 -26.97 32.74 12.23
CA LYS A 385 -25.75 33.46 11.90
C LYS A 385 -24.55 32.65 12.41
N PRO A 386 -23.44 32.69 11.69
CA PRO A 386 -22.30 31.84 12.05
C PRO A 386 -21.85 31.95 13.50
N SER A 387 -22.12 33.08 14.16
CA SER A 387 -21.70 33.27 15.54
C SER A 387 -22.68 32.71 16.56
N MET A 388 -23.89 32.35 16.16
CA MET A 388 -24.83 31.84 17.15
C MET A 388 -24.34 30.51 17.70
N GLY A 389 -24.79 30.21 18.92
CA GLY A 389 -24.41 28.97 19.54
C GLY A 389 -24.78 27.75 18.72
N ILE A 390 -25.99 27.74 18.17
CA ILE A 390 -26.42 26.59 17.37
C ILE A 390 -25.63 26.50 16.07
N ALA A 391 -25.02 27.59 15.64
CA ALA A 391 -24.12 27.56 14.48
C ALA A 391 -22.82 26.90 14.90
N ARG A 392 -22.37 27.09 16.12
CA ARG A 392 -21.01 26.56 16.42
C ARG A 392 -21.03 25.34 17.34
N ASP A 393 -21.82 25.34 18.40
CA ASP A 393 -21.70 24.23 19.31
C ASP A 393 -22.36 22.99 18.76
N GLU A 394 -21.74 21.86 19.01
CA GLU A 394 -22.38 20.60 18.72
C GLU A 394 -23.55 20.42 19.68
N ILE A 395 -24.75 20.38 19.13
CA ILE A 395 -25.92 20.19 19.97
C ILE A 395 -26.10 18.72 20.33
N PHE A 396 -25.66 17.81 19.46
CA PHE A 396 -25.81 16.36 19.68
C PHE A 396 -27.27 16.00 19.90
N GLY A 397 -28.13 16.63 19.13
CA GLY A 397 -29.53 16.34 19.11
C GLY A 397 -30.03 16.61 17.73
N PRO A 398 -31.30 16.36 17.50
CA PRO A 398 -31.88 16.48 16.14
C PRO A 398 -32.15 17.93 15.74
N VAL A 399 -31.12 18.77 15.82
CA VAL A 399 -31.28 20.20 15.64
C VAL A 399 -30.40 20.63 14.47
N LEU A 400 -31.04 21.00 13.38
CA LEU A 400 -30.36 21.38 12.16
C LEU A 400 -30.34 22.90 12.05
N ALA A 401 -29.15 23.45 11.76
CA ALA A 401 -28.96 24.87 11.49
C ALA A 401 -28.73 25.07 10.00
N SER A 402 -29.52 25.94 9.39
CA SER A 402 -29.49 26.13 7.96
C SER A 402 -28.72 27.40 7.60
N PHE A 403 -27.81 27.27 6.65
CA PHE A 403 -27.02 28.39 6.15
C PHE A 403 -27.12 28.43 4.64
N HIS A 404 -27.17 29.63 4.10
CA HIS A 404 -27.33 29.79 2.66
C HIS A 404 -26.03 30.30 2.05
N PHE A 405 -25.80 29.92 0.81
CA PHE A 405 -24.63 30.34 0.09
C PHE A 405 -25.02 30.57 -1.36
N ASP A 406 -24.21 31.36 -2.04
CA ASP A 406 -24.38 31.55 -3.47
C ASP A 406 -23.30 30.87 -4.28
N THR A 407 -22.09 30.78 -3.76
CA THR A 407 -20.96 30.28 -4.52
C THR A 407 -20.42 29.02 -3.88
N VAL A 408 -19.78 28.19 -4.72
CA VAL A 408 -19.09 27.02 -4.22
C VAL A 408 -18.11 27.42 -3.12
N ASP A 409 -17.32 28.48 -3.36
CA ASP A 409 -16.37 28.94 -2.35
C ASP A 409 -17.07 29.28 -1.06
N GLU A 410 -18.21 29.98 -1.14
CA GLU A 410 -18.94 30.33 0.07
C GLU A 410 -19.41 29.07 0.81
N ALA A 411 -19.99 28.12 0.07
CA ALA A 411 -20.40 26.87 0.69
C ALA A 411 -19.22 26.21 1.38
N ILE A 412 -18.05 26.25 0.75
CA ILE A 412 -16.89 25.60 1.35
C ILE A 412 -16.43 26.37 2.59
N ALA A 413 -16.43 27.71 2.51
CA ALA A 413 -16.02 28.50 3.66
C ALA A 413 -16.99 28.30 4.82
N ILE A 414 -18.30 28.28 4.53
CA ILE A 414 -19.27 28.00 5.58
C ILE A 414 -19.05 26.61 6.14
N ALA A 415 -18.91 25.61 5.26
CA ALA A 415 -18.72 24.23 5.69
C ALA A 415 -17.49 24.09 6.58
N ASN A 416 -16.41 24.78 6.22
CA ASN A 416 -15.16 24.77 6.96
C ASN A 416 -15.19 25.68 8.17
N ASP A 417 -16.24 26.49 8.34
CA ASP A 417 -16.29 27.45 9.44
C ASP A 417 -16.67 26.71 10.73
N THR A 418 -15.71 25.94 11.24
CA THR A 418 -15.92 25.16 12.45
C THR A 418 -14.56 24.74 13.01
N VAL A 419 -14.47 24.55 14.33
CA VAL A 419 -13.27 23.92 14.86
C VAL A 419 -13.22 22.44 14.56
N TYR A 420 -14.32 21.88 14.12
CA TYR A 420 -14.42 20.45 13.92
C TYR A 420 -14.05 20.09 12.49
N GLY A 421 -14.14 18.81 12.20
CA GLY A 421 -13.82 18.36 10.87
C GLY A 421 -14.05 16.88 10.79
N LEU A 422 -15.14 16.43 11.40
CA LEU A 422 -15.38 15.00 11.42
C LEU A 422 -15.97 14.53 10.10
N ALA A 423 -17.05 15.15 9.68
CA ALA A 423 -17.83 14.62 8.59
C ALA A 423 -18.33 15.77 7.74
N ALA A 424 -18.69 15.45 6.51
CA ALA A 424 -19.28 16.43 5.64
C ALA A 424 -20.04 15.68 4.57
N SER A 425 -21.05 16.34 4.05
CA SER A 425 -21.90 15.78 3.00
C SER A 425 -22.05 16.87 1.95
N VAL A 426 -21.92 16.49 0.69
CA VAL A 426 -22.16 17.44 -0.39
C VAL A 426 -23.19 16.81 -1.32
N TRP A 427 -24.19 17.59 -1.67
CA TRP A 427 -25.27 17.13 -2.52
C TRP A 427 -25.21 17.98 -3.78
N SER A 428 -24.88 17.35 -4.87
CA SER A 428 -24.77 18.03 -6.15
C SER A 428 -24.59 16.97 -7.22
N LYS A 429 -25.29 17.14 -8.33
CA LYS A 429 -25.03 16.30 -9.48
C LYS A 429 -23.81 16.78 -10.25
N ASP A 430 -23.32 17.97 -9.95
CA ASP A 430 -22.21 18.52 -10.69
C ASP A 430 -20.91 17.94 -10.15
N ILE A 431 -20.19 17.24 -11.00
CA ILE A 431 -18.96 16.58 -10.56
C ILE A 431 -17.95 17.59 -10.01
N ASP A 432 -17.88 18.78 -10.63
CA ASP A 432 -16.89 19.77 -10.17
C ASP A 432 -17.25 20.33 -8.80
N LYS A 433 -18.52 20.67 -8.59
CA LYS A 433 -18.94 21.12 -7.27
C LYS A 433 -18.72 20.01 -6.24
N ALA A 434 -19.15 18.78 -6.58
CA ALA A 434 -18.96 17.67 -5.67
C ALA A 434 -17.48 17.49 -5.34
N LEU A 435 -16.63 17.52 -6.35
CA LEU A 435 -15.21 17.32 -6.10
C LEU A 435 -14.61 18.51 -5.37
N ALA A 436 -15.02 19.72 -5.72
CA ALA A 436 -14.48 20.88 -5.03
C ALA A 436 -14.82 20.83 -3.54
N VAL A 437 -16.08 20.59 -3.21
CA VAL A 437 -16.47 20.53 -1.80
C VAL A 437 -15.76 19.36 -1.12
N THR A 438 -15.74 18.21 -1.77
CA THR A 438 -15.12 17.04 -1.18
C THR A 438 -13.66 17.31 -0.88
N ARG A 439 -12.95 17.90 -1.82
CA ARG A 439 -11.53 18.13 -1.65
C ARG A 439 -11.22 19.32 -0.77
N ARG A 440 -12.13 20.28 -0.66
CA ARG A 440 -11.77 21.51 0.02
C ARG A 440 -12.40 21.66 1.39
N VAL A 441 -13.34 20.81 1.76
CA VAL A 441 -13.92 20.88 3.10
C VAL A 441 -13.15 19.96 4.02
N ARG A 442 -12.72 20.48 5.16
CA ARG A 442 -11.84 19.76 6.08
C ARG A 442 -12.64 18.83 6.98
N ALA A 443 -13.03 17.69 6.42
CA ALA A 443 -13.75 16.67 7.18
C ALA A 443 -13.16 15.32 6.83
N GLY A 444 -13.06 14.42 7.83
CA GLY A 444 -12.45 13.12 7.59
C GLY A 444 -13.36 12.11 6.91
N ARG A 445 -14.66 12.28 7.03
CA ARG A 445 -15.61 11.37 6.41
C ARG A 445 -16.52 12.20 5.52
N PHE A 446 -16.41 11.97 4.22
CA PHE A 446 -17.19 12.76 3.25
C PHE A 446 -18.23 11.88 2.56
N TRP A 447 -19.43 12.40 2.42
CA TRP A 447 -20.47 11.73 1.67
C TRP A 447 -20.88 12.62 0.52
N VAL A 448 -20.87 12.06 -0.68
CA VAL A 448 -21.28 12.79 -1.87
C VAL A 448 -22.58 12.15 -2.34
N ASN A 449 -23.65 12.95 -2.31
CA ASN A 449 -24.99 12.50 -2.70
C ASN A 449 -25.41 11.29 -1.88
N THR A 450 -25.00 11.29 -0.63
CA THR A 450 -25.36 10.25 0.33
C THR A 450 -25.10 10.85 1.70
N ILE A 451 -25.38 10.07 2.73
CA ILE A 451 -25.07 10.47 4.10
C ILE A 451 -24.90 9.18 4.88
N MET A 452 -23.84 9.13 5.68
CA MET A 452 -23.62 8.03 6.63
C MET A 452 -23.68 6.67 5.96
N SER A 453 -23.06 6.56 4.81
CA SER A 453 -22.98 5.32 4.08
C SER A 453 -21.52 4.91 3.98
N GLY A 454 -21.30 3.71 3.53
CA GLY A 454 -19.95 3.16 3.45
C GLY A 454 -19.68 2.37 4.70
N GLY A 455 -19.24 1.13 4.51
CA GLY A 455 -18.93 0.25 5.59
C GLY A 455 -17.52 0.41 6.10
N PRO A 456 -17.07 -0.55 6.88
CA PRO A 456 -15.78 -0.42 7.55
C PRO A 456 -14.58 -0.63 6.64
N GLU A 457 -14.78 -0.71 5.32
CA GLU A 457 -13.64 -0.84 4.42
C GLU A 457 -12.75 0.38 4.49
N THR A 458 -13.32 1.50 4.81
CA THR A 458 -12.64 2.75 4.74
C THR A 458 -12.33 3.26 6.13
N PRO A 459 -11.25 4.01 6.29
CA PRO A 459 -10.97 4.65 7.58
C PRO A 459 -11.99 5.74 7.85
N LEU A 460 -12.22 5.97 9.12
CA LEU A 460 -13.06 7.07 9.55
C LEU A 460 -12.33 7.86 10.62
N GLY A 461 -12.60 9.14 10.67
CA GLY A 461 -11.97 9.99 11.65
C GLY A 461 -12.15 11.43 11.26
N GLY A 462 -11.54 12.30 12.06
CA GLY A 462 -11.81 13.70 11.85
C GLY A 462 -10.59 14.54 11.53
N PHE A 463 -10.83 15.71 10.95
CA PHE A 463 -9.83 16.75 10.93
C PHE A 463 -9.96 17.57 12.20
N LYS A 464 -8.96 18.39 12.46
CA LYS A 464 -9.04 19.49 13.43
C LYS A 464 -9.46 18.93 14.79
N GLN A 465 -10.44 19.50 15.46
CA GLN A 465 -10.78 19.10 16.81
C GLN A 465 -11.75 17.94 16.83
N SER A 466 -12.00 17.32 15.68
CA SER A 466 -12.87 16.17 15.64
C SER A 466 -12.14 14.87 15.94
N GLY A 467 -10.83 14.91 16.08
CA GLY A 467 -10.14 13.76 16.62
C GLY A 467 -8.74 13.61 16.06
N TRP A 468 -8.12 12.52 16.46
CA TRP A 468 -6.80 12.09 16.02
C TRP A 468 -6.90 10.67 15.50
N GLY A 469 -6.20 10.40 14.43
CA GLY A 469 -6.14 9.06 13.93
C GLY A 469 -7.38 8.70 13.16
N ARG A 470 -7.36 7.48 12.65
CA ARG A 470 -8.47 6.95 11.89
C ARG A 470 -8.87 5.60 12.46
N GLU A 471 -10.12 5.23 12.25
CA GLU A 471 -10.65 3.98 12.75
C GLU A 471 -11.24 3.23 11.56
N ALA A 472 -11.39 1.92 11.71
CA ALA A 472 -11.86 1.02 10.67
C ALA A 472 -10.95 1.00 9.44
N GLY A 473 -11.36 0.26 8.42
CA GLY A 473 -10.45 -0.01 7.32
C GLY A 473 -9.23 -0.78 7.82
N LEU A 474 -8.29 -0.95 6.90
CA LEU A 474 -6.97 -1.40 7.32
C LEU A 474 -6.31 -0.36 8.20
N TYR A 475 -6.56 0.92 7.90
CA TYR A 475 -6.02 2.04 8.69
C TYR A 475 -6.30 1.88 10.16
N GLY A 476 -7.57 1.61 10.51
CA GLY A 476 -7.93 1.51 11.91
C GLY A 476 -7.20 0.37 12.60
N VAL A 477 -6.95 -0.72 11.87
CA VAL A 477 -6.10 -1.77 12.42
C VAL A 477 -4.67 -1.27 12.56
N GLU A 478 -4.17 -0.55 11.55
CA GLU A 478 -2.80 -0.04 11.65
C GLU A 478 -2.65 1.01 12.74
N GLU A 479 -3.71 1.75 13.06
CA GLU A 479 -3.62 2.81 14.05
C GLU A 479 -3.18 2.29 15.41
N TYR A 480 -3.54 1.03 15.72
CA TYR A 480 -3.19 0.41 16.98
C TYR A 480 -1.99 -0.50 16.82
N THR A 481 -1.23 -0.30 15.78
CA THR A 481 0.03 -0.97 15.63
C THR A 481 1.15 0.06 15.74
N GLN A 482 2.32 -0.40 16.14
CA GLN A 482 3.50 0.43 16.10
C GLN A 482 4.30 0.05 14.86
N ILE A 483 4.89 1.05 14.23
CA ILE A 483 5.72 0.87 13.07
C ILE A 483 7.17 0.73 13.54
N LYS A 484 7.83 -0.35 13.13
CA LYS A 484 9.21 -0.62 13.53
C LYS A 484 10.06 -0.77 12.27
N SER A 485 10.92 0.20 12.05
CA SER A 485 11.88 0.11 10.97
C SER A 485 13.01 -0.80 11.38
N VAL A 486 13.44 -1.64 10.45
CA VAL A 486 14.50 -2.58 10.73
C VAL A 486 15.47 -2.49 9.59
N HIS A 487 16.73 -2.19 9.90
CA HIS A 487 17.79 -2.23 8.93
C HIS A 487 18.78 -3.30 9.36
N ILE A 488 19.06 -4.19 8.43
CA ILE A 488 19.99 -5.30 8.60
C ILE A 488 21.14 -5.04 7.64
N GLU A 489 22.34 -4.95 8.19
CA GLU A 489 23.52 -4.92 7.36
C GLU A 489 24.05 -6.34 7.25
N THR A 490 24.25 -6.79 6.03
CA THR A 490 24.90 -8.06 5.77
C THR A 490 26.33 -7.78 5.31
N GLY A 491 27.09 -8.83 5.09
CA GLY A 491 28.45 -8.55 4.68
C GLY A 491 29.29 -8.02 5.83
N LYS A 492 30.37 -7.32 5.46
CA LYS A 492 31.37 -6.88 6.44
C LYS A 492 31.13 -5.43 6.84
N ARG A 493 31.21 -5.19 8.15
CA ARG A 493 31.07 -3.82 8.66
C ARG A 493 32.32 -3.02 8.34
N SER A 494 32.14 -1.86 7.73
CA SER A 494 33.23 -0.90 7.60
C SER A 494 33.36 -0.16 8.92
N HIS A 495 34.48 -0.34 9.61
CA HIS A 495 34.55 0.11 10.98
C HIS A 495 34.64 1.62 11.05
N TRP A 496 33.94 2.20 12.02
CA TRP A 496 34.04 3.62 12.29
C TRP A 496 35.42 4.00 12.83
N ILE A 497 35.94 3.20 13.74
CA ILE A 497 37.17 3.50 14.44
C ILE A 497 38.33 2.78 13.75
N SER A 498 39.39 3.52 13.49
CA SER A 498 40.62 2.92 12.96
C SER A 498 41.71 2.92 14.02
N SER B 9 39.20 30.97 9.17
CA SER B 9 38.39 29.79 9.47
C SER B 9 37.13 30.17 10.27
N LEU B 10 37.28 30.57 11.53
CA LEU B 10 36.12 30.97 12.34
C LEU B 10 35.69 32.40 12.03
N PRO B 11 34.43 32.75 12.29
CA PRO B 11 33.98 34.11 11.97
C PRO B 11 34.68 35.15 12.83
N LEU B 12 35.11 36.24 12.20
CA LEU B 12 35.78 37.33 12.93
C LEU B 12 34.72 38.01 13.79
N LYS B 13 33.53 38.20 13.23
CA LYS B 13 32.40 38.70 13.99
C LYS B 13 31.24 37.74 13.82
N PRO B 14 30.41 37.56 14.84
CA PRO B 14 29.28 36.61 14.71
C PRO B 14 28.38 37.06 13.57
N ARG B 15 27.92 36.09 12.80
CA ARG B 15 27.02 36.36 11.69
C ARG B 15 25.63 36.67 12.23
N GLU B 16 25.09 37.82 11.87
CA GLU B 16 23.76 38.20 12.31
C GLU B 16 22.75 37.62 11.33
N PHE B 17 21.87 36.76 11.82
CA PHE B 17 20.80 36.21 10.99
C PHE B 17 19.53 37.01 11.21
N GLY B 18 18.68 36.98 10.21
CA GLY B 18 17.31 37.38 10.37
C GLY B 18 16.45 36.15 10.53
N PHE B 19 15.19 36.39 10.85
CA PHE B 19 14.22 35.31 10.74
C PHE B 19 13.43 35.49 9.46
N PHE B 20 12.63 34.49 9.17
CA PHE B 20 12.08 34.31 7.82
C PHE B 20 10.58 34.04 7.91
N ILE B 21 9.76 35.00 7.51
CA ILE B 21 8.34 34.76 7.39
C ILE B 21 7.88 35.34 6.04
N ASP B 22 7.09 34.56 5.32
CA ASP B 22 6.47 34.98 4.08
C ASP B 22 7.51 35.40 3.05
N GLY B 23 8.57 34.62 2.94
CA GLY B 23 9.58 34.89 1.94
C GLY B 23 10.44 36.10 2.23
N GLU B 24 10.23 36.76 3.36
CA GLU B 24 10.94 38.00 3.70
C GLU B 24 11.88 37.68 4.84
N TRP B 25 13.15 38.04 4.67
CA TRP B 25 14.06 38.00 5.80
C TRP B 25 13.81 39.19 6.70
N ARG B 26 13.66 38.91 7.99
CA ARG B 26 13.25 39.94 8.93
C ARG B 26 14.40 40.17 9.89
N ALA B 27 14.81 41.43 10.00
CA ALA B 27 15.85 41.79 10.93
C ALA B 27 15.35 41.51 12.34
N GLY B 28 16.22 40.98 13.17
CA GLY B 28 15.87 40.87 14.55
C GLY B 28 16.00 42.20 15.28
N LYS B 29 15.30 42.28 16.39
CA LYS B 29 15.50 43.35 17.35
C LYS B 29 16.27 42.84 18.57
N ASP B 30 15.77 41.78 19.18
CA ASP B 30 16.48 41.07 20.22
C ASP B 30 17.15 39.84 19.64
N PHE B 31 18.31 39.50 20.19
CA PHE B 31 19.15 38.48 19.60
C PHE B 31 19.66 37.52 20.64
N PHE B 32 19.72 36.26 20.25
CA PHE B 32 20.50 35.28 20.98
C PHE B 32 21.90 35.28 20.40
N ASP B 33 22.89 35.39 21.27
CA ASP B 33 24.29 35.35 20.86
C ASP B 33 24.77 33.93 21.03
N ARG B 34 25.13 33.30 19.93
CA ARG B 34 25.57 31.93 19.94
C ARG B 34 27.07 31.91 19.78
N SER B 35 27.76 31.27 20.71
CA SER B 35 29.19 31.01 20.58
C SER B 35 29.39 29.57 20.17
N SER B 36 30.43 29.33 19.38
CA SER B 36 30.80 27.98 19.00
C SER B 36 30.99 27.13 20.26
N PRO B 37 30.24 26.04 20.41
CA PRO B 37 30.46 25.19 21.59
C PRO B 37 31.85 24.56 21.59
N ALA B 38 32.49 24.42 20.43
CA ALA B 38 33.82 23.85 20.33
C ALA B 38 34.93 24.88 20.48
N HIS B 39 34.65 26.15 20.20
CA HIS B 39 35.70 27.15 20.10
C HIS B 39 35.54 28.33 21.05
N ASP B 40 34.41 28.44 21.76
CA ASP B 40 34.14 29.59 22.64
C ASP B 40 34.46 30.90 21.94
N VAL B 41 33.96 31.02 20.72
CA VAL B 41 34.04 32.24 19.93
C VAL B 41 32.63 32.60 19.48
N PRO B 42 32.24 33.86 19.48
CA PRO B 42 30.92 34.22 18.93
C PRO B 42 30.85 33.81 17.47
N VAL B 43 29.75 33.16 17.09
CA VAL B 43 29.60 32.70 15.71
C VAL B 43 28.36 33.29 15.07
N THR B 44 27.27 33.39 15.80
CA THR B 44 26.03 33.87 15.20
C THR B 44 25.25 34.72 16.18
N ARG B 45 24.35 35.51 15.63
CA ARG B 45 23.39 36.28 16.38
C ARG B 45 22.06 35.94 15.74
N ILE B 46 21.15 35.40 16.54
CA ILE B 46 19.91 34.80 16.05
C ILE B 46 18.78 35.60 16.64
N PRO B 47 17.83 36.06 15.83
CA PRO B 47 16.69 36.80 16.36
C PRO B 47 15.99 36.00 17.41
N ARG B 48 15.66 36.67 18.51
CA ARG B 48 14.75 36.12 19.50
C ARG B 48 13.39 36.66 19.16
N CYS B 49 12.60 35.87 18.46
CA CYS B 49 11.33 36.37 17.98
C CYS B 49 10.28 36.34 19.08
N THR B 50 9.18 36.99 18.78
CA THR B 50 8.06 37.13 19.68
C THR B 50 6.93 36.21 19.26
N ARG B 51 5.90 36.13 20.10
CA ARG B 51 4.70 35.41 19.72
C ARG B 51 4.02 36.06 18.53
N GLU B 52 4.14 37.39 18.43
CA GLU B 52 3.58 38.11 17.30
C GLU B 52 4.31 37.77 16.01
N ASP B 53 5.64 37.62 16.06
CA ASP B 53 6.39 37.09 14.93
C ASP B 53 5.87 35.72 14.56
N LEU B 54 5.68 34.87 15.57
CA LEU B 54 5.13 33.55 15.35
C LEU B 54 3.77 33.65 14.67
N ASP B 55 2.89 34.52 15.18
CA ASP B 55 1.58 34.68 14.59
C ASP B 55 1.67 35.06 13.12
N GLU B 56 2.57 35.99 12.81
CA GLU B 56 2.73 36.40 11.43
C GLU B 56 3.20 35.23 10.58
N ALA B 57 4.15 34.45 11.10
CA ALA B 57 4.62 33.28 10.37
C ALA B 57 3.52 32.27 10.16
N VAL B 58 2.75 31.99 11.21
CA VAL B 58 1.61 31.11 11.04
C VAL B 58 0.63 31.70 10.05
N ALA B 59 0.39 33.02 10.15
CA ALA B 59 -0.51 33.68 9.20
C ALA B 59 0.01 33.56 7.77
N ALA B 60 1.31 33.76 7.59
CA ALA B 60 1.91 33.59 6.27
C ALA B 60 1.78 32.14 5.82
N ALA B 61 2.05 31.20 6.72
CA ALA B 61 1.91 29.78 6.41
C ALA B 61 0.46 29.45 6.09
N ARG B 62 -0.47 30.03 6.83
CA ARG B 62 -1.88 29.82 6.56
C ARG B 62 -2.25 30.35 5.18
N ARG B 63 -1.88 31.59 4.91
CA ARG B 63 -2.09 32.18 3.60
C ARG B 63 -1.47 31.32 2.52
N ALA B 64 -0.18 30.97 2.68
CA ALA B 64 0.47 30.18 1.63
C ALA B 64 -0.22 28.83 1.46
N PHE B 65 -0.80 28.29 2.53
CA PHE B 65 -1.49 27.01 2.38
C PHE B 65 -2.88 27.19 1.80
N GLU B 66 -3.62 28.22 2.24
CA GLU B 66 -5.00 28.35 1.81
C GLU B 66 -5.09 28.88 0.38
N ASN B 67 -4.11 29.64 -0.08
CA ASN B 67 -4.21 30.22 -1.41
C ASN B 67 -3.78 29.28 -2.52
N GLY B 68 -3.46 28.02 -2.20
CA GLY B 68 -3.06 27.05 -3.20
C GLY B 68 -1.68 27.22 -3.77
N SER B 69 -0.89 28.16 -3.25
CA SER B 69 0.41 28.42 -3.86
C SER B 69 1.35 27.24 -3.71
N TRP B 70 1.02 26.28 -2.88
CA TRP B 70 1.90 25.15 -2.61
C TRP B 70 1.10 23.86 -2.60
N ALA B 71 0.08 23.80 -1.75
CA ALA B 71 -0.80 22.64 -1.70
C ALA B 71 -1.65 22.53 -2.97
N GLY B 72 -1.91 23.66 -3.62
CA GLY B 72 -2.68 23.61 -4.85
C GLY B 72 -1.87 23.20 -6.05
N LEU B 73 -0.55 23.20 -5.93
CA LEU B 73 0.32 22.76 -7.01
C LEU B 73 0.19 21.26 -7.23
N ALA B 74 0.58 20.83 -8.42
CA ALA B 74 0.81 19.43 -8.69
C ALA B 74 1.98 18.95 -7.84
N ALA B 75 1.93 17.69 -7.43
CA ALA B 75 3.07 17.09 -6.74
C ALA B 75 4.35 17.37 -7.49
N ALA B 76 4.27 17.34 -8.84
CA ALA B 76 5.41 17.58 -9.69
C ALA B 76 6.11 18.89 -9.34
N ASP B 77 5.33 19.91 -9.03
CA ASP B 77 5.92 21.24 -8.75
C ASP B 77 6.52 21.24 -7.34
N ARG B 78 5.87 20.59 -6.40
CA ARG B 78 6.50 20.46 -5.09
C ARG B 78 7.76 19.62 -5.19
N ALA B 79 7.69 18.50 -5.91
CA ALA B 79 8.88 17.69 -6.11
C ALA B 79 9.98 18.51 -6.77
N ALA B 80 9.61 19.36 -7.75
CA ALA B 80 10.61 20.18 -8.43
C ALA B 80 11.39 21.03 -7.45
N VAL B 81 10.67 21.72 -6.55
CA VAL B 81 11.33 22.56 -5.56
C VAL B 81 12.21 21.70 -4.66
N LEU B 82 11.65 20.60 -4.15
CA LEU B 82 12.41 19.74 -3.26
C LEU B 82 13.63 19.16 -3.96
N LEU B 83 13.48 18.74 -5.22
CA LEU B 83 14.64 18.24 -5.95
C LEU B 83 15.62 19.38 -6.16
N LYS B 84 15.13 20.58 -6.37
CA LYS B 84 16.05 21.73 -6.47
C LYS B 84 16.67 22.01 -5.10
N ALA B 85 15.85 22.00 -4.04
CA ALA B 85 16.47 22.20 -2.74
C ALA B 85 17.58 21.16 -2.53
N ALA B 86 17.31 19.88 -2.82
CA ALA B 86 18.33 18.84 -2.68
C ALA B 86 19.59 19.20 -3.46
N GLY B 87 19.41 19.69 -4.70
CA GLY B 87 20.56 20.12 -5.48
C GLY B 87 21.31 21.27 -4.82
N LEU B 88 20.59 22.26 -4.31
CA LEU B 88 21.26 23.37 -3.65
C LEU B 88 21.95 22.92 -2.37
N LEU B 89 21.35 21.97 -1.65
CA LEU B 89 22.00 21.38 -0.48
C LEU B 89 23.39 20.85 -0.84
N ARG B 90 23.47 20.11 -1.94
CA ARG B 90 24.76 19.61 -2.43
C ARG B 90 25.71 20.76 -2.73
N GLU B 91 25.25 21.75 -3.47
CA GLU B 91 26.10 22.88 -3.81
C GLU B 91 26.58 23.59 -2.57
N ARG B 92 25.72 23.70 -1.56
CA ARG B 92 26.02 24.45 -0.37
C ARG B 92 26.42 23.56 0.79
N ARG B 93 26.71 22.28 0.52
CA ARG B 93 27.11 21.35 1.57
C ARG B 93 28.12 21.96 2.55
N ASP B 94 29.24 22.44 2.01
CA ASP B 94 30.33 22.94 2.83
C ASP B 94 29.91 24.12 3.67
N ASP B 95 29.12 25.03 3.10
CA ASP B 95 28.68 26.19 3.86
C ASP B 95 27.72 25.78 4.98
N ILE B 96 26.72 24.97 4.65
CA ILE B 96 25.80 24.47 5.65
C ILE B 96 26.55 23.77 6.78
N ALA B 97 27.47 22.87 6.40
CA ALA B 97 28.22 22.12 7.40
C ALA B 97 29.06 23.05 8.26
N TYR B 98 29.68 24.05 7.64
CA TYR B 98 30.49 24.99 8.40
C TYR B 98 29.65 25.67 9.47
N TRP B 99 28.50 26.21 9.09
CA TRP B 99 27.63 26.83 10.08
C TRP B 99 27.05 25.80 11.03
N GLU B 100 26.76 24.59 10.53
CA GLU B 100 26.27 23.53 11.40
C GLU B 100 27.28 23.23 12.48
N VAL B 101 28.54 23.09 12.08
CA VAL B 101 29.61 22.85 13.05
C VAL B 101 29.72 24.02 14.03
N LEU B 102 29.70 25.24 13.50
CA LEU B 102 29.93 26.40 14.34
C LEU B 102 28.95 26.45 15.49
N GLU B 103 27.68 26.19 15.20
CA GLU B 103 26.62 26.28 16.19
C GLU B 103 26.40 24.98 16.94
N ASN B 104 26.78 23.83 16.38
CA ASN B 104 26.49 22.57 17.05
C ASN B 104 27.72 21.96 17.71
N GLY B 105 28.89 22.07 17.07
CA GLY B 105 30.11 21.49 17.58
C GLY B 105 30.43 20.11 17.04
N LYS B 106 29.53 19.52 16.25
CA LYS B 106 29.78 18.21 15.67
C LYS B 106 30.94 18.29 14.69
N PRO B 107 31.59 17.17 14.42
CA PRO B 107 32.69 17.19 13.44
C PRO B 107 32.21 17.61 12.07
N ILE B 108 33.09 18.31 11.36
CA ILE B 108 32.80 18.79 10.01
C ILE B 108 32.59 17.60 9.07
N SER B 109 33.36 16.54 9.25
CA SER B 109 33.15 15.34 8.44
C SER B 109 31.76 14.78 8.66
N GLN B 110 31.35 14.71 9.91
CA GLN B 110 30.01 14.25 10.23
C GLN B 110 28.96 15.18 9.64
N ALA B 111 29.10 16.49 9.87
CA ALA B 111 28.15 17.46 9.35
C ALA B 111 28.00 17.35 7.84
N LYS B 112 29.11 17.16 7.12
CA LYS B 112 29.03 16.99 5.67
C LYS B 112 28.28 15.72 5.32
N GLY B 113 28.58 14.62 6.01
CA GLY B 113 27.85 13.40 5.78
C GLY B 113 26.39 13.51 6.11
N GLU B 114 26.04 14.30 7.13
CA GLU B 114 24.63 14.57 7.43
C GLU B 114 23.95 15.27 6.27
N ILE B 115 24.68 16.17 5.58
CA ILE B 115 24.05 16.85 4.45
C ILE B 115 23.66 15.86 3.39
N ASP B 116 24.48 14.81 3.21
CA ASP B 116 24.14 13.77 2.25
C ASP B 116 22.81 13.16 2.61
N HIS B 117 22.62 12.84 3.89
CA HIS B 117 21.32 12.32 4.30
C HIS B 117 20.22 13.34 4.06
N CYS B 118 20.50 14.61 4.35
CA CYS B 118 19.53 15.67 4.10
C CYS B 118 19.13 15.70 2.63
N ILE B 119 20.11 15.54 1.75
CA ILE B 119 19.83 15.50 0.31
C ILE B 119 18.96 14.29 0.00
N ALA B 120 19.32 13.14 0.57
CA ALA B 120 18.48 11.96 0.39
C ALA B 120 17.06 12.22 0.90
N CYS B 121 16.93 12.90 2.04
CA CYS B 121 15.60 13.22 2.56
C CYS B 121 14.83 14.09 1.59
N PHE B 122 15.47 15.12 1.05
CA PHE B 122 14.78 15.97 0.09
C PHE B 122 14.38 15.20 -1.16
N GLU B 123 15.27 14.35 -1.66
CA GLU B 123 14.91 13.56 -2.83
C GLU B 123 13.77 12.64 -2.50
N MET B 124 13.87 11.94 -1.37
CA MET B 124 12.81 11.03 -0.93
C MET B 124 11.48 11.75 -0.83
N ALA B 125 11.48 12.92 -0.20
CA ALA B 125 10.26 13.69 -0.08
C ALA B 125 9.77 14.11 -1.46
N ALA B 126 10.68 14.53 -2.33
CA ALA B 126 10.26 14.88 -3.67
C ALA B 126 9.57 13.71 -4.33
N GLY B 127 10.21 12.52 -4.26
CA GLY B 127 9.57 11.33 -4.79
C GLY B 127 8.25 11.05 -4.09
N ALA B 128 8.25 11.13 -2.77
CA ALA B 128 7.04 10.88 -2.01
C ALA B 128 5.95 11.88 -2.37
N ALA B 129 6.32 13.12 -2.71
CA ALA B 129 5.32 14.09 -3.11
C ALA B 129 4.43 13.54 -4.22
N ARG B 130 5.04 12.86 -5.18
CA ARG B 130 4.30 12.27 -6.29
C ARG B 130 3.58 11.00 -5.90
N MET B 131 4.16 10.21 -5.02
CA MET B 131 3.56 8.90 -4.73
C MET B 131 2.52 9.01 -3.62
N LEU B 132 2.46 10.15 -2.95
CA LEU B 132 1.46 10.37 -1.92
C LEU B 132 0.10 10.06 -2.50
N HIS B 133 -0.56 9.06 -1.91
CA HIS B 133 -1.79 8.55 -2.49
C HIS B 133 -2.70 8.07 -1.39
N GLY B 134 -4.00 8.04 -1.68
CA GLY B 134 -4.95 7.41 -0.80
C GLY B 134 -5.49 6.17 -1.46
N ASP B 135 -6.74 5.82 -1.22
CA ASP B 135 -7.29 4.58 -1.74
C ASP B 135 -8.55 4.85 -2.53
N THR B 136 -8.81 3.98 -3.49
CA THR B 136 -10.13 3.87 -4.09
C THR B 136 -10.72 2.55 -3.66
N PHE B 137 -11.99 2.58 -3.33
CA PHE B 137 -12.74 1.37 -3.01
C PHE B 137 -13.81 1.28 -4.07
N ASN B 138 -13.42 0.63 -5.16
CA ASN B 138 -14.29 0.35 -6.29
C ASN B 138 -15.08 -0.92 -6.10
N ASN B 139 -14.98 -1.51 -4.89
CA ASN B 139 -15.52 -2.81 -4.55
C ASN B 139 -16.73 -2.69 -3.63
N LEU B 140 -17.33 -1.52 -3.54
CA LEU B 140 -18.37 -1.31 -2.54
C LEU B 140 -19.79 -1.52 -3.08
N GLY B 141 -19.97 -1.86 -4.35
CA GLY B 141 -21.30 -2.03 -4.89
C GLY B 141 -21.54 -1.18 -6.15
N GLU B 142 -22.64 -1.42 -6.83
CA GLU B 142 -22.87 -0.72 -8.11
C GLU B 142 -23.02 0.78 -7.90
N GLY B 143 -23.79 1.19 -6.90
CA GLY B 143 -24.02 2.59 -6.70
C GLY B 143 -23.24 3.21 -5.57
N LEU B 144 -22.23 2.53 -5.05
CA LEU B 144 -21.47 3.09 -3.94
C LEU B 144 -20.00 3.04 -4.30
N PHE B 145 -19.43 4.23 -4.51
CA PHE B 145 -18.02 4.38 -4.75
C PHE B 145 -17.37 5.02 -3.55
N GLY B 146 -16.29 4.41 -3.08
CA GLY B 146 -15.58 4.89 -1.91
C GLY B 146 -14.16 5.27 -2.29
N MET B 147 -13.67 6.34 -1.69
CA MET B 147 -12.27 6.71 -1.83
C MET B 147 -11.77 7.16 -0.48
N VAL B 148 -10.47 7.14 -0.38
CA VAL B 148 -9.76 7.72 0.75
C VAL B 148 -8.79 8.73 0.17
N LEU B 149 -9.00 9.99 0.51
CA LEU B 149 -8.11 11.04 0.05
C LEU B 149 -7.09 11.33 1.12
N ARG B 150 -5.90 11.68 0.66
CA ARG B 150 -4.91 12.31 1.50
C ARG B 150 -4.78 13.75 1.06
N GLU B 151 -4.64 14.64 2.02
CA GLU B 151 -4.46 16.04 1.70
C GLU B 151 -3.55 16.61 2.77
N PRO B 152 -2.69 17.55 2.44
CA PRO B 152 -1.84 18.16 3.47
C PRO B 152 -2.69 18.69 4.62
N ILE B 153 -2.27 18.41 5.86
CA ILE B 153 -3.07 18.80 7.01
C ILE B 153 -3.14 20.31 7.09
N GLY B 154 -2.13 20.99 6.56
CA GLY B 154 -2.13 22.43 6.51
C GLY B 154 -0.87 23.05 7.08
N VAL B 155 -1.07 23.95 8.03
CA VAL B 155 0.04 24.66 8.62
C VAL B 155 0.66 23.75 9.67
N VAL B 156 1.94 23.45 9.48
CA VAL B 156 2.65 22.55 10.35
C VAL B 156 3.69 23.37 11.08
N GLY B 157 3.67 23.31 12.40
CA GLY B 157 4.76 23.84 13.18
C GLY B 157 5.86 22.80 13.27
N LEU B 158 7.10 23.27 13.25
CA LEU B 158 8.24 22.37 13.28
C LEU B 158 9.23 22.90 14.29
N ILE B 159 9.41 22.16 15.36
CA ILE B 159 10.33 22.52 16.43
C ILE B 159 11.41 21.45 16.45
N THR B 160 12.66 21.87 16.39
CA THR B 160 13.76 20.93 16.24
C THR B 160 14.81 21.16 17.32
N PRO B 161 15.60 20.14 17.62
CA PRO B 161 16.55 20.25 18.71
C PRO B 161 17.90 20.70 18.20
N TRP B 162 18.88 20.84 19.09
CA TRP B 162 20.16 21.35 18.67
C TRP B 162 21.15 20.27 18.29
N ASN B 163 20.81 18.98 18.47
CA ASN B 163 21.84 17.95 18.29
C ASN B 163 22.07 17.63 16.83
N PHE B 164 21.01 17.60 16.03
CA PHE B 164 21.12 17.44 14.57
C PHE B 164 20.27 18.54 13.95
N PRO B 165 20.70 19.79 14.09
CA PRO B 165 19.83 20.91 13.73
C PRO B 165 19.38 20.86 12.29
N PHE B 166 20.32 20.73 11.37
CA PHE B 166 19.99 20.69 9.96
C PHE B 166 19.43 19.35 9.55
N MET B 167 20.03 18.27 10.05
CA MET B 167 19.60 16.96 9.60
C MET B 167 18.18 16.66 10.05
N ILE B 168 17.88 16.87 11.34
CA ILE B 168 16.53 16.61 11.80
C ILE B 168 15.56 17.52 11.06
N LEU B 169 15.98 18.76 10.83
CA LEU B 169 15.20 19.67 9.98
C LEU B 169 14.92 19.02 8.62
N CYS B 170 15.95 18.47 7.98
CA CYS B 170 15.74 17.85 6.68
C CYS B 170 15.05 16.50 6.78
N GLU B 171 15.00 15.90 7.96
CA GLU B 171 14.23 14.69 8.17
C GLU B 171 12.78 15.00 8.52
N ARG B 172 12.38 16.26 8.43
CA ARG B 172 11.01 16.64 8.72
C ARG B 172 10.46 17.52 7.60
N ALA B 173 11.10 18.68 7.42
CA ALA B 173 10.62 19.74 6.54
C ALA B 173 10.26 19.21 5.16
N PRO B 174 11.16 18.52 4.45
CA PRO B 174 10.79 18.10 3.10
C PRO B 174 9.61 17.17 3.08
N PHE B 175 9.52 16.26 4.05
CA PHE B 175 8.40 15.34 4.09
C PHE B 175 7.10 16.07 4.38
N ILE B 176 7.16 17.07 5.26
CA ILE B 176 5.97 17.87 5.54
C ILE B 176 5.58 18.69 4.32
N LEU B 177 6.57 19.33 3.69
CA LEU B 177 6.30 20.15 2.51
C LEU B 177 5.78 19.31 1.36
N ALA B 178 6.24 18.06 1.27
CA ALA B 178 5.95 17.22 0.12
C ALA B 178 4.45 17.11 -0.13
N SER B 179 3.66 16.98 0.93
CA SER B 179 2.21 16.85 0.77
C SER B 179 1.57 18.17 0.39
N GLY B 180 2.26 19.29 0.58
CA GLY B 180 1.64 20.58 0.39
C GLY B 180 1.41 21.33 1.66
N CYS B 181 1.84 20.78 2.80
CA CYS B 181 1.81 21.53 4.05
C CYS B 181 2.72 22.74 3.94
N THR B 182 2.39 23.75 4.71
CA THR B 182 3.30 24.87 4.93
C THR B 182 3.87 24.75 6.34
N LEU B 183 4.97 25.47 6.57
CA LEU B 183 5.78 25.26 7.76
C LEU B 183 6.05 26.55 8.49
N VAL B 184 5.94 26.48 9.80
CA VAL B 184 6.55 27.43 10.71
C VAL B 184 7.53 26.65 11.54
N VAL B 185 8.79 27.04 11.47
CA VAL B 185 9.90 26.28 12.02
C VAL B 185 10.53 27.10 13.12
N LYS B 186 10.67 26.51 14.30
CA LYS B 186 11.51 27.09 15.33
C LYS B 186 12.66 26.12 15.59
N PRO B 187 13.84 26.38 15.07
CA PRO B 187 14.98 25.54 15.42
C PRO B 187 15.40 25.86 16.83
N ALA B 188 16.31 25.04 17.33
CA ALA B 188 16.88 25.33 18.64
C ALA B 188 17.57 26.68 18.58
N GLU B 189 17.34 27.46 19.63
CA GLU B 189 17.97 28.77 19.75
C GLU B 189 19.47 28.71 19.54
N VAL B 190 20.13 27.67 20.07
CA VAL B 190 21.58 27.58 19.93
C VAL B 190 22.01 27.10 18.56
N THR B 191 21.11 26.55 17.76
CA THR B 191 21.50 26.01 16.47
C THR B 191 20.43 26.34 15.43
N SER B 192 20.22 27.64 15.22
CA SER B 192 19.23 28.12 14.27
C SER B 192 19.80 28.43 12.89
N ALA B 193 21.12 28.64 12.79
CA ALA B 193 21.74 29.16 11.58
C ALA B 193 21.38 28.31 10.36
N THR B 194 21.67 27.01 10.42
CA THR B 194 21.45 26.19 9.24
C THR B 194 19.98 26.02 8.91
N THR B 195 19.09 26.19 9.88
CA THR B 195 17.67 26.20 9.57
C THR B 195 17.32 27.43 8.74
N LEU B 196 17.91 28.57 9.10
CA LEU B 196 17.74 29.77 8.29
C LEU B 196 18.38 29.59 6.92
N LEU B 197 19.51 28.90 6.85
CA LEU B 197 20.10 28.57 5.56
C LEU B 197 19.16 27.70 4.73
N LEU B 198 18.46 26.77 5.37
CA LEU B 198 17.51 25.97 4.62
C LEU B 198 16.40 26.86 4.09
N ALA B 199 15.97 27.84 4.89
CA ALA B 199 14.95 28.77 4.42
C ALA B 199 15.41 29.46 3.15
N GLU B 200 16.68 29.89 3.12
CA GLU B 200 17.25 30.49 1.92
C GLU B 200 17.31 29.46 0.79
N ILE B 201 17.78 28.25 1.10
CA ILE B 201 17.89 27.19 0.09
C ILE B 201 16.53 26.93 -0.53
N LEU B 202 15.50 26.86 0.30
CA LEU B 202 14.15 26.60 -0.20
C LEU B 202 13.65 27.75 -1.06
N ALA B 203 13.91 28.99 -0.63
CA ALA B 203 13.53 30.15 -1.43
C ALA B 203 14.25 30.12 -2.77
N ASP B 204 15.56 29.85 -2.72
CA ASP B 204 16.31 29.69 -3.95
C ASP B 204 15.81 28.50 -4.73
N ALA B 205 15.23 27.50 -4.05
CA ALA B 205 14.69 26.35 -4.75
C ALA B 205 13.35 26.63 -5.40
N GLY B 206 12.79 27.83 -5.23
CA GLY B 206 11.49 28.15 -5.79
C GLY B 206 10.33 27.90 -4.86
N LEU B 207 10.59 27.60 -3.60
CA LEU B 207 9.50 27.46 -2.63
C LEU B 207 8.75 28.77 -2.51
N PRO B 208 7.43 28.78 -2.67
CA PRO B 208 6.69 30.04 -2.52
C PRO B 208 6.86 30.65 -1.14
N LYS B 209 6.71 31.96 -1.07
CA LYS B 209 6.73 32.67 0.19
C LYS B 209 5.68 32.09 1.13
N GLY B 210 6.01 32.08 2.42
CA GLY B 210 5.10 31.63 3.44
C GLY B 210 5.01 30.14 3.61
N VAL B 211 5.61 29.36 2.71
CA VAL B 211 5.53 27.91 2.82
C VAL B 211 6.52 27.41 3.86
N PHE B 212 7.66 28.06 3.98
CA PHE B 212 8.66 27.72 4.97
C PHE B 212 9.00 29.01 5.69
N ASN B 213 8.58 29.10 6.93
CA ASN B 213 8.85 30.26 7.75
C ASN B 213 9.68 29.79 8.93
N VAL B 214 10.68 30.59 9.28
CA VAL B 214 11.53 30.31 10.43
C VAL B 214 11.34 31.44 11.42
N VAL B 215 10.81 31.09 12.58
CA VAL B 215 10.68 32.00 13.70
C VAL B 215 11.67 31.50 14.73
N THR B 216 12.80 32.17 14.82
CA THR B 216 13.81 31.77 15.76
C THR B 216 13.45 32.32 17.14
N GLY B 217 13.97 31.68 18.16
CA GLY B 217 13.68 32.09 19.50
C GLY B 217 13.67 30.90 20.43
N THR B 218 13.20 31.16 21.64
CA THR B 218 13.28 30.20 22.72
C THR B 218 12.10 29.24 22.67
N GLY B 219 12.30 28.06 23.25
CA GLY B 219 11.21 27.11 23.35
C GLY B 219 10.05 27.63 24.17
N ARG B 220 10.39 28.33 25.24
CA ARG B 220 9.36 28.88 26.15
C ARG B 220 8.54 29.97 25.46
N THR B 221 9.15 30.74 24.54
CA THR B 221 8.42 31.84 23.94
C THR B 221 7.86 31.35 22.62
N VAL B 222 8.72 31.11 21.64
CA VAL B 222 8.24 30.77 20.30
C VAL B 222 7.69 29.34 20.28
N GLY B 223 8.45 28.38 20.81
CA GLY B 223 8.00 27.00 20.77
C GLY B 223 6.66 26.80 21.45
N GLN B 224 6.56 27.30 22.68
CA GLN B 224 5.31 27.15 23.41
C GLN B 224 4.16 27.81 22.66
N ALA B 225 4.42 28.97 22.06
CA ALA B 225 3.37 29.65 21.31
C ALA B 225 2.95 28.83 20.10
N MET B 226 3.90 28.10 19.51
CA MET B 226 3.61 27.22 18.38
C MET B 226 2.72 26.07 18.80
N THR B 227 3.11 25.38 19.87
CA THR B 227 2.35 24.24 20.32
C THR B 227 0.97 24.66 20.79
N GLU B 228 0.84 25.87 21.30
CA GLU B 228 -0.45 26.38 21.71
C GLU B 228 -1.19 27.06 20.58
N HIS B 229 -0.59 27.14 19.39
CA HIS B 229 -1.15 28.02 18.39
C HIS B 229 -2.49 27.51 17.90
N GLN B 230 -3.45 28.42 17.81
CA GLN B 230 -4.79 28.05 17.41
C GLN B 230 -4.92 27.76 15.92
N ASP B 231 -3.89 28.05 15.13
CA ASP B 231 -3.97 27.92 13.68
C ASP B 231 -2.86 27.07 13.09
N ILE B 232 -2.09 26.40 13.93
CA ILE B 232 -1.18 25.36 13.50
C ILE B 232 -1.94 24.04 13.61
N ASP B 233 -2.06 23.36 12.49
CA ASP B 233 -2.86 22.15 12.41
C ASP B 233 -2.11 20.95 12.93
N MET B 234 -0.80 20.99 12.87
CA MET B 234 -0.02 19.86 13.32
C MET B 234 1.35 20.41 13.68
N LEU B 235 1.98 19.78 14.66
CA LEU B 235 3.31 20.22 15.05
C LEU B 235 4.23 19.02 15.07
N SER B 236 5.30 19.11 14.31
CA SER B 236 6.39 18.17 14.43
C SER B 236 7.30 18.68 15.52
N PHE B 237 7.40 17.94 16.61
CA PHE B 237 8.32 18.27 17.68
C PHE B 237 9.34 17.15 17.79
N THR B 238 10.60 17.54 17.79
CA THR B 238 11.70 16.63 18.05
C THR B 238 12.51 17.25 19.18
N GLY B 239 12.64 16.53 20.28
CA GLY B 239 13.25 17.07 21.48
C GLY B 239 12.92 16.17 22.66
N SER B 240 13.01 16.74 23.86
CA SER B 240 12.88 15.92 25.05
C SER B 240 11.46 15.41 25.21
N THR B 241 11.35 14.26 25.87
CA THR B 241 10.04 13.76 26.25
C THR B 241 9.31 14.78 27.13
N GLY B 242 10.06 15.47 27.99
CA GLY B 242 9.46 16.49 28.83
C GLY B 242 8.78 17.58 28.04
N VAL B 243 9.49 18.15 27.05
CA VAL B 243 8.88 19.22 26.27
C VAL B 243 7.84 18.64 25.33
N GLY B 244 8.04 17.40 24.88
CA GLY B 244 7.00 16.72 24.12
C GLY B 244 5.68 16.66 24.85
N LYS B 245 5.73 16.30 26.15
CA LYS B 245 4.50 16.28 26.93
C LYS B 245 3.90 17.67 27.01
N SER B 246 4.74 18.69 27.11
CA SER B 246 4.25 20.06 27.09
C SER B 246 3.56 20.36 25.76
N CYS B 247 4.13 19.85 24.65
CA CYS B 247 3.46 19.98 23.35
C CYS B 247 2.09 19.34 23.40
N ILE B 248 2.00 18.16 24.02
CA ILE B 248 0.72 17.45 24.10
C ILE B 248 -0.29 18.27 24.89
N HIS B 249 0.12 18.75 26.07
CA HIS B 249 -0.74 19.63 26.85
C HIS B 249 -1.21 20.81 26.01
N ALA B 250 -0.27 21.42 25.30
CA ALA B 250 -0.58 22.60 24.50
C ALA B 250 -1.54 22.26 23.39
N ALA B 251 -1.40 21.09 22.76
CA ALA B 251 -2.37 20.67 21.76
C ALA B 251 -3.74 20.56 22.38
N ALA B 252 -3.84 19.89 23.54
CA ALA B 252 -5.12 19.76 24.22
C ALA B 252 -5.68 21.12 24.63
N ASP B 253 -4.81 22.05 25.01
CA ASP B 253 -5.30 23.35 25.48
C ASP B 253 -5.58 24.31 24.34
N SER B 254 -5.18 23.96 23.11
CA SER B 254 -5.47 24.84 21.99
C SER B 254 -6.44 24.17 21.03
N ASN B 255 -5.93 23.73 19.89
CA ASN B 255 -6.79 23.37 18.78
C ASN B 255 -6.75 21.89 18.46
N LEU B 256 -6.22 21.07 19.36
CA LEU B 256 -6.11 19.64 19.15
C LEU B 256 -5.22 19.35 17.95
N LYS B 257 -4.27 20.25 17.71
CA LYS B 257 -3.32 20.04 16.64
C LYS B 257 -2.68 18.68 16.79
N LYS B 258 -2.49 18.00 15.67
CA LYS B 258 -1.78 16.76 15.72
C LYS B 258 -0.32 17.00 16.07
N LEU B 259 0.30 16.00 16.67
CA LEU B 259 1.70 16.11 17.08
C LEU B 259 2.46 14.93 16.50
N GLY B 260 3.50 15.23 15.75
CA GLY B 260 4.49 14.23 15.42
C GLY B 260 5.61 14.45 16.41
N LEU B 261 5.71 13.55 17.39
CA LEU B 261 6.63 13.69 18.50
C LEU B 261 7.78 12.72 18.28
N GLU B 262 8.98 13.26 18.28
CA GLU B 262 10.23 12.50 18.22
C GLU B 262 10.96 12.89 19.50
N LEU B 263 10.91 12.02 20.49
CA LEU B 263 11.24 12.37 21.86
C LEU B 263 12.53 11.68 22.28
N GLY B 264 12.67 11.43 23.57
CA GLY B 264 13.90 10.88 24.10
C GLY B 264 14.03 9.41 23.80
N GLY B 265 15.17 8.89 24.23
CA GLY B 265 15.43 7.47 24.12
C GLY B 265 16.46 7.02 25.13
N LYS B 266 16.42 5.74 25.41
CA LYS B 266 17.43 5.09 26.19
C LYS B 266 17.61 3.76 25.49
N ASN B 267 18.28 3.82 24.35
CA ASN B 267 18.12 2.75 23.39
C ASN B 267 19.03 1.59 23.72
N PRO B 268 18.51 0.38 23.62
CA PRO B 268 19.35 -0.79 23.85
C PRO B 268 20.17 -1.11 22.62
N ILE B 269 21.40 -1.55 22.85
CA ILE B 269 22.15 -2.25 21.82
C ILE B 269 22.45 -3.61 22.41
N VAL B 270 21.79 -4.63 21.86
CA VAL B 270 21.87 -6.00 22.37
C VAL B 270 22.97 -6.71 21.59
N VAL B 271 24.01 -7.16 22.30
CA VAL B 271 25.14 -7.83 21.66
C VAL B 271 25.17 -9.26 22.14
N PHE B 272 25.04 -10.19 21.21
CA PHE B 272 25.14 -11.60 21.53
C PHE B 272 26.58 -12.07 21.32
N ALA B 273 26.93 -13.13 22.07
CA ALA B 273 28.23 -13.75 21.97
C ALA B 273 28.54 -14.19 20.55
N ASP B 274 27.53 -14.56 19.78
CA ASP B 274 27.74 -15.03 18.43
C ASP B 274 27.73 -13.88 17.41
N SER B 275 27.76 -12.64 17.89
CA SER B 275 27.93 -11.55 16.95
C SER B 275 29.38 -11.46 16.53
N ASN B 276 29.63 -10.72 15.46
CA ASN B 276 30.99 -10.29 15.14
C ASN B 276 31.37 -9.26 16.20
N LEU B 277 32.15 -9.70 17.19
CA LEU B 277 32.38 -8.88 18.36
C LEU B 277 33.14 -7.62 18.00
N GLU B 278 34.07 -7.72 17.05
CA GLU B 278 34.81 -6.54 16.65
C GLU B 278 33.87 -5.54 15.98
N ASP B 279 33.03 -6.02 15.06
CA ASP B 279 32.04 -5.16 14.41
C ASP B 279 31.08 -4.57 15.42
N ALA B 280 30.57 -5.40 16.32
CA ALA B 280 29.61 -4.92 17.32
C ALA B 280 30.26 -3.89 18.25
N ALA B 281 31.51 -4.15 18.67
CA ALA B 281 32.22 -3.20 19.51
C ALA B 281 32.38 -1.86 18.83
N ASP B 282 32.79 -1.89 17.56
CA ASP B 282 32.85 -0.65 16.79
C ASP B 282 31.48 0.03 16.72
N ALA B 283 30.45 -0.75 16.43
CA ALA B 283 29.11 -0.19 16.34
C ALA B 283 28.61 0.34 17.67
N VAL B 284 28.92 -0.36 18.76
CA VAL B 284 28.52 0.12 20.07
C VAL B 284 29.22 1.43 20.38
N ALA B 285 30.54 1.46 20.18
CA ALA B 285 31.30 2.69 20.40
C ALA B 285 30.74 3.80 19.54
N PHE B 286 30.52 3.52 18.25
CA PHE B 286 29.88 4.50 17.39
C PHE B 286 28.52 4.88 17.94
N GLY B 287 27.71 3.87 18.29
CA GLY B 287 26.32 4.12 18.64
C GLY B 287 26.14 5.05 19.82
N ILE B 288 27.07 5.02 20.77
CA ILE B 288 26.99 5.92 21.90
C ILE B 288 27.88 7.16 21.72
N SER B 289 28.88 7.09 20.84
CA SER B 289 29.78 8.23 20.69
C SER B 289 29.43 9.16 19.55
N PHE B 290 28.69 8.68 18.55
CA PHE B 290 28.27 9.52 17.44
C PHE B 290 27.58 10.78 17.95
N ASN B 291 27.99 11.94 17.41
CA ASN B 291 27.49 13.22 17.85
C ASN B 291 27.75 13.44 19.33
N THR B 292 28.85 12.85 19.81
CA THR B 292 29.24 12.86 21.21
C THR B 292 28.08 12.41 22.08
N GLY B 293 27.39 11.36 21.63
CA GLY B 293 26.26 10.85 22.36
C GLY B 293 25.06 11.77 22.40
N GLN B 294 25.14 12.94 21.77
CA GLN B 294 24.00 13.85 21.71
C GLN B 294 23.12 13.36 20.56
N CYS B 295 22.50 12.23 20.83
CA CYS B 295 21.82 11.48 19.79
C CYS B 295 20.70 10.71 20.46
N ALA B 296 19.48 10.93 19.99
CA ALA B 296 18.35 10.26 20.60
C ALA B 296 18.32 8.78 20.25
N VAL B 297 18.93 8.39 19.12
CA VAL B 297 19.01 6.99 18.76
C VAL B 297 20.34 6.38 19.19
N SER B 298 21.10 7.09 20.01
CA SER B 298 22.35 6.54 20.51
C SER B 298 22.08 5.25 21.26
N SER B 299 22.99 4.31 21.11
CA SER B 299 22.87 3.03 21.81
C SER B 299 23.49 3.26 23.18
N SER B 300 22.68 3.75 24.11
CA SER B 300 23.15 4.13 25.43
C SER B 300 23.13 2.97 26.42
N ARG B 301 22.43 1.89 26.12
CA ARG B 301 22.34 0.75 27.03
C ARG B 301 22.85 -0.47 26.28
N LEU B 302 24.09 -0.85 26.57
CA LEU B 302 24.68 -2.07 26.05
C LEU B 302 24.12 -3.26 26.82
N ILE B 303 23.51 -4.18 26.11
CA ILE B 303 22.97 -5.37 26.72
C ILE B 303 23.69 -6.52 26.05
N VAL B 304 24.73 -7.03 26.71
CA VAL B 304 25.67 -7.95 26.09
C VAL B 304 25.58 -9.29 26.80
N GLU B 305 25.64 -10.36 26.02
CA GLU B 305 25.60 -11.73 26.58
C GLU B 305 26.72 -11.88 27.58
N ARG B 306 26.39 -12.44 28.74
CA ARG B 306 27.33 -12.52 29.85
C ARG B 306 28.63 -13.22 29.49
N SER B 307 28.55 -14.24 28.64
CA SER B 307 29.75 -15.02 28.31
C SER B 307 30.82 -14.17 27.64
N VAL B 308 30.43 -13.12 26.92
CA VAL B 308 31.40 -12.24 26.28
C VAL B 308 31.32 -10.84 26.87
N ALA B 309 30.51 -10.66 27.91
CA ALA B 309 30.18 -9.32 28.37
C ALA B 309 31.43 -8.54 28.76
N GLU B 310 32.25 -9.14 29.63
CA GLU B 310 33.40 -8.40 30.13
C GLU B 310 34.44 -8.21 29.03
N LYS B 311 34.61 -9.21 28.15
CA LYS B 311 35.49 -8.99 27.02
C LYS B 311 34.92 -7.90 26.12
N PHE B 312 33.61 -7.98 25.84
CA PHE B 312 33.02 -7.05 24.89
C PHE B 312 33.08 -5.63 25.39
N GLU B 313 32.79 -5.41 26.68
CA GLU B 313 32.92 -4.09 27.26
C GLU B 313 34.31 -3.53 27.03
N ARG B 314 35.32 -4.37 27.19
CA ARG B 314 36.67 -3.94 26.94
C ARG B 314 36.89 -3.65 25.47
N LEU B 315 36.32 -4.48 24.58
CA LEU B 315 36.39 -4.18 23.15
C LEU B 315 35.81 -2.80 22.87
N VAL B 316 34.72 -2.46 23.56
CA VAL B 316 34.14 -1.14 23.37
C VAL B 316 35.08 -0.08 23.91
N VAL B 317 35.70 -0.34 25.06
CA VAL B 317 36.66 0.60 25.61
C VAL B 317 37.76 0.88 24.61
N ALA B 318 38.36 -0.18 24.06
CA ALA B 318 39.40 -0.01 23.06
C ALA B 318 38.88 0.82 21.90
N LYS B 319 37.64 0.55 21.48
CA LYS B 319 37.07 1.32 20.39
C LYS B 319 36.89 2.77 20.80
N MET B 320 36.32 3.00 21.99
CA MET B 320 36.07 4.38 22.43
C MET B 320 37.35 5.16 22.63
N GLU B 321 38.39 4.52 23.17
CA GLU B 321 39.61 5.26 23.41
C GLU B 321 40.32 5.63 22.12
N LYS B 322 39.96 5.02 21.01
CA LYS B 322 40.57 5.38 19.73
C LYS B 322 39.74 6.40 18.98
N ILE B 323 38.60 6.82 19.52
CA ILE B 323 37.75 7.79 18.86
C ILE B 323 38.46 9.13 18.85
N ARG B 324 38.68 9.69 17.66
CA ARG B 324 39.39 10.95 17.56
C ARG B 324 38.49 12.07 18.06
N VAL B 325 38.80 12.61 19.23
CA VAL B 325 38.13 13.79 19.78
C VAL B 325 39.01 14.99 19.48
N GLY B 326 38.38 16.12 19.16
CA GLY B 326 39.17 17.29 18.83
C GLY B 326 38.33 18.36 18.16
N ASP B 327 39.04 19.31 17.55
CA ASP B 327 38.41 20.42 16.85
C ASP B 327 37.48 19.85 15.79
N PRO B 328 36.18 20.15 15.84
CA PRO B 328 35.27 19.57 14.85
C PRO B 328 35.64 19.91 13.43
N PHE B 329 36.39 20.98 13.21
CA PHE B 329 36.81 21.32 11.86
C PHE B 329 38.00 20.51 11.40
N ASP B 330 38.66 19.79 12.28
CA ASP B 330 39.60 18.80 11.85
C ASP B 330 38.82 17.71 11.11
N PRO B 331 39.07 17.47 9.82
CA PRO B 331 38.30 16.42 9.13
C PRO B 331 38.50 15.05 9.76
N GLU B 332 39.54 14.88 10.56
CA GLU B 332 39.81 13.64 11.28
C GLU B 332 39.04 13.52 12.59
N THR B 333 38.56 14.64 13.13
CA THR B 333 37.78 14.59 14.36
C THR B 333 36.54 13.73 14.14
N GLN B 334 36.30 12.80 15.06
CA GLN B 334 35.16 11.92 14.92
C GLN B 334 34.00 12.29 15.81
N ILE B 335 34.26 12.86 16.98
CA ILE B 335 33.19 13.39 17.81
C ILE B 335 33.58 14.80 18.22
N GLY B 336 32.59 15.68 18.26
CA GLY B 336 32.82 17.06 18.57
C GLY B 336 32.37 17.48 19.95
N ALA B 337 32.06 18.77 20.06
CA ALA B 337 31.78 19.38 21.35
C ALA B 337 30.37 19.02 21.80
N ILE B 338 30.19 19.05 23.12
CA ILE B 338 28.85 19.08 23.66
C ILE B 338 28.23 20.41 23.29
N THR B 339 27.01 20.38 22.79
CA THR B 339 26.48 21.53 22.09
C THR B 339 26.12 22.65 23.07
N THR B 340 25.58 22.29 24.23
CA THR B 340 25.19 23.29 25.22
C THR B 340 25.86 23.01 26.55
N GLU B 341 26.03 24.08 27.33
CA GLU B 341 26.60 23.93 28.66
C GLU B 341 25.67 23.15 29.56
N ALA B 342 24.37 23.40 29.45
CA ALA B 342 23.40 22.64 30.22
C ALA B 342 23.56 21.15 29.97
N GLN B 343 23.64 20.74 28.70
CA GLN B 343 23.79 19.33 28.39
C GLN B 343 25.13 18.82 28.87
N ASN B 344 26.17 19.64 28.72
CA ASN B 344 27.49 19.28 29.22
C ASN B 344 27.44 19.02 30.73
N LYS B 345 26.82 19.93 31.48
CA LYS B 345 26.67 19.71 32.92
C LYS B 345 25.84 18.47 33.18
N THR B 346 24.71 18.32 32.47
CA THR B 346 23.86 17.13 32.62
C THR B 346 24.68 15.85 32.42
N ILE B 347 25.47 15.78 31.35
CA ILE B 347 26.24 14.57 31.09
C ILE B 347 27.24 14.33 32.23
N LEU B 348 28.00 15.37 32.59
CA LEU B 348 28.98 15.24 33.65
C LEU B 348 28.32 14.82 34.96
N ASP B 349 27.19 15.44 35.29
CA ASP B 349 26.44 15.05 36.48
C ASP B 349 26.04 13.60 36.41
N TYR B 350 25.60 13.14 35.24
CA TYR B 350 25.20 11.74 35.13
C TYR B 350 26.39 10.81 35.28
N ILE B 351 27.54 11.20 34.77
CA ILE B 351 28.75 10.43 35.03
C ILE B 351 29.06 10.41 36.51
N ALA B 352 28.96 11.56 37.16
CA ALA B 352 29.16 11.63 38.60
C ALA B 352 28.16 10.72 39.32
N LYS B 353 26.88 10.80 38.96
CA LYS B 353 25.88 9.93 39.57
C LYS B 353 26.19 8.46 39.31
N GLY B 354 26.63 8.13 38.09
CA GLY B 354 27.03 6.77 37.79
C GLY B 354 28.08 6.27 38.77
N LYS B 355 29.13 7.06 38.98
CA LYS B 355 30.17 6.67 39.92
C LYS B 355 29.61 6.59 41.33
N ALA B 356 28.88 7.63 41.74
CA ALA B 356 28.35 7.71 43.09
C ALA B 356 27.40 6.56 43.38
N GLU B 357 26.67 6.10 42.39
CA GLU B 357 25.71 5.03 42.59
C GLU B 357 26.33 3.64 42.51
N GLY B 358 27.65 3.57 42.32
CA GLY B 358 28.37 2.32 42.38
C GLY B 358 28.67 1.68 41.05
N ALA B 359 28.34 2.34 39.94
CA ALA B 359 28.71 1.78 38.65
C ALA B 359 30.22 1.84 38.46
N LYS B 360 30.74 0.85 37.75
CA LYS B 360 32.17 0.73 37.50
C LYS B 360 32.50 1.49 36.22
N LEU B 361 33.32 2.53 36.34
CA LEU B 361 33.81 3.26 35.18
C LEU B 361 34.86 2.43 34.47
N LEU B 362 34.65 2.12 33.19
CA LEU B 362 35.63 1.37 32.44
C LEU B 362 36.50 2.25 31.55
N CYS B 363 35.98 3.39 31.10
CA CYS B 363 36.76 4.29 30.28
C CYS B 363 36.04 5.63 30.28
N GLY B 364 36.78 6.67 29.91
CA GLY B 364 36.18 7.99 29.85
C GLY B 364 35.81 8.45 31.24
N GLY B 365 34.63 9.04 31.36
CA GLY B 365 34.17 9.52 32.65
C GLY B 365 34.47 10.97 32.93
N GLY B 366 35.20 11.64 32.05
CA GLY B 366 35.54 13.02 32.28
C GLY B 366 35.51 13.80 30.99
N ILE B 367 35.79 15.10 31.12
CA ILE B 367 35.92 15.95 29.97
C ILE B 367 37.19 15.62 29.20
N VAL B 368 37.25 16.08 27.96
CA VAL B 368 38.49 16.21 27.20
C VAL B 368 38.87 17.69 27.25
N ASP B 369 40.02 17.99 27.83
CA ASP B 369 40.40 19.37 28.07
C ASP B 369 41.25 19.85 26.89
N PHE B 370 40.65 20.64 26.02
CA PHE B 370 41.36 21.33 24.97
C PHE B 370 41.61 22.78 25.33
N GLY B 371 41.27 23.19 26.55
CA GLY B 371 41.40 24.56 27.00
C GLY B 371 40.35 25.46 26.39
N LYS B 372 39.75 24.90 25.33
CA LYS B 372 38.66 25.61 24.62
C LYS B 372 37.52 24.60 24.41
N GLY B 373 36.30 25.11 24.35
CA GLY B 373 35.11 24.30 24.17
C GLY B 373 34.78 23.26 25.23
N GLN B 374 33.74 22.48 24.98
CA GLN B 374 33.25 21.48 25.93
C GLN B 374 33.22 20.12 25.25
N TYR B 375 34.16 19.26 25.60
CA TYR B 375 34.24 17.92 25.08
C TYR B 375 34.14 16.91 26.22
N ILE B 376 33.55 15.76 25.94
CA ILE B 376 33.40 14.73 26.95
C ILE B 376 33.88 13.42 26.34
N GLN B 377 34.68 12.68 27.11
CA GLN B 377 35.19 11.42 26.64
C GLN B 377 34.06 10.43 26.46
N PRO B 378 34.14 9.57 25.45
CA PRO B 378 33.27 8.39 25.42
C PRO B 378 33.49 7.58 26.69
N THR B 379 32.37 7.26 27.34
CA THR B 379 32.35 6.75 28.70
C THR B 379 31.57 5.45 28.71
N LEU B 380 32.15 4.43 29.30
CA LEU B 380 31.48 3.14 29.45
C LEU B 380 31.41 2.83 30.92
N PHE B 381 30.19 2.62 31.43
CA PHE B 381 29.94 2.12 32.76
C PHE B 381 29.49 0.68 32.68
N THR B 382 30.02 -0.15 33.58
CA THR B 382 29.42 -1.46 33.77
C THR B 382 29.01 -1.58 35.24
N ASP B 383 28.60 -2.79 35.62
CA ASP B 383 28.01 -3.02 36.94
C ASP B 383 26.90 -2.01 37.19
N VAL B 384 26.05 -1.82 36.20
CA VAL B 384 24.95 -0.90 36.31
C VAL B 384 23.74 -1.69 36.77
N LYS B 385 23.13 -1.29 37.86
CA LYS B 385 21.89 -1.99 38.27
C LYS B 385 20.75 -1.30 37.52
N PRO B 386 19.69 -2.00 37.08
CA PRO B 386 18.62 -1.27 36.38
C PRO B 386 18.06 -0.04 37.11
N SER B 387 18.23 0.04 38.42
CA SER B 387 17.68 1.16 39.17
C SER B 387 18.57 2.41 39.17
N MET B 388 19.79 2.33 38.68
CA MET B 388 20.64 3.52 38.67
C MET B 388 20.12 4.55 37.68
N GLY B 389 20.46 5.81 37.96
CA GLY B 389 20.04 6.88 37.08
C GLY B 389 20.56 6.70 35.67
N ILE B 390 21.85 6.34 35.56
CA ILE B 390 22.47 6.18 34.25
C ILE B 390 21.88 5.01 33.51
N ALA B 391 21.23 4.08 34.22
CA ALA B 391 20.51 2.97 33.60
C ALA B 391 19.21 3.44 32.96
N ARG B 392 18.56 4.42 33.58
CA ARG B 392 17.21 4.78 33.19
C ARG B 392 17.14 6.09 32.43
N ASP B 393 17.86 7.10 32.90
CA ASP B 393 17.75 8.43 32.34
C ASP B 393 18.54 8.59 31.05
N GLU B 394 17.96 9.34 30.12
CA GLU B 394 18.67 9.70 28.91
C GLU B 394 19.75 10.71 29.25
N ILE B 395 21.01 10.30 29.09
CA ILE B 395 22.10 11.18 29.43
C ILE B 395 22.37 12.16 28.30
N PHE B 396 22.10 11.76 27.07
CA PHE B 396 22.38 12.56 25.89
C PHE B 396 23.85 12.95 25.86
N GLY B 397 24.69 12.01 26.25
CA GLY B 397 26.11 12.18 26.12
C GLY B 397 26.69 10.85 25.74
N PRO B 398 27.98 10.81 25.54
CA PRO B 398 28.66 9.58 25.09
C PRO B 398 28.89 8.63 26.25
N VAL B 399 27.81 8.29 26.96
CA VAL B 399 27.89 7.56 28.19
C VAL B 399 27.12 6.26 28.00
N LEU B 400 27.86 5.17 27.97
CA LEU B 400 27.31 3.86 27.73
C LEU B 400 27.16 3.15 29.06
N ALA B 401 25.98 2.62 29.31
CA ALA B 401 25.71 1.77 30.47
C ALA B 401 25.58 0.34 29.95
N SER B 402 26.35 -0.57 30.54
CA SER B 402 26.41 -1.95 30.07
C SER B 402 25.65 -2.89 30.99
N PHE B 403 24.83 -3.75 30.40
CA PHE B 403 24.07 -4.72 31.17
C PHE B 403 24.32 -6.11 30.61
N HIS B 404 24.36 -7.11 31.47
CA HIS B 404 24.67 -8.47 31.04
C HIS B 404 23.42 -9.32 31.07
N PHE B 405 23.38 -10.33 30.20
CA PHE B 405 22.24 -11.23 30.17
C PHE B 405 22.70 -12.64 29.82
N ASP B 406 21.88 -13.61 30.19
CA ASP B 406 22.13 -15.00 29.84
C ASP B 406 21.25 -15.49 28.71
N THR B 407 20.01 -15.03 28.66
CA THR B 407 19.06 -15.56 27.69
C THR B 407 18.54 -14.45 26.79
N VAL B 408 18.06 -14.88 25.63
CA VAL B 408 17.40 -13.98 24.71
C VAL B 408 16.27 -13.24 25.43
N ASP B 409 15.47 -13.97 26.22
CA ASP B 409 14.37 -13.34 26.95
C ASP B 409 14.87 -12.24 27.88
N GLU B 410 15.96 -12.53 28.61
CA GLU B 410 16.49 -11.51 29.50
C GLU B 410 16.97 -10.32 28.70
N ALA B 411 17.66 -10.58 27.60
CA ALA B 411 18.14 -9.51 26.74
C ALA B 411 16.99 -8.62 26.29
N ILE B 412 15.88 -9.21 25.83
CA ILE B 412 14.81 -8.35 25.36
C ILE B 412 14.14 -7.66 26.54
N ALA B 413 14.04 -8.34 27.71
CA ALA B 413 13.42 -7.70 28.87
C ALA B 413 14.24 -6.52 29.36
N ILE B 414 15.56 -6.68 29.45
CA ILE B 414 16.41 -5.54 29.77
C ILE B 414 16.26 -4.48 28.68
N ALA B 415 16.31 -4.89 27.42
CA ALA B 415 16.16 -3.93 26.32
C ALA B 415 14.84 -3.18 26.43
N ASN B 416 13.77 -3.90 26.81
CA ASN B 416 12.46 -3.29 26.97
C ASN B 416 12.29 -2.56 28.28
N ASP B 417 13.24 -2.72 29.21
CA ASP B 417 13.09 -2.15 30.55
C ASP B 417 13.42 -0.66 30.45
N THR B 418 12.49 0.06 29.85
CA THR B 418 12.64 1.48 29.65
C THR B 418 11.27 2.06 29.36
N VAL B 419 11.11 3.31 29.75
CA VAL B 419 9.93 4.08 29.41
C VAL B 419 9.96 4.48 27.94
N TYR B 420 11.13 4.44 27.32
CA TYR B 420 11.34 4.90 25.96
C TYR B 420 11.20 3.72 24.99
N GLY B 421 11.39 4.01 23.72
CA GLY B 421 11.31 2.98 22.71
C GLY B 421 11.65 3.55 21.36
N LEU B 422 12.68 4.37 21.31
CA LEU B 422 13.01 5.03 20.05
C LEU B 422 13.73 4.07 19.11
N ALA B 423 14.82 3.48 19.59
CA ALA B 423 15.74 2.73 18.76
C ALA B 423 16.23 1.52 19.54
N ALA B 424 16.73 0.56 18.79
CA ALA B 424 17.35 -0.61 19.38
C ALA B 424 18.25 -1.21 18.32
N SER B 425 19.25 -1.91 18.80
CA SER B 425 20.23 -2.53 17.94
C SER B 425 20.44 -3.93 18.46
N VAL B 426 20.51 -4.90 17.57
CA VAL B 426 20.84 -6.25 17.99
C VAL B 426 21.99 -6.74 17.13
N TRP B 427 22.97 -7.34 17.77
CA TRP B 427 24.14 -7.88 17.12
C TRP B 427 24.17 -9.36 17.40
N SER B 428 24.00 -10.14 16.34
CA SER B 428 24.03 -11.59 16.44
C SER B 428 24.07 -12.13 15.03
N LYS B 429 24.87 -13.18 14.84
CA LYS B 429 24.80 -13.87 13.57
C LYS B 429 23.61 -14.83 13.52
N ASP B 430 22.98 -15.04 14.66
CA ASP B 430 21.88 -15.97 14.76
C ASP B 430 20.59 -15.30 14.30
N ILE B 431 20.00 -15.82 13.22
CA ILE B 431 18.81 -15.21 12.64
C ILE B 431 17.67 -15.21 13.66
N ASP B 432 17.55 -16.28 14.43
CA ASP B 432 16.43 -16.40 15.41
C ASP B 432 16.63 -15.39 16.53
N LYS B 433 17.84 -15.28 17.05
CA LYS B 433 18.12 -14.27 18.06
C LYS B 433 17.87 -12.87 17.51
N ALA B 434 18.37 -12.61 16.30
CA ALA B 434 18.16 -11.32 15.69
C ALA B 434 16.67 -11.02 15.52
N LEU B 435 15.91 -11.99 14.99
CA LEU B 435 14.50 -11.75 14.76
C LEU B 435 13.73 -11.67 16.06
N ALA B 436 14.10 -12.49 17.04
CA ALA B 436 13.43 -12.43 18.34
C ALA B 436 13.63 -11.07 18.98
N VAL B 437 14.87 -10.61 19.07
CA VAL B 437 15.09 -9.31 19.68
C VAL B 437 14.40 -8.24 18.84
N THR B 438 14.57 -8.32 17.52
CA THR B 438 13.97 -7.33 16.62
C THR B 438 12.47 -7.27 16.80
N ARG B 439 11.81 -8.42 16.85
CA ARG B 439 10.36 -8.44 16.92
C ARG B 439 9.82 -8.16 18.32
N ARG B 440 10.58 -8.44 19.38
CA ARG B 440 10.02 -8.35 20.72
C ARG B 440 10.49 -7.14 21.49
N VAL B 441 11.49 -6.42 20.99
CA VAL B 441 11.92 -5.19 21.65
C VAL B 441 11.14 -4.02 21.06
N ARG B 442 10.54 -3.23 21.95
CA ARG B 442 9.63 -2.15 21.59
C ARG B 442 10.45 -0.91 21.25
N ALA B 443 11.00 -0.90 20.04
CA ALA B 443 11.74 0.24 19.53
C ALA B 443 11.29 0.50 18.11
N GLY B 444 11.15 1.78 17.75
CA GLY B 444 10.67 2.13 16.42
C GLY B 444 11.72 2.06 15.34
N ARG B 445 12.99 2.13 15.71
CA ARG B 445 14.09 2.09 14.76
C ARG B 445 15.01 0.95 15.17
N PHE B 446 15.08 -0.09 14.35
CA PHE B 446 15.84 -1.25 14.76
C PHE B 446 16.99 -1.46 13.80
N TRP B 447 18.15 -1.80 14.36
CA TRP B 447 19.33 -2.12 13.58
C TRP B 447 19.80 -3.52 13.94
N VAL B 448 19.99 -4.34 12.93
CA VAL B 448 20.47 -5.70 13.11
C VAL B 448 21.87 -5.74 12.51
N ASN B 449 22.86 -6.00 13.36
CA ASN B 449 24.26 -6.05 12.92
C ASN B 449 24.65 -4.77 12.19
N THR B 450 24.09 -3.66 12.65
CA THR B 450 24.43 -2.33 12.16
C THR B 450 23.96 -1.36 13.22
N ILE B 451 24.21 -0.07 13.00
CA ILE B 451 23.73 1.00 13.86
C ILE B 451 23.55 2.24 13.00
N MET B 452 22.43 2.92 13.18
CA MET B 452 22.25 4.25 12.59
C MET B 452 22.51 4.22 11.09
N SER B 453 22.02 3.18 10.46
CA SER B 453 22.13 3.03 9.02
C SER B 453 20.71 3.10 8.49
N GLY B 454 20.61 3.22 7.17
CA GLY B 454 19.30 3.33 6.56
C GLY B 454 18.96 4.78 6.31
N GLY B 455 18.57 5.06 5.08
CA GLY B 455 18.19 6.38 4.66
C GLY B 455 16.72 6.67 4.87
N PRO B 456 16.25 7.75 4.25
CA PRO B 456 14.88 8.23 4.46
C PRO B 456 13.82 7.40 3.73
N GLU B 457 14.19 6.26 3.16
CA GLU B 457 13.17 5.38 2.60
C GLU B 457 12.25 4.85 3.68
N THR B 458 12.75 4.73 4.91
CA THR B 458 12.02 4.07 5.95
C THR B 458 11.50 5.09 6.97
N PRO B 459 10.33 4.84 7.56
CA PRO B 459 9.84 5.73 8.60
C PRO B 459 10.69 5.62 9.85
N LEU B 460 10.74 6.68 10.61
CA LEU B 460 11.46 6.66 11.87
C LEU B 460 10.54 7.23 12.93
N GLY B 461 10.71 6.72 14.13
CA GLY B 461 9.91 7.18 15.25
C GLY B 461 10.08 6.19 16.37
N GLY B 462 9.36 6.45 17.43
CA GLY B 462 9.55 5.65 18.61
C GLY B 462 8.29 4.99 19.08
N PHE B 463 8.46 3.99 19.94
CA PHE B 463 7.40 3.46 20.78
C PHE B 463 7.34 4.25 22.06
N LYS B 464 6.27 4.00 22.82
CA LYS B 464 6.17 4.39 24.23
C LYS B 464 6.46 5.89 24.34
N GLN B 465 7.32 6.32 25.25
CA GLN B 465 7.51 7.74 25.52
C GLN B 465 8.52 8.35 24.57
N SER B 466 8.95 7.61 23.56
CA SER B 466 9.88 8.15 22.59
C SER B 466 9.19 8.92 21.49
N GLY B 467 7.88 8.91 21.45
CA GLY B 467 7.20 9.84 20.57
C GLY B 467 5.91 9.29 20.02
N TRP B 468 5.30 10.10 19.16
CA TRP B 468 4.09 9.80 18.43
C TRP B 468 4.35 10.01 16.96
N GLY B 469 3.80 9.12 16.14
CA GLY B 469 3.91 9.24 14.71
C GLY B 469 5.26 8.77 14.20
N ARG B 470 5.39 8.83 12.87
CA ARG B 470 6.60 8.46 12.20
C ARG B 470 7.01 9.58 11.25
N GLU B 471 8.31 9.66 10.97
CA GLU B 471 8.88 10.67 10.10
C GLU B 471 9.66 9.96 9.00
N ALA B 472 9.94 10.71 7.93
CA ALA B 472 10.62 10.17 6.76
C ALA B 472 9.85 9.02 6.13
N GLY B 473 10.42 8.43 5.08
CA GLY B 473 9.68 7.49 4.25
C GLY B 473 8.47 8.18 3.63
N LEU B 474 7.68 7.38 2.94
CA LEU B 474 6.36 7.86 2.57
C LEU B 474 5.50 8.08 3.82
N TYR B 475 5.69 7.26 4.86
CA TYR B 475 4.98 7.43 6.13
C TYR B 475 5.07 8.85 6.65
N GLY B 476 6.28 9.39 6.66
CA GLY B 476 6.48 10.72 7.19
C GLY B 476 5.75 11.77 6.40
N VAL B 477 5.65 11.58 5.08
CA VAL B 477 4.82 12.49 4.29
C VAL B 477 3.35 12.29 4.63
N GLU B 478 2.92 11.03 4.72
CA GLU B 478 1.52 10.75 5.06
C GLU B 478 1.18 11.25 6.45
N GLU B 479 2.18 11.30 7.35
CA GLU B 479 1.93 11.72 8.72
C GLU B 479 1.37 13.13 8.79
N TYR B 480 1.71 13.97 7.82
CA TYR B 480 1.29 15.36 7.76
C TYR B 480 0.16 15.58 6.78
N THR B 481 -0.54 14.52 6.41
CA THR B 481 -1.76 14.61 5.65
C THR B 481 -2.93 14.19 6.52
N GLN B 482 -4.10 14.65 6.14
CA GLN B 482 -5.30 14.14 6.76
C GLN B 482 -5.93 13.12 5.82
N ILE B 483 -6.49 12.08 6.39
CA ILE B 483 -7.16 11.04 5.62
C ILE B 483 -8.63 11.43 5.55
N LYS B 484 -9.15 11.52 4.33
CA LYS B 484 -10.53 11.91 4.08
C LYS B 484 -11.18 10.77 3.31
N SER B 485 -12.05 10.02 3.99
CA SER B 485 -12.81 9.01 3.28
C SER B 485 -13.98 9.68 2.57
N VAL B 486 -14.27 9.21 1.38
CA VAL B 486 -15.31 9.79 0.57
C VAL B 486 -16.15 8.64 0.07
N HIS B 487 -17.43 8.72 0.37
CA HIS B 487 -18.38 7.71 -0.16
C HIS B 487 -19.32 8.45 -1.10
N ILE B 488 -19.33 8.04 -2.35
CA ILE B 488 -20.23 8.66 -3.35
C ILE B 488 -21.31 7.64 -3.70
N GLU B 489 -22.55 8.03 -3.51
CA GLU B 489 -23.69 7.19 -3.91
C GLU B 489 -24.09 7.69 -5.30
N THR B 490 -24.14 6.80 -6.29
CA THR B 490 -24.47 7.15 -7.66
C THR B 490 -25.84 6.67 -8.09
N GLY B 491 -26.37 5.60 -7.45
CA GLY B 491 -27.74 5.21 -7.68
C GLY B 491 -28.69 6.10 -6.92
N LYS B 492 -29.98 6.02 -7.27
CA LYS B 492 -30.96 6.85 -6.58
C LYS B 492 -31.10 6.42 -5.14
N ARG B 493 -31.24 7.40 -4.27
CA ARG B 493 -31.28 7.15 -2.85
C ARG B 493 -32.62 6.51 -2.49
N SER B 494 -32.56 5.42 -1.73
CA SER B 494 -33.77 4.87 -1.15
C SER B 494 -34.10 5.71 0.07
N HIS B 495 -35.23 6.43 0.02
CA HIS B 495 -35.50 7.45 1.02
C HIS B 495 -35.71 6.82 2.40
N TRP B 496 -35.20 7.52 3.41
CA TRP B 496 -35.41 7.12 4.79
C TRP B 496 -36.83 7.44 5.25
N ILE B 497 -37.40 8.51 4.74
CA ILE B 497 -38.71 9.01 5.15
C ILE B 497 -39.65 8.85 3.96
N SER B 498 -40.77 8.15 4.19
CA SER B 498 -41.81 7.93 3.17
C SER B 498 -42.48 9.23 2.73
N VAL C 8 -12.56 -46.80 6.69
CA VAL C 8 -13.03 -46.06 5.51
C VAL C 8 -13.41 -46.98 4.36
N SER C 9 -14.63 -46.79 3.85
CA SER C 9 -15.16 -47.58 2.75
C SER C 9 -14.93 -46.84 1.44
N LEU C 10 -14.45 -47.55 0.44
CA LEU C 10 -14.35 -47.00 -0.89
C LEU C 10 -15.71 -47.14 -1.58
N PRO C 11 -15.98 -46.32 -2.59
CA PRO C 11 -17.31 -46.35 -3.21
C PRO C 11 -17.61 -47.71 -3.83
N LEU C 12 -18.83 -48.20 -3.56
CA LEU C 12 -19.27 -49.47 -4.12
C LEU C 12 -19.35 -49.41 -5.65
N LYS C 13 -19.91 -48.33 -6.17
CA LYS C 13 -19.94 -47.99 -7.58
C LYS C 13 -19.41 -46.56 -7.70
N PRO C 14 -18.72 -46.25 -8.79
CA PRO C 14 -18.15 -44.91 -8.92
C PRO C 14 -19.24 -43.86 -8.86
N ARG C 15 -18.97 -42.78 -8.12
CA ARG C 15 -19.94 -41.71 -8.00
C ARG C 15 -19.98 -40.91 -9.30
N GLU C 16 -21.15 -40.82 -9.91
CA GLU C 16 -21.29 -40.05 -11.14
C GLU C 16 -21.55 -38.60 -10.77
N PHE C 17 -20.68 -37.72 -11.24
CA PHE C 17 -20.86 -36.30 -11.06
C PHE C 17 -21.50 -35.68 -12.28
N GLY C 18 -22.10 -34.53 -12.08
CA GLY C 18 -22.43 -33.64 -13.17
C GLY C 18 -21.34 -32.60 -13.28
N PHE C 19 -21.40 -31.83 -14.35
CA PHE C 19 -20.65 -30.60 -14.40
C PHE C 19 -21.59 -29.46 -14.04
N PHE C 20 -21.03 -28.29 -13.87
CA PHE C 20 -21.73 -27.21 -13.18
C PHE C 20 -21.68 -25.97 -14.04
N ILE C 21 -22.84 -25.59 -14.58
CA ILE C 21 -22.96 -24.41 -15.41
C ILE C 21 -24.17 -23.62 -14.95
N ASP C 22 -23.97 -22.32 -14.70
CA ASP C 22 -25.04 -21.39 -14.38
C ASP C 22 -25.86 -21.91 -13.22
N GLY C 23 -25.17 -22.36 -12.17
CA GLY C 23 -25.82 -22.81 -10.96
C GLY C 23 -26.53 -24.15 -11.07
N GLU C 24 -26.48 -24.79 -12.23
CA GLU C 24 -27.20 -26.03 -12.46
C GLU C 24 -26.20 -27.18 -12.62
N TRP C 25 -26.50 -28.30 -11.96
CA TRP C 25 -25.79 -29.53 -12.24
C TRP C 25 -26.23 -30.07 -13.60
N ARG C 26 -25.25 -30.47 -14.41
CA ARG C 26 -25.51 -30.89 -15.77
C ARG C 26 -25.11 -32.34 -15.91
N ALA C 27 -26.03 -33.16 -16.41
CA ALA C 27 -25.70 -34.55 -16.68
C ALA C 27 -24.65 -34.61 -17.76
N GLY C 28 -23.68 -35.48 -17.58
CA GLY C 28 -22.76 -35.74 -18.66
C GLY C 28 -23.39 -36.63 -19.72
N LYS C 29 -22.79 -36.62 -20.91
CA LYS C 29 -23.08 -37.62 -21.92
C LYS C 29 -21.95 -38.63 -21.95
N ASP C 30 -20.74 -38.15 -22.16
CA ASP C 30 -19.53 -38.92 -22.03
C ASP C 30 -18.91 -38.66 -20.67
N PHE C 31 -18.25 -39.67 -20.14
CA PHE C 31 -17.71 -39.63 -18.81
C PHE C 31 -16.29 -40.14 -18.83
N PHE C 32 -15.46 -39.50 -18.03
CA PHE C 32 -14.16 -40.03 -17.70
C PHE C 32 -14.34 -40.92 -16.49
N ASP C 33 -13.82 -42.13 -16.54
CA ASP C 33 -13.90 -43.05 -15.42
C ASP C 33 -12.61 -42.98 -14.64
N ARG C 34 -12.71 -42.54 -13.39
CA ARG C 34 -11.53 -42.34 -12.55
C ARG C 34 -11.50 -43.43 -11.49
N SER C 35 -10.37 -44.12 -11.41
CA SER C 35 -10.16 -45.07 -10.34
C SER C 35 -9.22 -44.47 -9.30
N SER C 36 -9.41 -44.88 -8.06
CA SER C 36 -8.51 -44.46 -7.01
C SER C 36 -7.08 -44.83 -7.40
N PRO C 37 -6.16 -43.86 -7.50
CA PRO C 37 -4.77 -44.21 -7.79
C PRO C 37 -4.16 -45.02 -6.69
N ALA C 38 -4.72 -44.98 -5.50
CA ALA C 38 -4.23 -45.77 -4.39
C ALA C 38 -4.88 -47.14 -4.27
N HIS C 39 -6.08 -47.33 -4.83
CA HIS C 39 -6.86 -48.54 -4.62
C HIS C 39 -7.26 -49.27 -5.89
N ASP C 40 -7.02 -48.70 -7.07
CA ASP C 40 -7.40 -49.30 -8.36
C ASP C 40 -8.84 -49.82 -8.35
N VAL C 41 -9.75 -49.05 -7.78
CA VAL C 41 -11.18 -49.34 -7.86
C VAL C 41 -11.84 -48.11 -8.45
N PRO C 42 -12.88 -48.23 -9.27
CA PRO C 42 -13.56 -47.03 -9.73
C PRO C 42 -14.10 -46.25 -8.54
N VAL C 43 -13.88 -44.93 -8.56
CA VAL C 43 -14.34 -44.06 -7.49
C VAL C 43 -15.26 -42.99 -8.02
N THR C 44 -14.96 -42.42 -9.19
CA THR C 44 -15.78 -41.35 -9.70
C THR C 44 -15.97 -41.50 -11.19
N ARG C 45 -17.07 -40.89 -11.64
CA ARG C 45 -17.42 -40.82 -13.08
C ARG C 45 -17.66 -39.32 -13.32
N ILE C 46 -16.90 -38.70 -14.20
CA ILE C 46 -16.83 -37.25 -14.38
C ILE C 46 -17.24 -36.94 -15.82
N PRO C 47 -18.15 -36.00 -16.03
CA PRO C 47 -18.50 -35.63 -17.40
C PRO C 47 -17.28 -35.23 -18.20
N ARG C 48 -17.19 -35.76 -19.41
CA ARG C 48 -16.24 -35.28 -20.40
C ARG C 48 -16.98 -34.24 -21.21
N CYS C 49 -16.78 -32.97 -20.86
CA CYS C 49 -17.53 -31.88 -21.49
C CYS C 49 -16.90 -31.48 -22.83
N THR C 50 -17.63 -30.65 -23.57
CA THR C 50 -17.31 -30.18 -24.91
C THR C 50 -16.97 -28.71 -25.01
N ARG C 51 -16.64 -28.30 -26.29
CA ARG C 51 -16.47 -26.86 -26.49
C ARG C 51 -17.84 -26.21 -26.23
N GLU C 52 -18.93 -26.86 -26.54
CA GLU C 52 -20.24 -26.25 -26.34
C GLU C 52 -20.56 -26.08 -24.87
N ASP C 53 -20.26 -27.09 -24.04
CA ASP C 53 -20.35 -26.95 -22.59
C ASP C 53 -19.47 -25.81 -22.11
N LEU C 54 -18.21 -25.79 -22.58
CA LEU C 54 -17.29 -24.74 -22.21
C LEU C 54 -17.83 -23.37 -22.59
N ASP C 55 -18.26 -23.21 -23.84
CA ASP C 55 -18.83 -21.94 -24.28
C ASP C 55 -20.02 -21.57 -23.42
N GLU C 56 -20.82 -22.56 -23.06
CA GLU C 56 -22.01 -22.32 -22.25
C GLU C 56 -21.62 -21.79 -20.87
N ALA C 57 -20.62 -22.40 -20.24
CA ALA C 57 -20.14 -21.94 -18.95
C ALA C 57 -19.56 -20.54 -19.05
N VAL C 58 -18.76 -20.29 -20.09
CA VAL C 58 -18.21 -18.96 -20.29
C VAL C 58 -19.32 -17.95 -20.49
N ALA C 59 -20.34 -18.32 -21.27
CA ALA C 59 -21.48 -17.43 -21.44
C ALA C 59 -22.20 -17.19 -20.12
N ALA C 60 -22.34 -18.24 -19.31
CA ALA C 60 -22.94 -18.06 -17.99
C ALA C 60 -22.07 -17.16 -17.11
N ALA C 61 -20.75 -17.42 -17.10
CA ALA C 61 -19.83 -16.57 -16.36
C ALA C 61 -19.86 -15.15 -16.89
N ARG C 62 -19.94 -14.99 -18.21
CA ARG C 62 -20.06 -13.67 -18.78
C ARG C 62 -21.31 -12.98 -18.30
N ARG C 63 -22.45 -13.66 -18.45
CA ARG C 63 -23.72 -13.17 -17.96
C ARG C 63 -23.63 -12.79 -16.49
N ALA C 64 -23.16 -13.72 -15.66
CA ALA C 64 -23.10 -13.48 -14.22
C ALA C 64 -22.17 -12.32 -13.91
N PHE C 65 -21.16 -12.09 -14.75
CA PHE C 65 -20.28 -10.96 -14.54
C PHE C 65 -20.92 -9.66 -15.02
N GLU C 66 -21.56 -9.68 -16.18
CA GLU C 66 -22.08 -8.44 -16.76
C GLU C 66 -23.35 -7.98 -16.08
N ASN C 67 -24.13 -8.88 -15.49
CA ASN C 67 -25.39 -8.44 -14.90
C ASN C 67 -25.24 -7.89 -13.50
N GLY C 68 -24.02 -7.80 -12.96
CA GLY C 68 -23.84 -7.26 -11.64
C GLY C 68 -24.24 -8.18 -10.50
N SER C 69 -24.62 -9.42 -10.80
CA SER C 69 -25.05 -10.33 -9.75
C SER C 69 -23.92 -10.68 -8.80
N TRP C 70 -22.68 -10.38 -9.18
CA TRP C 70 -21.55 -10.74 -8.35
C TRP C 70 -20.58 -9.57 -8.27
N ALA C 71 -20.09 -9.10 -9.43
CA ALA C 71 -19.18 -7.97 -9.45
C ALA C 71 -19.87 -6.69 -9.03
N GLY C 72 -21.18 -6.59 -9.24
CA GLY C 72 -21.93 -5.41 -8.88
C GLY C 72 -22.31 -5.32 -7.44
N LEU C 73 -22.15 -6.44 -6.72
CA LEU C 73 -22.41 -6.51 -5.30
C LEU C 73 -21.36 -5.68 -4.54
N ALA C 74 -21.71 -5.36 -3.30
CA ALA C 74 -20.70 -4.88 -2.37
C ALA C 74 -19.72 -6.00 -2.06
N ALA C 75 -18.44 -5.62 -1.88
CA ALA C 75 -17.45 -6.57 -1.40
C ALA C 75 -17.96 -7.32 -0.18
N ALA C 76 -18.74 -6.63 0.66
CA ALA C 76 -19.35 -7.27 1.82
C ALA C 76 -20.14 -8.51 1.43
N ASP C 77 -20.88 -8.44 0.32
CA ASP C 77 -21.69 -9.60 -0.09
C ASP C 77 -20.85 -10.69 -0.71
N ARG C 78 -19.81 -10.32 -1.46
CA ARG C 78 -18.88 -11.35 -1.91
C ARG C 78 -18.17 -11.98 -0.73
N ALA C 79 -17.76 -11.15 0.24
CA ALA C 79 -17.13 -11.68 1.45
C ALA C 79 -18.06 -12.62 2.18
N ALA C 80 -19.35 -12.27 2.26
CA ALA C 80 -20.30 -13.12 2.97
C ALA C 80 -20.32 -14.52 2.37
N VAL C 81 -20.39 -14.60 1.04
CA VAL C 81 -20.41 -15.87 0.35
C VAL C 81 -19.12 -16.64 0.60
N LEU C 82 -17.98 -15.97 0.43
CA LEU C 82 -16.71 -16.64 0.64
C LEU C 82 -16.57 -17.12 2.09
N LEU C 83 -17.01 -16.29 3.04
CA LEU C 83 -16.97 -16.70 4.44
C LEU C 83 -17.92 -17.86 4.70
N LYS C 84 -19.11 -17.82 4.13
CA LYS C 84 -20.02 -18.95 4.28
C LYS C 84 -19.44 -20.18 3.59
N ALA C 85 -18.85 -19.99 2.41
CA ALA C 85 -18.16 -21.08 1.73
C ALA C 85 -17.09 -21.66 2.64
N ALA C 86 -16.30 -20.79 3.28
CA ALA C 86 -15.29 -21.26 4.22
C ALA C 86 -15.92 -22.09 5.34
N GLY C 87 -17.06 -21.64 5.86
CA GLY C 87 -17.76 -22.41 6.88
C GLY C 87 -18.22 -23.77 6.38
N LEU C 88 -18.77 -23.81 5.17
CA LEU C 88 -19.18 -25.08 4.59
C LEU C 88 -17.97 -25.96 4.31
N LEU C 89 -16.85 -25.37 3.91
CA LEU C 89 -15.62 -26.14 3.77
C LEU C 89 -15.28 -26.86 5.07
N ARG C 90 -15.33 -26.13 6.19
CA ARG C 90 -15.06 -26.77 7.48
C ARG C 90 -16.06 -27.88 7.74
N GLU C 91 -17.36 -27.59 7.56
CA GLU C 91 -18.38 -28.60 7.81
C GLU C 91 -18.16 -29.83 6.94
N ARG C 92 -17.75 -29.63 5.69
CA ARG C 92 -17.63 -30.71 4.73
C ARG C 92 -16.20 -31.19 4.55
N ARG C 93 -15.29 -30.77 5.44
CA ARG C 93 -13.89 -31.18 5.40
C ARG C 93 -13.76 -32.67 5.12
N ASP C 94 -14.42 -33.50 5.92
CA ASP C 94 -14.29 -34.95 5.77
C ASP C 94 -14.75 -35.42 4.39
N ASP C 95 -15.86 -34.88 3.89
CA ASP C 95 -16.37 -35.30 2.60
C ASP C 95 -15.46 -34.84 1.46
N ILE C 96 -15.05 -33.57 1.47
CA ILE C 96 -14.11 -33.11 0.47
C ILE C 96 -12.84 -33.93 0.54
N ALA C 97 -12.30 -34.13 1.75
CA ALA C 97 -11.05 -34.86 1.89
C ALA C 97 -11.18 -36.28 1.35
N TYR C 98 -12.31 -36.93 1.62
CA TYR C 98 -12.55 -38.28 1.12
C TYR C 98 -12.49 -38.32 -0.40
N TRP C 99 -13.25 -37.45 -1.07
CA TRP C 99 -13.19 -37.45 -2.52
C TRP C 99 -11.82 -36.98 -3.01
N GLU C 100 -11.18 -36.06 -2.28
CA GLU C 100 -9.85 -35.63 -2.66
C GLU C 100 -8.89 -36.81 -2.63
N VAL C 101 -8.91 -37.58 -1.54
CA VAL C 101 -8.08 -38.78 -1.43
C VAL C 101 -8.42 -39.76 -2.55
N LEU C 102 -9.72 -40.01 -2.76
CA LEU C 102 -10.12 -41.01 -3.75
C LEU C 102 -9.57 -40.68 -5.13
N GLU C 103 -9.67 -39.42 -5.55
CA GLU C 103 -9.25 -39.10 -6.91
C GLU C 103 -7.78 -38.78 -7.02
N ASN C 104 -7.12 -38.43 -5.91
CA ASN C 104 -5.73 -38.00 -5.92
C ASN C 104 -4.76 -39.00 -5.32
N GLY C 105 -5.14 -39.67 -4.24
CA GLY C 105 -4.23 -40.57 -3.60
C GLY C 105 -3.42 -39.97 -2.48
N LYS C 106 -3.54 -38.67 -2.24
CA LYS C 106 -2.81 -38.08 -1.13
C LYS C 106 -3.38 -38.63 0.17
N PRO C 107 -2.59 -38.64 1.24
CA PRO C 107 -3.10 -39.13 2.52
C PRO C 107 -4.29 -38.31 3.00
N ILE C 108 -5.20 -39.00 3.71
CA ILE C 108 -6.39 -38.32 4.21
C ILE C 108 -6.02 -37.25 5.21
N SER C 109 -5.01 -37.53 6.06
CA SER C 109 -4.55 -36.55 7.02
C SER C 109 -4.06 -35.29 6.33
N GLN C 110 -3.26 -35.48 5.28
CA GLN C 110 -2.82 -34.34 4.48
C GLN C 110 -4.00 -33.65 3.82
N ALA C 111 -4.89 -34.42 3.21
CA ALA C 111 -6.04 -33.84 2.55
C ALA C 111 -6.84 -32.97 3.51
N LYS C 112 -6.98 -33.42 4.76
CA LYS C 112 -7.70 -32.65 5.75
C LYS C 112 -6.96 -31.36 6.10
N GLY C 113 -5.65 -31.44 6.29
CA GLY C 113 -4.87 -30.24 6.58
C GLY C 113 -4.87 -29.26 5.43
N GLU C 114 -4.88 -29.78 4.20
CA GLU C 114 -5.02 -28.91 3.05
C GLU C 114 -6.35 -28.16 3.11
N ILE C 115 -7.40 -28.81 3.61
CA ILE C 115 -8.70 -28.15 3.70
C ILE C 115 -8.61 -26.96 4.64
N ASP C 116 -7.82 -27.09 5.71
CA ASP C 116 -7.60 -25.95 6.58
C ASP C 116 -7.04 -24.78 5.79
N HIS C 117 -6.03 -25.05 4.99
CA HIS C 117 -5.46 -24.00 4.16
C HIS C 117 -6.49 -23.44 3.19
N CYS C 118 -7.31 -24.31 2.60
CA CYS C 118 -8.41 -23.87 1.76
C CYS C 118 -9.32 -22.91 2.50
N ILE C 119 -9.63 -23.23 3.77
CA ILE C 119 -10.47 -22.35 4.58
C ILE C 119 -9.78 -21.02 4.77
N ALA C 120 -8.48 -21.06 5.12
CA ALA C 120 -7.70 -19.85 5.23
C ALA C 120 -7.77 -19.05 3.93
N CYS C 121 -7.69 -19.74 2.80
CA CYS C 121 -7.76 -19.04 1.52
C CYS C 121 -9.10 -18.35 1.34
N PHE C 122 -10.19 -19.04 1.65
CA PHE C 122 -11.50 -18.41 1.50
C PHE C 122 -11.63 -17.21 2.44
N GLU C 123 -11.16 -17.36 3.68
CA GLU C 123 -11.21 -16.25 4.62
C GLU C 123 -10.35 -15.09 4.14
N MET C 124 -9.11 -15.40 3.75
CA MET C 124 -8.23 -14.40 3.20
C MET C 124 -8.90 -13.70 2.02
N ALA C 125 -9.49 -14.50 1.13
CA ALA C 125 -10.15 -13.94 -0.03
C ALA C 125 -11.30 -13.05 0.40
N ALA C 126 -12.05 -13.49 1.42
CA ALA C 126 -13.14 -12.68 1.96
C ALA C 126 -12.61 -11.36 2.49
N GLY C 127 -11.53 -11.41 3.28
CA GLY C 127 -10.91 -10.18 3.76
C GLY C 127 -10.46 -9.30 2.62
N ALA C 128 -9.75 -9.90 1.65
CA ALA C 128 -9.24 -9.15 0.51
C ALA C 128 -10.36 -8.56 -0.32
N ALA C 129 -11.52 -9.23 -0.38
CA ALA C 129 -12.65 -8.67 -1.13
C ALA C 129 -12.95 -7.25 -0.66
N ARG C 130 -12.94 -7.05 0.65
CA ARG C 130 -13.20 -5.73 1.20
C ARG C 130 -11.98 -4.83 1.07
N MET C 131 -10.79 -5.38 1.15
CA MET C 131 -9.62 -4.52 1.16
C MET C 131 -9.11 -4.21 -0.23
N LEU C 132 -9.63 -4.88 -1.24
CA LEU C 132 -9.24 -4.62 -2.62
C LEU C 132 -9.42 -3.15 -2.94
N HIS C 133 -8.32 -2.49 -3.29
CA HIS C 133 -8.39 -1.06 -3.41
C HIS C 133 -7.39 -0.59 -4.47
N GLY C 134 -7.65 0.60 -4.99
CA GLY C 134 -6.68 1.26 -5.81
C GLY C 134 -6.17 2.47 -5.08
N ASP C 135 -5.81 3.50 -5.82
CA ASP C 135 -5.19 4.69 -5.27
C ASP C 135 -5.99 5.91 -5.65
N THR C 136 -5.92 6.91 -4.79
CA THR C 136 -6.32 8.25 -5.17
C THR C 136 -5.06 9.08 -5.23
N PHE C 137 -4.99 9.95 -6.22
CA PHE C 137 -3.89 10.90 -6.34
C PHE C 137 -4.54 12.26 -6.23
N ASN C 138 -4.66 12.68 -4.97
CA ASN C 138 -5.17 13.99 -4.59
C ASN C 138 -4.09 15.04 -4.61
N ASN C 139 -2.91 14.66 -5.12
CA ASN C 139 -1.71 15.49 -5.08
C ASN C 139 -1.35 16.03 -6.46
N LEU C 140 -2.28 16.02 -7.40
CA LEU C 140 -1.93 16.37 -8.77
C LEU C 140 -2.21 17.83 -9.08
N GLY C 141 -2.75 18.57 -8.12
CA GLY C 141 -3.08 19.98 -8.29
C GLY C 141 -4.55 20.19 -8.04
N GLU C 142 -4.96 21.41 -7.72
CA GLU C 142 -6.37 21.62 -7.42
C GLU C 142 -7.26 21.32 -8.62
N GLY C 143 -6.75 21.49 -9.85
CA GLY C 143 -7.58 21.25 -11.01
C GLY C 143 -7.42 19.88 -11.64
N LEU C 144 -6.63 18.98 -11.03
CA LEU C 144 -6.44 17.65 -11.58
C LEU C 144 -6.52 16.63 -10.46
N PHE C 145 -7.53 15.76 -10.50
CA PHE C 145 -7.69 14.67 -9.55
C PHE C 145 -7.42 13.33 -10.24
N GLY C 146 -6.59 12.51 -9.61
CA GLY C 146 -6.23 11.23 -10.16
C GLY C 146 -6.72 10.12 -9.25
N MET C 147 -7.09 9.01 -9.88
CA MET C 147 -7.47 7.78 -9.19
C MET C 147 -6.91 6.61 -9.95
N VAL C 148 -6.77 5.53 -9.21
CA VAL C 148 -6.50 4.24 -9.80
C VAL C 148 -7.59 3.34 -9.26
N LEU C 149 -8.42 2.83 -10.15
CA LEU C 149 -9.46 1.89 -9.81
C LEU C 149 -8.95 0.50 -10.07
N ARG C 150 -9.41 -0.43 -9.25
CA ARG C 150 -9.31 -1.83 -9.53
C ARG C 150 -10.71 -2.35 -9.77
N GLU C 151 -10.83 -3.27 -10.72
CA GLU C 151 -12.11 -3.89 -11.01
C GLU C 151 -11.83 -5.31 -11.46
N PRO C 152 -12.71 -6.25 -11.15
CA PRO C 152 -12.52 -7.62 -11.63
C PRO C 152 -12.34 -7.63 -13.13
N ILE C 153 -11.35 -8.39 -13.60
CA ILE C 153 -11.06 -8.40 -15.03
C ILE C 153 -12.25 -8.95 -15.81
N GLY C 154 -13.09 -9.77 -15.18
CA GLY C 154 -14.26 -10.30 -15.84
C GLY C 154 -14.34 -11.80 -15.72
N VAL C 155 -14.46 -12.50 -16.85
CA VAL C 155 -14.58 -13.95 -16.82
C VAL C 155 -13.20 -14.57 -16.75
N VAL C 156 -12.97 -15.38 -15.73
CA VAL C 156 -11.67 -15.97 -15.51
C VAL C 156 -11.77 -17.48 -15.70
N GLY C 157 -10.94 -17.98 -16.62
CA GLY C 157 -10.76 -19.40 -16.73
C GLY C 157 -9.79 -19.86 -15.67
N LEU C 158 -10.06 -21.04 -15.13
CA LEU C 158 -9.25 -21.59 -14.06
C LEU C 158 -8.97 -23.04 -14.40
N ILE C 159 -7.72 -23.34 -14.68
CA ILE C 159 -7.28 -24.69 -14.99
C ILE C 159 -6.36 -25.11 -13.87
N THR C 160 -6.62 -26.27 -13.29
CA THR C 160 -5.89 -26.68 -12.12
C THR C 160 -5.33 -28.07 -12.34
N PRO C 161 -4.29 -28.43 -11.62
CA PRO C 161 -3.69 -29.73 -11.82
C PRO C 161 -4.26 -30.76 -10.85
N TRP C 162 -3.76 -31.98 -10.93
CA TRP C 162 -4.29 -33.05 -10.11
C TRP C 162 -3.51 -33.25 -8.82
N ASN C 163 -2.42 -32.52 -8.61
CA ASN C 163 -1.61 -32.83 -7.44
C ASN C 163 -2.22 -32.25 -6.17
N PHE C 164 -2.78 -31.05 -6.25
CA PHE C 164 -3.50 -30.45 -5.13
C PHE C 164 -4.81 -29.93 -5.72
N PRO C 165 -5.67 -30.84 -6.16
CA PRO C 165 -6.86 -30.41 -6.90
C PRO C 165 -7.72 -29.45 -6.10
N PHE C 166 -8.09 -29.85 -4.88
CA PHE C 166 -8.95 -28.96 -4.10
C PHE C 166 -8.17 -27.77 -3.56
N MET C 167 -6.93 -27.99 -3.09
CA MET C 167 -6.21 -26.92 -2.45
C MET C 167 -5.83 -25.83 -3.45
N ILE C 168 -5.28 -26.21 -4.59
CA ILE C 168 -4.90 -25.20 -5.58
C ILE C 168 -6.13 -24.47 -6.07
N LEU C 169 -7.22 -25.21 -6.26
CA LEU C 169 -8.50 -24.58 -6.60
C LEU C 169 -8.86 -23.49 -5.60
N CYS C 170 -8.76 -23.81 -4.32
CA CYS C 170 -9.04 -22.84 -3.28
C CYS C 170 -7.94 -21.80 -3.15
N GLU C 171 -6.76 -22.06 -3.70
CA GLU C 171 -5.69 -21.08 -3.74
C GLU C 171 -5.80 -20.18 -4.95
N ARG C 172 -6.90 -20.29 -5.70
CA ARG C 172 -7.16 -19.44 -6.86
C ARG C 172 -8.57 -18.89 -6.82
N ALA C 173 -9.56 -19.79 -6.89
CA ALA C 173 -10.98 -19.46 -7.07
C ALA C 173 -11.49 -18.38 -6.13
N PRO C 174 -11.35 -18.51 -4.81
CA PRO C 174 -11.88 -17.46 -3.94
C PRO C 174 -11.19 -16.12 -4.17
N PHE C 175 -9.88 -16.13 -4.45
CA PHE C 175 -9.17 -14.90 -4.73
C PHE C 175 -9.65 -14.27 -6.03
N ILE C 176 -9.93 -15.10 -7.04
CA ILE C 176 -10.52 -14.59 -8.27
C ILE C 176 -11.93 -14.08 -8.00
N LEU C 177 -12.71 -14.87 -7.26
CA LEU C 177 -14.09 -14.50 -6.97
C LEU C 177 -14.17 -13.22 -6.14
N ALA C 178 -13.20 -13.00 -5.25
CA ALA C 178 -13.27 -11.91 -4.28
C ALA C 178 -13.44 -10.56 -4.96
N SER C 179 -12.75 -10.34 -6.07
CA SER C 179 -12.83 -9.06 -6.76
C SER C 179 -14.13 -8.87 -7.49
N GLY C 180 -14.91 -9.94 -7.68
CA GLY C 180 -16.10 -9.88 -8.50
C GLY C 180 -15.98 -10.59 -9.81
N CYS C 181 -14.82 -11.20 -10.09
CA CYS C 181 -14.68 -12.00 -11.30
C CYS C 181 -15.59 -13.21 -11.23
N THR C 182 -15.99 -13.69 -12.40
CA THR C 182 -16.65 -14.98 -12.50
C THR C 182 -15.66 -15.99 -13.03
N LEU C 183 -15.97 -17.26 -12.79
CA LEU C 183 -15.02 -18.32 -13.03
C LEU C 183 -15.62 -19.40 -13.92
N VAL C 184 -14.80 -19.85 -14.86
CA VAL C 184 -15.02 -21.11 -15.55
C VAL C 184 -13.83 -21.99 -15.21
N VAL C 185 -14.10 -23.12 -14.57
CA VAL C 185 -13.07 -23.96 -13.99
C VAL C 185 -13.03 -25.30 -14.72
N LYS C 186 -11.86 -25.70 -15.19
CA LYS C 186 -11.62 -27.07 -15.63
C LYS C 186 -10.56 -27.67 -14.74
N PRO C 187 -10.92 -28.52 -13.78
CA PRO C 187 -9.93 -29.20 -12.96
C PRO C 187 -9.26 -30.28 -13.78
N ALA C 188 -8.21 -30.87 -13.20
CA ALA C 188 -7.58 -31.99 -13.89
C ALA C 188 -8.63 -33.07 -14.09
N GLU C 189 -8.69 -33.60 -15.31
CA GLU C 189 -9.67 -34.64 -15.64
C GLU C 189 -9.66 -35.73 -14.60
N VAL C 190 -8.49 -36.06 -14.06
CA VAL C 190 -8.34 -37.20 -13.13
C VAL C 190 -8.74 -36.82 -11.69
N THR C 191 -8.88 -35.52 -11.42
CA THR C 191 -9.20 -35.08 -10.07
C THR C 191 -10.21 -33.93 -10.13
N SER C 192 -11.39 -34.22 -10.69
CA SER C 192 -12.43 -33.21 -10.84
C SER C 192 -13.43 -33.19 -9.69
N ALA C 193 -13.55 -34.27 -8.92
CA ALA C 193 -14.64 -34.40 -7.96
C ALA C 193 -14.69 -33.22 -7.00
N THR C 194 -13.59 -32.94 -6.31
CA THR C 194 -13.64 -31.93 -5.26
C THR C 194 -13.84 -30.54 -5.82
N THR C 195 -13.49 -30.32 -7.09
CA THR C 195 -13.80 -29.07 -7.75
C THR C 195 -15.29 -28.92 -7.98
N LEU C 196 -15.96 -30.02 -8.37
CA LEU C 196 -17.41 -30.01 -8.42
C LEU C 196 -18.02 -29.87 -7.02
N LEU C 197 -17.37 -30.46 -6.02
CA LEU C 197 -17.86 -30.27 -4.66
C LEU C 197 -17.76 -28.80 -4.24
N LEU C 198 -16.70 -28.12 -4.66
CA LEU C 198 -16.62 -26.70 -4.35
C LEU C 198 -17.72 -25.95 -5.06
N ALA C 199 -18.07 -26.39 -6.27
CA ALA C 199 -19.19 -25.76 -6.96
C ALA C 199 -20.45 -25.88 -6.11
N GLU C 200 -20.67 -27.06 -5.54
CA GLU C 200 -21.81 -27.24 -4.64
C GLU C 200 -21.67 -26.38 -3.40
N ILE C 201 -20.49 -26.41 -2.77
CA ILE C 201 -20.22 -25.58 -1.59
C ILE C 201 -20.48 -24.12 -1.89
N LEU C 202 -20.01 -23.64 -3.04
CA LEU C 202 -20.20 -22.24 -3.38
C LEU C 202 -21.67 -21.93 -3.62
N ALA C 203 -22.38 -22.82 -4.31
CA ALA C 203 -23.81 -22.60 -4.49
C ALA C 203 -24.51 -22.56 -3.13
N ASP C 204 -24.19 -23.51 -2.26
CA ASP C 204 -24.79 -23.54 -0.94
C ASP C 204 -24.41 -22.32 -0.13
N ALA C 205 -23.24 -21.74 -0.41
CA ALA C 205 -22.80 -20.55 0.26
C ALA C 205 -23.49 -19.30 -0.28
N GLY C 206 -24.34 -19.46 -1.28
CA GLY C 206 -25.03 -18.32 -1.85
C GLY C 206 -24.33 -17.69 -3.02
N LEU C 207 -23.30 -18.34 -3.57
CA LEU C 207 -22.68 -17.82 -4.76
C LEU C 207 -23.73 -17.73 -5.85
N PRO C 208 -23.92 -16.58 -6.49
CA PRO C 208 -24.91 -16.47 -7.56
C PRO C 208 -24.62 -17.46 -8.68
N LYS C 209 -25.67 -17.84 -9.40
CA LYS C 209 -25.53 -18.74 -10.52
C LYS C 209 -24.56 -18.15 -11.55
N GLY C 210 -23.77 -19.02 -12.19
CA GLY C 210 -22.87 -18.62 -13.25
C GLY C 210 -21.55 -18.01 -12.80
N VAL C 211 -21.40 -17.71 -11.51
CA VAL C 211 -20.17 -17.11 -11.04
C VAL C 211 -19.07 -18.15 -10.94
N PHE C 212 -19.41 -19.39 -10.65
CA PHE C 212 -18.46 -20.48 -10.59
C PHE C 212 -19.02 -21.61 -11.42
N ASN C 213 -18.40 -21.84 -12.56
CA ASN C 213 -18.82 -22.91 -13.46
C ASN C 213 -17.69 -23.89 -13.59
N VAL C 214 -18.03 -25.18 -13.55
CA VAL C 214 -17.04 -26.25 -13.68
C VAL C 214 -17.39 -27.00 -14.94
N VAL C 215 -16.48 -26.95 -15.90
CA VAL C 215 -16.55 -27.72 -17.12
C VAL C 215 -15.44 -28.75 -17.00
N THR C 216 -15.82 -29.97 -16.68
CA THR C 216 -14.83 -31.01 -16.50
C THR C 216 -14.43 -31.59 -17.85
N GLY C 217 -13.23 -32.15 -17.89
CA GLY C 217 -12.74 -32.73 -19.12
C GLY C 217 -11.24 -32.57 -19.25
N THR C 218 -10.76 -32.88 -20.45
CA THR C 218 -9.35 -32.95 -20.74
C THR C 218 -8.79 -31.57 -21.06
N GLY C 219 -7.51 -31.39 -20.79
CA GLY C 219 -6.84 -30.18 -21.22
C GLY C 219 -6.90 -30.01 -22.72
N ARG C 220 -6.92 -31.13 -23.45
CA ARG C 220 -6.91 -31.06 -24.93
C ARG C 220 -8.22 -30.46 -25.43
N THR C 221 -9.32 -30.78 -24.78
CA THR C 221 -10.60 -30.29 -25.28
C THR C 221 -11.01 -29.02 -24.53
N VAL C 222 -11.30 -29.17 -23.24
CA VAL C 222 -11.82 -28.06 -22.48
C VAL C 222 -10.73 -27.04 -22.18
N GLY C 223 -9.58 -27.49 -21.69
CA GLY C 223 -8.53 -26.56 -21.33
C GLY C 223 -8.10 -25.72 -22.53
N GLN C 224 -7.77 -26.38 -23.63
CA GLN C 224 -7.37 -25.64 -24.81
C GLN C 224 -8.45 -24.67 -25.27
N ALA C 225 -9.72 -25.09 -25.17
CA ALA C 225 -10.80 -24.18 -25.51
C ALA C 225 -10.85 -23.01 -24.53
N MET C 226 -10.54 -23.25 -23.26
CA MET C 226 -10.50 -22.15 -22.32
C MET C 226 -9.40 -21.17 -22.69
N THR C 227 -8.20 -21.68 -22.90
CA THR C 227 -7.06 -20.80 -23.18
C THR C 227 -7.27 -20.05 -24.48
N GLU C 228 -7.98 -20.65 -25.42
CA GLU C 228 -8.25 -19.96 -26.68
C GLU C 228 -9.53 -19.15 -26.67
N HIS C 229 -10.26 -19.13 -25.56
CA HIS C 229 -11.61 -18.61 -25.62
C HIS C 229 -11.63 -17.12 -25.84
N GLN C 230 -12.49 -16.67 -26.76
CA GLN C 230 -12.55 -15.26 -27.14
C GLN C 230 -13.19 -14.42 -26.05
N ASP C 231 -13.75 -15.05 -25.02
CA ASP C 231 -14.52 -14.35 -24.00
C ASP C 231 -14.08 -14.69 -22.58
N ILE C 232 -12.98 -15.39 -22.41
CA ILE C 232 -12.35 -15.54 -21.11
C ILE C 232 -11.30 -14.43 -21.00
N ASP C 233 -11.49 -13.53 -20.02
CA ASP C 233 -10.67 -12.33 -19.94
C ASP C 233 -9.33 -12.60 -19.30
N MET C 234 -9.25 -13.62 -18.47
CA MET C 234 -8.04 -13.99 -17.79
C MET C 234 -8.11 -15.47 -17.51
N LEU C 235 -6.95 -16.11 -17.53
CA LEU C 235 -6.91 -17.53 -17.23
C LEU C 235 -5.87 -17.77 -16.16
N SER C 236 -6.31 -18.34 -15.07
CA SER C 236 -5.40 -18.90 -14.09
C SER C 236 -5.07 -20.30 -14.57
N PHE C 237 -3.80 -20.53 -14.88
CA PHE C 237 -3.33 -21.86 -15.20
C PHE C 237 -2.32 -22.27 -14.15
N THR C 238 -2.54 -23.45 -13.59
CA THR C 238 -1.60 -24.08 -12.69
C THR C 238 -1.34 -25.46 -13.26
N GLY C 239 -0.09 -25.76 -13.56
CA GLY C 239 0.24 -26.98 -14.25
C GLY C 239 1.64 -26.88 -14.84
N SER C 240 1.89 -27.72 -15.84
CA SER C 240 3.25 -27.82 -16.37
C SER C 240 3.63 -26.53 -17.07
N THR C 241 4.92 -26.23 -17.08
CA THR C 241 5.40 -25.13 -17.88
C THR C 241 5.07 -25.36 -19.35
N GLY C 242 5.14 -26.60 -19.81
CA GLY C 242 4.79 -26.90 -21.18
C GLY C 242 3.39 -26.44 -21.52
N VAL C 243 2.41 -26.80 -20.69
CA VAL C 243 1.04 -26.41 -21.00
C VAL C 243 0.86 -24.92 -20.76
N GLY C 244 1.59 -24.35 -19.79
CA GLY C 244 1.59 -22.91 -19.63
C GLY C 244 1.95 -22.18 -20.92
N LYS C 245 2.98 -22.65 -21.61
CA LYS C 245 3.33 -22.05 -22.89
C LYS C 245 2.19 -22.21 -23.89
N SER C 246 1.53 -23.37 -23.86
CA SER C 246 0.37 -23.55 -24.72
C SER C 246 -0.72 -22.53 -24.35
N CYS C 247 -0.94 -22.28 -23.04
CA CYS C 247 -1.84 -21.20 -22.65
C CYS C 247 -1.38 -19.87 -23.23
N ILE C 248 -0.07 -19.61 -23.16
CA ILE C 248 0.47 -18.34 -23.64
C ILE C 248 0.22 -18.19 -25.13
N HIS C 249 0.58 -19.22 -25.90
CA HIS C 249 0.24 -19.23 -27.32
C HIS C 249 -1.24 -19.00 -27.52
N ALA C 250 -2.06 -19.72 -26.75
CA ALA C 250 -3.50 -19.60 -26.94
C ALA C 250 -3.97 -18.18 -26.63
N ALA C 251 -3.36 -17.54 -25.63
CA ALA C 251 -3.71 -16.15 -25.35
C ALA C 251 -3.35 -15.25 -26.52
N ALA C 252 -2.15 -15.42 -27.08
CA ALA C 252 -1.77 -14.59 -28.23
C ALA C 252 -2.71 -14.80 -29.41
N ASP C 253 -3.13 -16.05 -29.61
CA ASP C 253 -3.94 -16.42 -30.78
C ASP C 253 -5.42 -16.13 -30.61
N SER C 254 -5.85 -15.76 -29.40
CA SER C 254 -7.25 -15.43 -29.18
C SER C 254 -7.42 -13.96 -28.83
N ASN C 255 -7.73 -13.68 -27.56
CA ASN C 255 -8.21 -12.37 -27.16
C ASN C 255 -7.21 -11.63 -26.27
N LEU C 256 -5.98 -12.10 -26.17
CA LEU C 256 -4.96 -11.51 -25.33
C LEU C 256 -5.32 -11.61 -23.86
N LYS C 257 -6.07 -12.64 -23.48
CA LYS C 257 -6.42 -12.81 -22.08
C LYS C 257 -5.14 -12.80 -21.23
N LYS C 258 -5.23 -12.16 -20.07
CA LYS C 258 -4.14 -12.22 -19.13
C LYS C 258 -4.00 -13.66 -18.64
N LEU C 259 -2.77 -14.01 -18.25
CA LEU C 259 -2.48 -15.35 -17.77
C LEU C 259 -1.79 -15.23 -16.42
N GLY C 260 -2.39 -15.86 -15.41
CA GLY C 260 -1.71 -16.13 -14.17
C GLY C 260 -1.26 -17.57 -14.21
N LEU C 261 0.03 -17.77 -14.45
CA LEU C 261 0.60 -19.08 -14.69
C LEU C 261 1.36 -19.50 -13.46
N GLU C 262 1.04 -20.67 -12.95
CA GLU C 262 1.77 -21.30 -11.86
C GLU C 262 2.27 -22.61 -12.44
N LEU C 263 3.55 -22.63 -12.82
CA LEU C 263 4.10 -23.63 -13.71
C LEU C 263 5.02 -24.57 -12.93
N GLY C 264 6.00 -25.16 -13.62
CA GLY C 264 6.85 -26.15 -13.01
C GLY C 264 7.85 -25.52 -12.06
N GLY C 265 8.61 -26.39 -11.43
CA GLY C 265 9.66 -25.94 -10.54
C GLY C 265 10.67 -27.05 -10.39
N LYS C 266 11.87 -26.67 -9.99
CA LYS C 266 12.92 -27.60 -9.63
C LYS C 266 13.61 -26.95 -8.42
N ASN C 267 12.94 -27.02 -7.29
CA ASN C 267 13.24 -26.04 -6.26
C ASN C 267 14.43 -26.45 -5.40
N PRO C 268 15.33 -25.51 -5.14
CA PRO C 268 16.45 -25.81 -4.26
C PRO C 268 16.02 -25.73 -2.81
N ILE C 269 16.60 -26.60 -1.99
CA ILE C 269 16.60 -26.43 -0.56
C ILE C 269 18.07 -26.36 -0.18
N VAL C 270 18.50 -25.17 0.25
CA VAL C 270 19.90 -24.91 0.57
C VAL C 270 20.10 -25.17 2.04
N VAL C 271 20.95 -26.13 2.38
CA VAL C 271 21.19 -26.51 3.76
C VAL C 271 22.64 -26.20 4.12
N PHE C 272 22.83 -25.31 5.08
CA PHE C 272 24.16 -24.98 5.57
C PHE C 272 24.48 -25.82 6.79
N ALA C 273 25.77 -26.03 7.00
CA ALA C 273 26.22 -26.76 8.18
C ALA C 273 25.75 -26.07 9.46
N ASP C 274 25.64 -24.74 9.44
CA ASP C 274 25.26 -24.04 10.66
C ASP C 274 23.76 -24.00 10.87
N SER C 275 23.02 -24.71 10.03
CA SER C 275 21.59 -24.86 10.26
C SER C 275 21.35 -25.88 11.37
N ASN C 276 20.12 -25.90 11.87
CA ASN C 276 19.69 -27.04 12.67
C ASN C 276 19.57 -28.20 11.70
N LEU C 277 20.60 -29.04 11.65
CA LEU C 277 20.68 -30.05 10.60
C LEU C 277 19.58 -31.10 10.73
N GLU C 278 19.19 -31.44 11.96
CA GLU C 278 18.10 -32.39 12.15
C GLU C 278 16.80 -31.82 11.61
N ASP C 279 16.49 -30.57 11.94
CA ASP C 279 15.30 -29.92 11.40
C ASP C 279 15.35 -29.87 9.88
N ALA C 280 16.51 -29.46 9.34
CA ALA C 280 16.68 -29.39 7.90
C ALA C 280 16.48 -30.75 7.24
N ALA C 281 16.99 -31.81 7.88
CA ALA C 281 16.81 -33.16 7.33
C ALA C 281 15.33 -33.52 7.28
N ASP C 282 14.62 -33.28 8.37
CA ASP C 282 13.18 -33.50 8.37
C ASP C 282 12.51 -32.67 7.30
N ALA C 283 12.87 -31.40 7.21
CA ALA C 283 12.28 -30.54 6.20
C ALA C 283 12.65 -30.99 4.80
N VAL C 284 13.89 -31.44 4.60
CA VAL C 284 14.29 -31.91 3.28
C VAL C 284 13.48 -33.16 2.92
N ALA C 285 13.41 -34.11 3.86
CA ALA C 285 12.58 -35.28 3.63
C ALA C 285 11.14 -34.89 3.35
N PHE C 286 10.57 -34.02 4.20
CA PHE C 286 9.20 -33.53 3.98
C PHE C 286 9.08 -32.80 2.64
N GLY C 287 10.02 -31.90 2.38
CA GLY C 287 9.90 -31.06 1.20
C GLY C 287 9.88 -31.85 -0.09
N ILE C 288 10.58 -32.99 -0.12
CA ILE C 288 10.58 -33.82 -1.32
C ILE C 288 9.55 -34.95 -1.25
N SER C 289 9.13 -35.35 -0.05
CA SER C 289 8.19 -36.46 0.05
C SER C 289 6.74 -36.01 0.21
N PHE C 290 6.49 -34.81 0.71
CA PHE C 290 5.12 -34.32 0.84
C PHE C 290 4.38 -34.45 -0.49
N ASN C 291 3.17 -35.00 -0.43
CA ASN C 291 2.36 -35.29 -1.61
C ASN C 291 3.10 -36.23 -2.55
N THR C 292 3.97 -37.07 -1.97
CA THR C 292 4.84 -37.98 -2.70
C THR C 292 5.62 -37.23 -3.79
N GLY C 293 6.11 -36.03 -3.44
CA GLY C 293 6.86 -35.22 -4.39
C GLY C 293 6.06 -34.67 -5.55
N GLN C 294 4.75 -34.93 -5.61
CA GLN C 294 3.90 -34.37 -6.66
C GLN C 294 3.50 -32.96 -6.23
N CYS C 295 4.49 -32.09 -6.27
CA CYS C 295 4.40 -30.78 -5.62
C CYS C 295 5.31 -29.84 -6.39
N ALA C 296 4.76 -28.74 -6.87
CA ALA C 296 5.57 -27.82 -7.63
C ALA C 296 6.58 -27.09 -6.76
N VAL C 297 6.26 -26.92 -5.48
CA VAL C 297 7.16 -26.27 -4.54
C VAL C 297 7.99 -27.28 -3.78
N SER C 298 7.99 -28.53 -4.22
CA SER C 298 8.83 -29.55 -3.62
C SER C 298 10.30 -29.17 -3.71
N SER C 299 11.04 -29.48 -2.66
CA SER C 299 12.48 -29.23 -2.66
C SER C 299 13.13 -30.39 -3.40
N SER C 300 13.29 -30.23 -4.72
CA SER C 300 13.79 -31.33 -5.53
C SER C 300 15.30 -31.42 -5.52
N ARG C 301 16.00 -30.32 -5.24
CA ARG C 301 17.45 -30.28 -5.30
C ARG C 301 17.98 -29.88 -3.93
N LEU C 302 18.50 -30.86 -3.20
CA LEU C 302 19.19 -30.57 -1.96
C LEU C 302 20.56 -30.00 -2.29
N ILE C 303 20.84 -28.81 -1.76
CA ILE C 303 22.10 -28.11 -1.98
C ILE C 303 22.70 -27.94 -0.59
N VAL C 304 23.59 -28.86 -0.23
CA VAL C 304 24.02 -29.03 1.16
C VAL C 304 25.51 -28.76 1.24
N GLU C 305 25.90 -28.08 2.32
CA GLU C 305 27.30 -27.73 2.51
C GLU C 305 28.16 -28.98 2.61
N ARG C 306 29.24 -29.00 1.82
CA ARG C 306 30.06 -30.19 1.69
C ARG C 306 30.52 -30.71 3.05
N SER C 307 30.80 -29.79 3.98
CA SER C 307 31.33 -30.19 5.27
C SER C 307 30.37 -31.10 6.04
N VAL C 308 29.06 -31.01 5.76
CA VAL C 308 28.08 -31.89 6.40
C VAL C 308 27.35 -32.74 5.37
N ALA C 309 27.79 -32.72 4.11
CA ALA C 309 26.99 -33.25 3.01
C ALA C 309 26.63 -34.72 3.20
N GLU C 310 27.62 -35.61 3.31
CA GLU C 310 27.19 -36.99 3.37
C GLU C 310 26.62 -37.32 4.74
N LYS C 311 27.09 -36.64 5.80
CA LYS C 311 26.44 -36.82 7.09
C LYS C 311 24.98 -36.38 7.01
N PHE C 312 24.72 -35.24 6.36
CA PHE C 312 23.35 -34.76 6.23
C PHE C 312 22.54 -35.68 5.32
N GLU C 313 23.11 -36.09 4.19
CA GLU C 313 22.44 -37.04 3.32
C GLU C 313 22.00 -38.27 4.09
N ARG C 314 22.82 -38.72 5.03
CA ARG C 314 22.43 -39.84 5.87
C ARG C 314 21.21 -39.51 6.71
N LEU C 315 21.20 -38.31 7.32
CA LEU C 315 20.04 -37.89 8.09
C LEU C 315 18.80 -37.87 7.21
N VAL C 316 18.93 -37.39 5.98
CA VAL C 316 17.82 -37.40 5.05
C VAL C 316 17.46 -38.84 4.71
N VAL C 317 18.46 -39.68 4.46
CA VAL C 317 18.22 -41.10 4.22
C VAL C 317 17.46 -41.70 5.39
N ALA C 318 17.98 -41.46 6.59
CA ALA C 318 17.33 -42.03 7.76
C ALA C 318 15.89 -41.57 7.86
N LYS C 319 15.63 -40.30 7.58
CA LYS C 319 14.24 -39.79 7.76
C LYS C 319 13.39 -40.23 6.57
N MET C 320 14.00 -40.23 5.39
CA MET C 320 13.25 -40.60 4.18
C MET C 320 12.80 -42.05 4.31
N GLU C 321 13.55 -42.87 5.03
CA GLU C 321 13.19 -44.32 5.10
C GLU C 321 12.18 -44.55 6.23
N LYS C 322 11.97 -43.55 7.08
CA LYS C 322 11.03 -43.65 8.17
C LYS C 322 9.66 -43.04 7.79
N ILE C 323 9.53 -42.49 6.58
CA ILE C 323 8.25 -41.90 6.16
C ILE C 323 7.21 -42.99 5.91
N ARG C 324 6.08 -42.88 6.61
CA ARG C 324 5.03 -43.89 6.53
C ARG C 324 4.36 -43.84 5.15
N VAL C 325 4.62 -44.84 4.32
CA VAL C 325 3.94 -45.01 3.04
C VAL C 325 2.81 -46.00 3.25
N GLY C 326 1.68 -45.80 2.57
CA GLY C 326 0.59 -46.73 2.74
C GLY C 326 -0.73 -46.20 2.23
N ASP C 327 -1.81 -46.87 2.65
CA ASP C 327 -3.16 -46.50 2.26
C ASP C 327 -3.42 -45.05 2.65
N PRO C 328 -3.77 -44.19 1.71
CA PRO C 328 -3.99 -42.78 2.05
C PRO C 328 -5.07 -42.60 3.10
N PHE C 329 -5.96 -43.57 3.25
CA PHE C 329 -6.99 -43.48 4.27
C PHE C 329 -6.50 -43.89 5.65
N ASP C 330 -5.32 -44.48 5.75
CA ASP C 330 -4.68 -44.65 7.05
C ASP C 330 -4.30 -43.28 7.58
N PRO C 331 -4.85 -42.82 8.71
CA PRO C 331 -4.47 -41.48 9.20
C PRO C 331 -3.00 -41.35 9.51
N GLU C 332 -2.28 -42.47 9.68
CA GLU C 332 -0.84 -42.43 9.92
C GLU C 332 -0.04 -42.32 8.64
N THR C 333 -0.63 -42.66 7.50
CA THR C 333 0.07 -42.58 6.23
C THR C 333 0.51 -41.15 5.95
N GLN C 334 1.79 -40.98 5.61
CA GLN C 334 2.36 -39.68 5.32
C GLN C 334 2.50 -39.41 3.83
N ILE C 335 2.72 -40.43 3.00
CA ILE C 335 2.73 -40.24 1.55
C ILE C 335 1.73 -41.20 0.93
N GLY C 336 1.00 -40.70 -0.05
CA GLY C 336 -0.01 -41.48 -0.73
C GLY C 336 0.44 -41.90 -2.11
N ALA C 337 -0.54 -42.16 -2.96
CA ALA C 337 -0.25 -42.73 -4.26
C ALA C 337 0.20 -41.67 -5.24
N ILE C 338 0.98 -42.10 -6.22
CA ILE C 338 1.17 -41.26 -7.39
C ILE C 338 -0.17 -41.20 -8.12
N THR C 339 -0.55 -40.00 -8.52
CA THR C 339 -1.93 -39.78 -8.92
C THR C 339 -2.24 -40.42 -10.26
N THR C 340 -1.31 -40.34 -11.22
CA THR C 340 -1.55 -40.87 -12.55
C THR C 340 -0.46 -41.87 -12.94
N GLU C 341 -0.82 -42.77 -13.86
CA GLU C 341 0.16 -43.72 -14.37
C GLU C 341 1.25 -42.99 -15.15
N ALA C 342 0.88 -42.01 -15.96
CA ALA C 342 1.86 -41.23 -16.71
C ALA C 342 2.90 -40.61 -15.77
N GLN C 343 2.45 -39.99 -14.68
CA GLN C 343 3.40 -39.41 -13.73
C GLN C 343 4.21 -40.49 -13.04
N ASN C 344 3.56 -41.60 -12.67
CA ASN C 344 4.27 -42.71 -12.08
C ASN C 344 5.36 -43.22 -13.00
N LYS C 345 5.04 -43.40 -14.28
CA LYS C 345 6.04 -43.81 -15.25
C LYS C 345 7.17 -42.78 -15.33
N THR C 346 6.80 -41.49 -15.41
CA THR C 346 7.77 -40.41 -15.46
C THR C 346 8.75 -40.47 -14.30
N ILE C 347 8.22 -40.63 -13.08
CA ILE C 347 9.08 -40.66 -11.90
C ILE C 347 10.00 -41.87 -11.94
N LEU C 348 9.43 -43.05 -12.19
CA LEU C 348 10.25 -44.26 -12.33
C LEU C 348 11.26 -44.12 -13.46
N ASP C 349 10.82 -43.58 -14.59
CA ASP C 349 11.76 -43.31 -15.68
C ASP C 349 12.88 -42.40 -15.23
N TYR C 350 12.54 -41.36 -14.47
CA TYR C 350 13.57 -40.44 -14.01
C TYR C 350 14.51 -41.11 -13.02
N ILE C 351 13.99 -41.98 -12.16
CA ILE C 351 14.87 -42.78 -11.31
C ILE C 351 15.77 -43.65 -12.18
N ALA C 352 15.22 -44.24 -13.23
CA ALA C 352 16.06 -45.00 -14.16
C ALA C 352 17.13 -44.14 -14.82
N LYS C 353 16.75 -42.99 -15.37
CA LYS C 353 17.74 -42.09 -15.98
C LYS C 353 18.78 -41.74 -14.92
N GLY C 354 18.31 -41.37 -13.74
CA GLY C 354 19.24 -40.99 -12.67
C GLY C 354 20.30 -42.04 -12.45
N LYS C 355 19.87 -43.28 -12.39
CA LYS C 355 20.82 -44.41 -12.23
C LYS C 355 21.68 -44.53 -13.50
N GLU C 357 22.62 -42.24 -15.53
CA GLU C 357 23.56 -41.11 -15.71
C GLU C 357 24.63 -41.20 -14.63
N GLY C 358 24.57 -42.22 -13.78
CA GLY C 358 25.63 -42.35 -12.80
C GLY C 358 25.37 -41.74 -11.44
N ALA C 359 24.17 -41.21 -11.20
CA ALA C 359 23.88 -40.68 -9.87
C ALA C 359 23.82 -41.81 -8.86
N LYS C 360 24.26 -41.53 -7.64
CA LYS C 360 24.34 -42.53 -6.60
C LYS C 360 23.00 -42.60 -5.87
N LEU C 361 22.36 -43.77 -5.90
CA LEU C 361 21.13 -44.00 -5.16
C LEU C 361 21.45 -44.13 -3.68
N LEU C 362 20.86 -43.26 -2.86
CA LEU C 362 20.97 -43.35 -1.41
C LEU C 362 19.71 -43.91 -0.76
N CYS C 363 18.58 -43.81 -1.33
CA CYS C 363 17.38 -44.43 -0.74
C CYS C 363 16.28 -44.48 -1.79
N GLY C 364 15.33 -45.33 -1.62
CA GLY C 364 14.27 -45.56 -2.58
C GLY C 364 14.81 -46.13 -3.87
N GLY C 365 14.36 -45.51 -4.95
CA GLY C 365 14.69 -45.91 -6.30
C GLY C 365 13.65 -46.82 -6.91
N GLY C 366 12.68 -47.29 -6.11
CA GLY C 366 11.67 -48.19 -6.63
C GLY C 366 10.29 -47.90 -6.10
N ILE C 367 9.30 -48.57 -6.72
CA ILE C 367 7.92 -48.44 -6.22
C ILE C 367 7.75 -49.17 -4.89
N VAL C 368 6.70 -48.77 -4.16
CA VAL C 368 6.26 -49.48 -2.97
C VAL C 368 5.05 -50.29 -3.36
N ASP C 369 5.17 -51.61 -3.30
CA ASP C 369 4.06 -52.48 -3.80
C ASP C 369 3.20 -52.94 -2.63
N PHE C 370 2.08 -52.26 -2.40
CA PHE C 370 1.13 -52.73 -1.37
C PHE C 370 0.22 -53.72 -2.08
N GLY C 371 0.44 -53.89 -3.38
CA GLY C 371 -0.38 -54.82 -4.18
C GLY C 371 -1.31 -54.04 -5.08
N LYS C 372 -1.80 -52.92 -4.58
CA LYS C 372 -2.72 -52.08 -5.38
C LYS C 372 -2.15 -50.67 -5.40
N GLY C 373 -2.77 -49.82 -6.20
CA GLY C 373 -2.26 -48.46 -6.31
C GLY C 373 -0.85 -48.30 -6.85
N GLN C 374 -0.39 -47.05 -6.88
CA GLN C 374 0.93 -46.71 -7.39
C GLN C 374 1.65 -45.91 -6.31
N TYR C 375 2.61 -46.54 -5.67
CA TYR C 375 3.40 -45.88 -4.65
C TYR C 375 4.85 -45.91 -5.10
N ILE C 376 5.59 -44.86 -4.73
CA ILE C 376 6.99 -44.73 -5.07
C ILE C 376 7.75 -44.36 -3.81
N GLN C 377 8.85 -45.07 -3.56
CA GLN C 377 9.63 -44.82 -2.35
C GLN C 377 10.20 -43.40 -2.41
N PRO C 378 10.27 -42.71 -1.27
CA PRO C 378 11.11 -41.50 -1.23
C PRO C 378 12.52 -41.87 -1.62
N THR C 379 13.07 -41.14 -2.60
CA THR C 379 14.28 -41.50 -3.29
C THR C 379 15.28 -40.34 -3.21
N LEU C 380 16.50 -40.65 -2.78
CA LEU C 380 17.56 -39.66 -2.70
C LEU C 380 18.73 -40.10 -3.57
N PHE C 381 19.11 -39.26 -4.52
CA PHE C 381 20.32 -39.42 -5.30
C PHE C 381 21.38 -38.43 -4.84
N THR C 382 22.61 -38.90 -4.69
CA THR C 382 23.74 -38.02 -4.54
C THR C 382 24.69 -38.24 -5.72
N ASP C 383 25.87 -37.61 -5.65
CA ASP C 383 26.81 -37.58 -6.78
C ASP C 383 26.07 -37.16 -8.05
N VAL C 384 25.24 -36.15 -7.91
CA VAL C 384 24.42 -35.68 -9.02
C VAL C 384 25.17 -34.57 -9.72
N LYS C 385 25.34 -34.71 -11.02
CA LYS C 385 26.02 -33.63 -11.72
C LYS C 385 24.98 -32.70 -12.35
N PRO C 386 25.27 -31.40 -12.37
CA PRO C 386 24.29 -30.42 -12.86
C PRO C 386 23.70 -30.71 -14.23
N SER C 387 24.38 -31.48 -15.07
CA SER C 387 23.85 -31.77 -16.41
C SER C 387 22.92 -32.99 -16.43
N MET C 388 22.86 -33.77 -15.35
CA MET C 388 21.99 -34.93 -15.33
C MET C 388 20.53 -34.54 -15.41
N GLY C 389 19.72 -35.48 -15.89
CA GLY C 389 18.29 -35.24 -15.98
C GLY C 389 17.65 -34.99 -14.63
N ILE C 390 17.98 -35.84 -13.64
CA ILE C 390 17.38 -35.71 -12.31
C ILE C 390 17.89 -34.46 -11.61
N ALA C 391 19.05 -33.95 -12.01
CA ALA C 391 19.49 -32.68 -11.49
C ALA C 391 18.61 -31.59 -11.99
N ARG C 392 18.29 -31.56 -13.28
CA ARG C 392 17.65 -30.33 -13.82
C ARG C 392 16.15 -30.43 -14.07
N ASP C 393 15.69 -31.57 -14.51
CA ASP C 393 14.28 -31.73 -14.92
C ASP C 393 13.37 -31.97 -13.73
N GLU C 394 12.15 -31.41 -13.79
CA GLU C 394 11.17 -31.65 -12.72
C GLU C 394 10.61 -33.07 -12.77
N ILE C 395 10.93 -33.86 -11.75
CA ILE C 395 10.47 -35.24 -11.68
C ILE C 395 9.04 -35.32 -11.18
N PHE C 396 8.63 -34.38 -10.33
CA PHE C 396 7.29 -34.40 -9.73
C PHE C 396 7.03 -35.71 -9.01
N GLY C 397 8.04 -36.21 -8.33
CA GLY C 397 7.91 -37.39 -7.52
C GLY C 397 8.83 -37.23 -6.33
N PRO C 398 8.82 -38.18 -5.43
CA PRO C 398 9.59 -38.06 -4.20
C PRO C 398 11.09 -38.32 -4.42
N VAL C 399 11.66 -37.63 -5.39
CA VAL C 399 13.00 -37.94 -5.86
C VAL C 399 13.88 -36.73 -5.60
N LEU C 400 14.78 -36.86 -4.63
CA LEU C 400 15.66 -35.78 -4.21
C LEU C 400 17.02 -35.96 -4.88
N ALA C 401 17.51 -34.89 -5.48
CA ALA C 401 18.85 -34.83 -6.04
C ALA C 401 19.71 -33.98 -5.14
N SER C 402 20.84 -34.53 -4.70
CA SER C 402 21.70 -33.86 -3.74
C SER C 402 22.92 -33.26 -4.44
N PHE C 403 23.22 -32.01 -4.13
CA PHE C 403 24.38 -31.32 -4.64
C PHE C 403 25.13 -30.73 -3.46
N HIS C 404 26.45 -30.69 -3.56
CA HIS C 404 27.26 -30.16 -2.48
C HIS C 404 27.85 -28.82 -2.88
N PHE C 405 28.12 -27.99 -1.86
CA PHE C 405 28.71 -26.68 -2.08
C PHE C 405 29.62 -26.34 -0.91
N ASP C 406 30.55 -25.43 -1.14
CA ASP C 406 31.41 -24.94 -0.08
C ASP C 406 31.12 -23.52 0.34
N THR C 407 30.71 -22.67 -0.60
CA THR C 407 30.51 -21.26 -0.36
C THR C 407 29.06 -20.88 -0.61
N VAL C 408 28.63 -19.81 0.08
CA VAL C 408 27.32 -19.24 -0.16
C VAL C 408 27.12 -18.95 -1.64
N ASP C 409 28.12 -18.34 -2.28
CA ASP C 409 28.03 -18.04 -3.70
C ASP C 409 27.74 -19.30 -4.52
N GLU C 410 28.43 -20.40 -4.19
CA GLU C 410 28.20 -21.66 -4.90
C GLU C 410 26.77 -22.14 -4.70
N ALA C 411 26.31 -22.15 -3.45
CA ALA C 411 24.95 -22.59 -3.15
C ALA C 411 23.95 -21.79 -3.94
N ILE C 412 24.15 -20.47 -4.01
CA ILE C 412 23.19 -19.65 -4.73
C ILE C 412 23.28 -19.94 -6.22
N ALA C 413 24.50 -20.15 -6.73
CA ALA C 413 24.65 -20.46 -8.15
C ALA C 413 24.01 -21.79 -8.49
N ILE C 414 24.23 -22.79 -7.64
CA ILE C 414 23.57 -24.08 -7.84
C ILE C 414 22.06 -23.89 -7.74
N ALA C 415 21.61 -23.18 -6.70
CA ALA C 415 20.18 -22.94 -6.52
C ALA C 415 19.57 -22.26 -7.74
N ASN C 416 20.28 -21.27 -8.30
CA ASN C 416 19.77 -20.53 -9.44
C ASN C 416 19.97 -21.28 -10.76
N ASP C 417 20.70 -22.39 -10.74
CA ASP C 417 20.99 -23.14 -11.97
C ASP C 417 19.78 -23.98 -12.37
N THR C 418 18.76 -23.28 -12.84
CA THR C 418 17.52 -23.89 -13.29
C THR C 418 16.79 -22.87 -14.13
N VAL C 419 16.01 -23.36 -15.10
CA VAL C 419 15.10 -22.47 -15.81
C VAL C 419 13.93 -22.06 -14.93
N TYR C 420 13.72 -22.77 -13.82
CA TYR C 420 12.58 -22.52 -12.96
C TYR C 420 12.92 -21.50 -11.89
N GLY C 421 11.94 -21.19 -11.06
CA GLY C 421 12.17 -20.25 -9.98
C GLY C 421 10.93 -20.16 -9.12
N LEU C 422 10.35 -21.32 -8.84
CA LEU C 422 9.10 -21.33 -8.09
C LEU C 422 9.36 -21.11 -6.62
N ALA C 423 10.18 -21.98 -6.03
CA ALA C 423 10.31 -22.02 -4.60
C ALA C 423 11.76 -22.29 -4.24
N ALA C 424 12.10 -21.95 -3.01
CA ALA C 424 13.44 -22.24 -2.55
C ALA C 424 13.36 -22.29 -1.04
N SER C 425 14.29 -23.02 -0.47
CA SER C 425 14.35 -23.19 0.97
C SER C 425 15.81 -23.05 1.34
N VAL C 426 16.08 -22.32 2.41
CA VAL C 426 17.43 -22.16 2.93
C VAL C 426 17.42 -22.50 4.39
N TRP C 427 18.39 -23.30 4.81
CA TRP C 427 18.51 -23.74 6.20
C TRP C 427 19.86 -23.25 6.70
N SER C 428 19.81 -22.33 7.66
CA SER C 428 20.99 -21.75 8.25
C SER C 428 20.54 -20.94 9.46
N LYS C 429 21.27 -21.06 10.55
CA LYS C 429 21.04 -20.14 11.66
C LYS C 429 21.73 -18.81 11.41
N ASP C 430 22.57 -18.74 10.38
CA ASP C 430 23.30 -17.53 10.09
C ASP C 430 22.43 -16.57 9.30
N ILE C 431 22.14 -15.41 9.90
CA ILE C 431 21.27 -14.44 9.26
C ILE C 431 21.85 -13.98 7.93
N ASP C 432 23.18 -13.83 7.85
CA ASP C 432 23.79 -13.35 6.62
C ASP C 432 23.63 -14.38 5.51
N LYS C 433 23.88 -15.64 5.85
CA LYS C 433 23.68 -16.71 4.88
C LYS C 433 22.22 -16.81 4.48
N ALA C 434 21.32 -16.76 5.47
CA ALA C 434 19.89 -16.84 5.17
C ALA C 434 19.45 -15.74 4.22
N LEU C 435 19.80 -14.48 4.54
CA LEU C 435 19.37 -13.37 3.69
C LEU C 435 20.07 -13.38 2.34
N ALA C 436 21.35 -13.72 2.31
CA ALA C 436 22.05 -13.76 1.02
C ALA C 436 21.36 -14.76 0.09
N VAL C 437 21.14 -15.97 0.58
CA VAL C 437 20.47 -16.98 -0.23
C VAL C 437 19.07 -16.52 -0.58
N THR C 438 18.35 -16.01 0.43
CA THR C 438 16.98 -15.57 0.19
C THR C 438 16.91 -14.48 -0.87
N ARG C 439 17.82 -13.50 -0.79
CA ARG C 439 17.77 -12.36 -1.69
C ARG C 439 18.33 -12.66 -3.07
N ARG C 440 19.21 -13.65 -3.19
CA ARG C 440 19.92 -13.88 -4.43
C ARG C 440 19.44 -15.11 -5.19
N VAL C 441 18.64 -15.96 -4.58
CA VAL C 441 18.08 -17.11 -5.30
C VAL C 441 16.76 -16.67 -5.90
N ARG C 442 16.63 -16.85 -7.21
CA ARG C 442 15.50 -16.32 -7.96
C ARG C 442 14.33 -17.29 -7.84
N ALA C 443 13.67 -17.25 -6.69
CA ALA C 443 12.51 -18.09 -6.45
C ALA C 443 11.40 -17.24 -5.85
N GLY C 444 10.16 -17.50 -6.29
CA GLY C 444 9.07 -16.65 -5.85
C GLY C 444 8.57 -16.97 -4.46
N ARG C 445 8.80 -18.20 -4.00
CA ARG C 445 8.36 -18.64 -2.68
C ARG C 445 9.59 -19.12 -1.96
N PHE C 446 9.98 -18.41 -0.90
CA PHE C 446 11.19 -18.74 -0.18
C PHE C 446 10.83 -19.15 1.24
N TRP C 447 11.53 -20.16 1.71
CA TRP C 447 11.40 -20.60 3.09
C TRP C 447 12.76 -20.58 3.76
N VAL C 448 12.82 -19.94 4.93
CA VAL C 448 14.03 -19.88 5.71
C VAL C 448 13.81 -20.68 6.97
N ASN C 449 14.62 -21.75 7.12
CA ASN C 449 14.54 -22.65 8.27
C ASN C 449 13.12 -23.17 8.42
N THR C 450 12.45 -23.33 7.29
CA THR C 450 11.13 -23.93 7.24
C THR C 450 10.92 -24.43 5.82
N ILE C 451 9.78 -25.07 5.62
CA ILE C 451 9.39 -25.52 4.29
C ILE C 451 7.87 -25.52 4.22
N MET C 452 7.32 -24.95 3.15
CA MET C 452 5.89 -25.01 2.84
C MET C 452 5.04 -24.58 4.03
N SER C 453 5.40 -23.45 4.65
CA SER C 453 4.75 -23.02 5.89
C SER C 453 3.91 -21.75 5.79
N GLY C 454 4.01 -20.99 4.70
CA GLY C 454 3.25 -19.75 4.62
C GLY C 454 1.77 -19.96 4.30
N GLY C 455 0.91 -19.21 4.98
CA GLY C 455 -0.50 -19.25 4.68
C GLY C 455 -0.84 -18.32 3.54
N PRO C 456 -2.14 -18.14 3.26
CA PRO C 456 -2.54 -17.36 2.09
C PRO C 456 -2.41 -15.86 2.25
N GLU C 457 -1.83 -15.38 3.37
CA GLU C 457 -1.60 -13.94 3.50
C GLU C 457 -0.65 -13.43 2.46
N THR C 458 0.23 -14.28 2.00
CA THR C 458 1.29 -13.83 1.13
C THR C 458 1.04 -14.29 -0.29
N PRO C 459 1.46 -13.53 -1.28
CA PRO C 459 1.33 -13.97 -2.66
C PRO C 459 2.27 -15.15 -2.91
N LEU C 460 1.86 -15.98 -3.85
CA LEU C 460 2.67 -17.10 -4.24
C LEU C 460 2.80 -17.09 -5.75
N GLY C 461 3.94 -17.57 -6.22
CA GLY C 461 4.19 -17.61 -7.64
C GLY C 461 5.66 -17.83 -7.88
N GLY C 462 6.01 -17.80 -9.16
CA GLY C 462 7.36 -18.16 -9.51
C GLY C 462 8.12 -17.07 -10.24
N PHE C 463 9.44 -17.23 -10.25
CA PHE C 463 10.32 -16.53 -11.17
C PHE C 463 10.43 -17.33 -12.45
N LYS C 464 11.00 -16.69 -13.47
CA LYS C 464 11.52 -17.34 -14.67
C LYS C 464 10.41 -18.21 -15.25
N GLN C 465 10.67 -19.48 -15.55
CA GLN C 465 9.70 -20.33 -16.23
C GLN C 465 8.75 -21.00 -15.27
N SER C 466 8.76 -20.62 -14.00
CA SER C 466 7.85 -21.18 -13.02
C SER C 466 6.52 -20.46 -12.98
N GLY C 467 6.35 -19.40 -13.76
CA GLY C 467 5.03 -18.85 -13.95
C GLY C 467 5.04 -17.35 -14.16
N TRP C 468 3.82 -16.82 -14.29
CA TRP C 468 3.54 -15.40 -14.40
C TRP C 468 2.53 -15.05 -13.32
N GLY C 469 2.70 -13.87 -12.72
CA GLY C 469 1.75 -13.40 -11.74
C GLY C 469 1.94 -14.08 -10.40
N ARG C 470 1.12 -13.61 -9.48
CA ARG C 470 1.17 -14.19 -8.13
C ARG C 470 -0.25 -14.62 -7.80
N GLU C 471 -0.36 -15.61 -6.94
CA GLU C 471 -1.69 -16.04 -6.49
C GLU C 471 -1.70 -15.82 -4.98
N ALA C 472 -2.88 -15.82 -4.38
CA ALA C 472 -3.03 -15.68 -2.92
C ALA C 472 -2.61 -14.29 -2.43
N GLY C 473 -2.86 -14.01 -1.17
CA GLY C 473 -2.63 -12.66 -0.66
C GLY C 473 -3.56 -11.68 -1.31
N LEU C 474 -3.44 -10.39 -0.97
CA LEU C 474 -4.23 -9.38 -1.69
C LEU C 474 -3.66 -9.31 -3.09
N TYR C 475 -2.36 -9.61 -3.24
CA TYR C 475 -1.85 -9.58 -4.60
C TYR C 475 -2.68 -10.47 -5.52
N GLY C 476 -2.94 -11.70 -5.06
CA GLY C 476 -3.65 -12.65 -5.90
C GLY C 476 -5.04 -12.19 -6.25
N VAL C 477 -5.70 -11.49 -5.33
CA VAL C 477 -6.96 -10.86 -5.67
C VAL C 477 -6.72 -9.76 -6.70
N GLU C 478 -5.66 -8.97 -6.51
CA GLU C 478 -5.38 -7.90 -7.46
C GLU C 478 -5.01 -8.44 -8.83
N GLU C 479 -4.41 -9.63 -8.90
CA GLU C 479 -3.98 -10.17 -10.19
C GLU C 479 -5.15 -10.33 -11.14
N TYR C 480 -6.35 -10.56 -10.60
CA TYR C 480 -7.51 -10.78 -11.45
C TYR C 480 -8.36 -9.53 -11.55
N THR C 481 -7.76 -8.39 -11.23
CA THR C 481 -8.37 -7.09 -11.46
C THR C 481 -7.64 -6.36 -12.58
N GLN C 482 -8.34 -5.46 -13.23
CA GLN C 482 -7.71 -4.54 -14.15
C GLN C 482 -7.53 -3.22 -13.44
N ILE C 483 -6.41 -2.57 -13.72
CA ILE C 483 -6.10 -1.28 -13.15
C ILE C 483 -6.59 -0.21 -14.12
N LYS C 484 -7.41 0.68 -13.61
CA LYS C 484 -7.97 1.74 -14.43
C LYS C 484 -7.55 3.07 -13.82
N SER C 485 -6.66 3.77 -14.51
CA SER C 485 -6.31 5.11 -14.08
C SER C 485 -7.40 6.07 -14.52
N VAL C 486 -7.69 7.03 -13.66
CA VAL C 486 -8.73 8.00 -13.93
C VAL C 486 -8.16 9.36 -13.58
N HIS C 487 -8.21 10.28 -14.53
CA HIS C 487 -7.85 11.65 -14.28
C HIS C 487 -9.08 12.52 -14.54
N ILE C 488 -9.40 13.37 -13.59
CA ILE C 488 -10.55 14.25 -13.69
C ILE C 488 -10.06 15.69 -13.70
N GLU C 489 -10.49 16.44 -14.72
CA GLU C 489 -10.39 17.88 -14.84
C GLU C 489 -9.01 18.36 -15.24
N SER D 9 19.29 24.47 -40.18
CA SER D 9 18.54 23.75 -39.15
C SER D 9 18.24 22.30 -39.58
N LEU D 10 18.01 22.04 -40.86
CA LEU D 10 17.92 20.60 -41.14
C LEU D 10 19.34 20.04 -41.33
N PRO D 11 19.56 18.77 -41.01
CA PRO D 11 20.93 18.23 -41.11
C PRO D 11 21.41 18.20 -42.56
N LEU D 12 22.62 18.72 -42.77
CA LEU D 12 23.21 18.74 -44.09
C LEU D 12 23.39 17.34 -44.64
N LYS D 13 23.91 16.45 -43.81
CA LYS D 13 24.05 15.03 -44.07
C LYS D 13 23.40 14.28 -42.92
N PRO D 14 22.82 13.12 -43.18
CA PRO D 14 22.14 12.40 -42.11
C PRO D 14 23.12 12.13 -40.99
N ARG D 15 22.64 12.26 -39.76
CA ARG D 15 23.51 11.99 -38.64
C ARG D 15 23.69 10.49 -38.53
N GLU D 16 24.92 10.02 -38.59
CA GLU D 16 25.16 8.61 -38.44
C GLU D 16 25.33 8.33 -36.97
N PHE D 17 24.48 7.49 -36.42
CA PHE D 17 24.58 7.09 -35.03
C PHE D 17 25.28 5.76 -34.95
N GLY D 18 25.83 5.49 -33.78
CA GLY D 18 26.19 4.15 -33.41
C GLY D 18 25.07 3.55 -32.58
N PHE D 19 25.18 2.28 -32.29
CA PHE D 19 24.32 1.72 -31.28
C PHE D 19 25.11 1.62 -29.99
N PHE D 20 24.42 1.27 -28.92
CA PHE D 20 24.96 1.46 -27.59
C PHE D 20 24.91 0.14 -26.85
N ILE D 21 26.09 -0.44 -26.63
CA ILE D 21 26.22 -1.69 -25.91
C ILE D 21 27.32 -1.51 -24.87
N ASP D 22 27.01 -1.87 -23.63
CA ASP D 22 28.01 -1.89 -22.57
C ASP D 22 28.74 -0.56 -22.45
N GLY D 23 27.97 0.52 -22.46
CA GLY D 23 28.54 1.85 -22.30
C GLY D 23 29.32 2.38 -23.48
N GLU D 24 29.45 1.61 -24.55
CA GLU D 24 30.28 1.96 -25.70
C GLU D 24 29.40 2.23 -26.91
N TRP D 25 29.70 3.32 -27.61
CA TRP D 25 29.11 3.54 -28.91
C TRP D 25 29.74 2.59 -29.92
N ARG D 26 28.89 1.95 -30.71
CA ARG D 26 29.31 0.93 -31.66
C ARG D 26 28.92 1.40 -33.04
N ALA D 27 29.89 1.48 -33.94
CA ALA D 27 29.58 1.82 -35.31
C ALA D 27 28.71 0.73 -35.92
N GLY D 28 27.72 1.16 -36.71
CA GLY D 28 26.95 0.20 -37.46
C GLY D 28 27.73 -0.34 -38.66
N LYS D 29 27.29 -1.51 -39.13
CA LYS D 29 27.73 -2.10 -40.39
C LYS D 29 26.66 -1.93 -41.46
N ASP D 30 25.46 -2.41 -41.18
CA ASP D 30 24.30 -2.12 -42.01
C ASP D 30 23.61 -0.90 -41.41
N PHE D 31 23.00 -0.12 -42.26
CA PHE D 31 22.39 1.11 -41.77
C PHE D 31 21.00 1.24 -42.35
N PHE D 32 20.08 1.68 -41.50
CA PHE D 32 18.80 2.18 -41.94
C PHE D 32 18.94 3.69 -42.13
N ASP D 33 18.53 4.16 -43.29
CA ASP D 33 18.60 5.57 -43.61
C ASP D 33 17.22 6.17 -43.36
N ARG D 34 17.15 7.09 -42.43
CA ARG D 34 15.88 7.70 -42.05
C ARG D 34 15.84 9.11 -42.59
N SER D 35 14.78 9.41 -43.33
CA SER D 35 14.53 10.77 -43.77
C SER D 35 13.44 11.38 -42.91
N SER D 36 13.52 12.69 -42.70
CA SER D 36 12.50 13.40 -41.99
C SER D 36 11.14 13.14 -42.62
N PRO D 37 10.18 12.57 -41.88
CA PRO D 37 8.85 12.35 -42.47
C PRO D 37 8.16 13.63 -42.83
N ALA D 38 8.58 14.75 -42.25
CA ALA D 38 8.01 16.05 -42.57
C ALA D 38 8.72 16.77 -43.69
N HIS D 39 9.99 16.46 -43.94
CA HIS D 39 10.80 17.25 -44.87
C HIS D 39 11.40 16.45 -46.01
N ASP D 40 11.32 15.13 -45.98
CA ASP D 40 11.92 14.25 -46.99
C ASP D 40 13.35 14.68 -47.34
N VAL D 41 14.12 14.91 -46.29
CA VAL D 41 15.56 15.12 -46.44
C VAL D 41 16.18 14.05 -45.55
N PRO D 42 17.30 13.47 -45.95
CA PRO D 42 17.97 12.52 -45.07
C PRO D 42 18.28 13.17 -43.73
N VAL D 43 18.00 12.42 -42.68
CA VAL D 43 18.06 12.98 -41.35
C VAL D 43 19.00 12.18 -40.45
N THR D 44 18.94 10.85 -40.55
CA THR D 44 19.79 10.01 -39.71
C THR D 44 20.19 8.77 -40.48
N ARG D 45 21.25 8.15 -40.01
CA ARG D 45 21.70 6.84 -40.46
C ARG D 45 21.83 6.05 -39.17
N ILE D 46 21.08 4.97 -39.05
CA ILE D 46 20.90 4.27 -37.80
C ILE D 46 21.40 2.84 -37.98
N PRO D 47 22.27 2.34 -37.12
CA PRO D 47 22.72 0.96 -37.28
C PRO D 47 21.54 0.02 -37.34
N ARG D 48 21.56 -0.85 -38.34
CA ARG D 48 20.65 -1.98 -38.42
C ARG D 48 21.40 -3.12 -37.77
N CYS D 49 21.14 -3.34 -36.50
CA CYS D 49 21.97 -4.31 -35.81
C CYS D 49 21.53 -5.72 -36.11
N THR D 50 22.40 -6.62 -35.67
CA THR D 50 22.16 -8.05 -35.89
C THR D 50 21.64 -8.69 -34.63
N ARG D 51 21.36 -9.98 -34.72
CA ARG D 51 20.92 -10.73 -33.54
C ARG D 51 22.15 -10.97 -32.68
N GLU D 52 23.34 -10.97 -33.29
CA GLU D 52 24.59 -11.12 -32.52
C GLU D 52 24.79 -9.83 -31.74
N ASP D 53 24.58 -8.70 -32.39
CA ASP D 53 24.63 -7.45 -31.62
C ASP D 53 23.64 -7.52 -30.46
N LEU D 54 22.44 -7.99 -30.73
CA LEU D 54 21.46 -8.04 -29.63
C LEU D 54 21.97 -8.97 -28.55
N ASP D 55 22.49 -10.13 -28.94
CA ASP D 55 23.03 -11.03 -27.94
C ASP D 55 24.09 -10.34 -27.10
N GLU D 56 24.94 -9.55 -27.76
CA GLU D 56 26.00 -8.86 -27.04
C GLU D 56 25.40 -7.91 -26.03
N ALA D 57 24.39 -7.15 -26.45
CA ALA D 57 23.75 -6.21 -25.55
C ALA D 57 23.10 -6.93 -24.39
N VAL D 58 22.39 -8.02 -24.67
CA VAL D 58 21.81 -8.79 -23.59
C VAL D 58 22.90 -9.27 -22.65
N ALA D 59 24.01 -9.75 -23.21
CA ALA D 59 25.10 -10.22 -22.36
C ALA D 59 25.61 -9.11 -21.46
N ALA D 60 25.76 -7.91 -22.03
CA ALA D 60 26.18 -6.76 -21.24
C ALA D 60 25.16 -6.44 -20.16
N ALA D 61 23.87 -6.42 -20.51
CA ALA D 61 22.83 -6.15 -19.53
C ALA D 61 22.78 -7.25 -18.46
N ARG D 62 22.97 -8.50 -18.88
CA ARG D 62 23.07 -9.60 -17.92
C ARG D 62 24.25 -9.37 -17.00
N ARG D 63 25.41 -9.10 -17.60
CA ARG D 63 26.61 -8.76 -16.85
C ARG D 63 26.34 -7.60 -15.89
N ALA D 64 25.80 -6.50 -16.41
CA ALA D 64 25.57 -5.35 -15.55
C ALA D 64 24.55 -5.66 -14.45
N PHE D 65 23.63 -6.59 -14.71
CA PHE D 65 22.64 -6.92 -13.70
C PHE D 65 23.22 -7.83 -12.63
N GLU D 66 24.00 -8.83 -13.05
CA GLU D 66 24.50 -9.82 -12.10
C GLU D 66 25.68 -9.31 -11.30
N ASN D 67 26.47 -8.39 -11.84
CA ASN D 67 27.64 -7.98 -11.07
C ASN D 67 27.30 -6.95 -9.99
N GLY D 68 26.02 -6.64 -9.82
CA GLY D 68 25.56 -5.71 -8.81
C GLY D 68 25.83 -4.26 -9.11
N SER D 69 26.36 -3.93 -10.30
CA SER D 69 26.69 -2.55 -10.59
C SER D 69 25.46 -1.65 -10.66
N TRP D 70 24.27 -2.22 -10.73
CA TRP D 70 23.10 -1.38 -10.83
C TRP D 70 22.06 -1.87 -9.85
N ALA D 71 21.70 -3.16 -9.95
CA ALA D 71 20.73 -3.73 -9.04
C ALA D 71 21.29 -3.84 -7.62
N GLY D 72 22.61 -3.97 -7.49
CA GLY D 72 23.21 -4.04 -6.18
C GLY D 72 23.41 -2.71 -5.51
N LEU D 73 23.25 -1.61 -6.25
CA LEU D 73 23.36 -0.29 -5.65
C LEU D 73 22.19 -0.05 -4.72
N ALA D 74 22.37 0.90 -3.81
CA ALA D 74 21.24 1.44 -3.10
C ALA D 74 20.30 2.13 -4.07
N ALA D 75 19.01 2.07 -3.76
CA ALA D 75 18.04 2.86 -4.51
C ALA D 75 18.50 4.30 -4.64
N ALA D 76 19.09 4.84 -3.57
CA ALA D 76 19.58 6.21 -3.61
C ALA D 76 20.48 6.44 -4.81
N ASP D 77 21.29 5.44 -5.16
CA ASP D 77 22.26 5.61 -6.26
C ASP D 77 21.55 5.53 -7.61
N ARG D 78 20.59 4.61 -7.73
CA ARG D 78 19.81 4.59 -8.96
C ARG D 78 19.01 5.87 -9.09
N ALA D 79 18.41 6.33 -7.99
CA ALA D 79 17.71 7.60 -8.02
C ALA D 79 18.65 8.72 -8.43
N ALA D 80 19.89 8.71 -7.92
CA ALA D 80 20.83 9.77 -8.26
C ALA D 80 21.02 9.85 -9.76
N VAL D 81 21.24 8.70 -10.39
CA VAL D 81 21.43 8.63 -11.83
C VAL D 81 20.15 9.07 -12.55
N LEU D 82 19.02 8.53 -12.12
CA LEU D 82 17.76 8.91 -12.76
C LEU D 82 17.49 10.40 -12.62
N LEU D 83 17.73 10.95 -11.42
CA LEU D 83 17.55 12.39 -11.22
C LEU D 83 18.54 13.19 -12.04
N LYS D 84 19.78 12.71 -12.12
CA LYS D 84 20.72 13.41 -12.96
C LYS D 84 20.32 13.31 -14.43
N ALA D 85 19.87 12.13 -14.88
CA ALA D 85 19.38 12.01 -16.25
C ALA D 85 18.24 12.99 -16.50
N ALA D 86 17.30 13.08 -15.55
CA ALA D 86 16.23 14.07 -15.64
C ALA D 86 16.79 15.46 -15.82
N GLY D 87 17.87 15.78 -15.09
CA GLY D 87 18.52 17.06 -15.25
C GLY D 87 19.10 17.24 -16.64
N LEU D 88 19.77 16.20 -17.15
CA LEU D 88 20.33 16.27 -18.49
C LEU D 88 19.23 16.36 -19.53
N LEU D 89 18.11 15.67 -19.31
CA LEU D 89 16.97 15.82 -20.20
C LEU D 89 16.57 17.27 -20.34
N ARG D 90 16.47 17.97 -19.22
CA ARG D 90 16.13 19.41 -19.26
C ARG D 90 17.19 20.17 -20.07
N GLU D 91 18.47 19.95 -19.77
CA GLU D 91 19.52 20.66 -20.48
C GLU D 91 19.47 20.36 -21.97
N ARG D 92 19.18 19.12 -22.31
CA ARG D 92 19.25 18.68 -23.69
C ARG D 92 17.89 18.65 -24.35
N ARG D 93 16.88 19.24 -23.68
CA ARG D 93 15.53 19.32 -24.21
C ARG D 93 15.51 19.68 -25.70
N ASP D 94 16.14 20.81 -26.05
CA ASP D 94 16.06 21.29 -27.43
C ASP D 94 16.69 20.29 -28.38
N ASP D 95 17.82 19.71 -28.00
CA ASP D 95 18.51 18.76 -28.87
C ASP D 95 17.68 17.50 -29.04
N ILE D 96 17.16 16.95 -27.93
CA ILE D 96 16.31 15.76 -28.00
C ILE D 96 15.11 16.04 -28.90
N ALA D 97 14.42 17.16 -28.68
CA ALA D 97 13.22 17.48 -29.44
C ALA D 97 13.54 17.62 -30.92
N TYR D 98 14.67 18.28 -31.21
CA TYR D 98 15.09 18.47 -32.59
C TYR D 98 15.23 17.14 -33.31
N TRP D 99 15.97 16.20 -32.74
CA TRP D 99 16.07 14.89 -33.37
C TRP D 99 14.76 14.15 -33.32
N GLU D 100 13.98 14.33 -32.26
CA GLU D 100 12.67 13.69 -32.18
C GLU D 100 11.78 14.16 -33.32
N VAL D 101 11.73 15.47 -33.51
CA VAL D 101 10.94 16.02 -34.60
C VAL D 101 11.45 15.48 -35.93
N LEU D 102 12.77 15.50 -36.13
CA LEU D 102 13.33 15.09 -37.40
C LEU D 102 12.93 13.68 -37.76
N GLU D 103 12.98 12.76 -36.82
CA GLU D 103 12.71 11.38 -37.15
C GLU D 103 11.24 11.01 -37.06
N ASN D 104 10.47 11.76 -36.28
CA ASN D 104 9.09 11.40 -36.04
C ASN D 104 8.13 12.31 -36.79
N GLY D 105 8.46 13.59 -36.92
CA GLY D 105 7.61 14.53 -37.58
C GLY D 105 6.66 15.28 -36.68
N LYS D 106 6.63 14.97 -35.38
CA LYS D 106 5.73 15.68 -34.50
C LYS D 106 6.18 17.13 -34.36
N PRO D 107 5.27 18.03 -34.01
CA PRO D 107 5.66 19.43 -33.85
C PRO D 107 6.72 19.60 -32.76
N ILE D 108 7.58 20.62 -32.95
CA ILE D 108 8.65 20.89 -32.00
C ILE D 108 8.06 21.26 -30.64
N SER D 109 6.96 22.02 -30.64
CA SER D 109 6.34 22.40 -29.38
C SER D 109 5.87 21.18 -28.60
N GLN D 110 5.24 20.24 -29.28
CA GLN D 110 4.84 18.98 -28.64
C GLN D 110 6.06 18.18 -28.20
N ALA D 111 7.04 18.03 -29.07
CA ALA D 111 8.24 17.29 -28.72
C ALA D 111 8.90 17.87 -27.49
N LYS D 112 8.97 19.20 -27.40
CA LYS D 112 9.54 19.84 -26.21
C LYS D 112 8.66 19.56 -25.00
N GLY D 113 7.34 19.68 -25.15
CA GLY D 113 6.43 19.39 -24.06
C GLY D 113 6.45 17.94 -23.65
N GLU D 114 6.63 17.03 -24.62
CA GLU D 114 6.78 15.62 -24.28
C GLU D 114 8.01 15.40 -23.40
N ILE D 115 9.07 16.16 -23.64
CA ILE D 115 10.27 16.01 -22.84
C ILE D 115 9.98 16.40 -21.38
N ASP D 116 9.09 17.37 -21.15
CA ASP D 116 8.69 17.67 -19.77
C ASP D 116 8.12 16.44 -19.07
N HIS D 117 7.24 15.73 -19.76
CA HIS D 117 6.73 14.47 -19.21
C HIS D 117 7.85 13.47 -19.01
N CYS D 118 8.78 13.40 -19.97
CA CYS D 118 9.93 12.52 -19.84
C CYS D 118 10.71 12.82 -18.58
N ILE D 119 10.92 14.11 -18.28
CA ILE D 119 11.61 14.50 -17.07
C ILE D 119 10.79 14.07 -15.85
N ALA D 120 9.49 14.34 -15.88
CA ALA D 120 8.62 13.87 -14.81
C ALA D 120 8.75 12.37 -14.64
N CYS D 121 8.81 11.64 -15.75
CA CYS D 121 8.97 10.19 -15.67
C CYS D 121 10.27 9.82 -14.99
N PHE D 122 11.38 10.46 -15.36
CA PHE D 122 12.63 10.15 -14.69
C PHE D 122 12.58 10.52 -13.22
N GLU D 123 11.99 11.67 -12.90
CA GLU D 123 11.84 12.09 -11.51
C GLU D 123 10.98 11.10 -10.75
N MET D 124 9.83 10.76 -11.33
CA MET D 124 8.96 9.78 -10.71
C MET D 124 9.68 8.46 -10.49
N ALA D 125 10.38 7.96 -11.51
CA ALA D 125 11.09 6.69 -11.35
C ALA D 125 12.18 6.81 -10.30
N ALA D 126 12.88 7.93 -10.27
CA ALA D 126 13.86 8.15 -9.22
C ALA D 126 13.19 8.06 -7.87
N GLY D 127 12.06 8.73 -7.72
CA GLY D 127 11.30 8.61 -6.48
C GLY D 127 10.89 7.19 -6.20
N ALA D 128 10.33 6.53 -7.22
CA ALA D 128 9.88 5.16 -7.02
C ALA D 128 11.03 4.23 -6.69
N ALA D 129 12.22 4.48 -7.24
CA ALA D 129 13.37 3.64 -6.93
C ALA D 129 13.52 3.49 -5.42
N ARG D 130 13.34 4.61 -4.70
CA ARG D 130 13.44 4.60 -3.24
C ARG D 130 12.20 3.99 -2.59
N MET D 131 11.04 4.17 -3.18
CA MET D 131 9.81 3.72 -2.47
C MET D 131 9.53 2.25 -2.76
N LEU D 132 10.15 1.71 -3.82
CA LEU D 132 9.93 0.32 -4.18
C LEU D 132 10.07 -0.58 -2.98
N HIS D 133 8.99 -1.26 -2.62
CA HIS D 133 8.96 -1.97 -1.36
C HIS D 133 8.06 -3.18 -1.50
N GLY D 134 8.30 -4.15 -0.65
CA GLY D 134 7.39 -5.27 -0.56
C GLY D 134 6.69 -5.18 0.77
N ASP D 135 6.33 -6.32 1.34
CA ASP D 135 5.55 -6.38 2.56
C ASP D 135 6.27 -7.18 3.62
N THR D 136 6.02 -6.82 4.86
CA THR D 136 6.34 -7.68 5.99
C THR D 136 5.04 -8.20 6.58
N PHE D 137 5.02 -9.47 6.93
CA PHE D 137 3.87 -10.05 7.60
C PHE D 137 4.39 -10.47 8.95
N ASN D 138 4.31 -9.51 9.87
CA ASN D 138 4.67 -9.66 11.26
C ASN D 138 3.51 -10.22 12.07
N ASN D 139 2.44 -10.58 11.37
CA ASN D 139 1.18 -11.00 11.94
C ASN D 139 0.96 -12.50 11.80
N LEU D 140 2.00 -13.25 11.48
CA LEU D 140 1.81 -14.66 11.18
C LEU D 140 2.03 -15.54 12.40
N GLY D 141 2.39 -14.96 13.54
CA GLY D 141 2.63 -15.70 14.76
C GLY D 141 4.03 -15.47 15.29
N GLU D 142 4.24 -15.79 16.58
CA GLU D 142 5.56 -15.56 17.17
C GLU D 142 6.63 -16.37 16.44
N GLY D 143 6.31 -17.59 16.00
CA GLY D 143 7.30 -18.46 15.39
C GLY D 143 7.35 -18.44 13.88
N LEU D 144 6.62 -17.55 13.22
CA LEU D 144 6.63 -17.50 11.77
C LEU D 144 6.67 -16.04 11.33
N PHE D 145 7.75 -15.64 10.67
CA PHE D 145 7.86 -14.30 10.10
C PHE D 145 7.75 -14.40 8.60
N GLY D 146 6.90 -13.58 8.02
CA GLY D 146 6.67 -13.59 6.58
C GLY D 146 7.11 -12.27 5.98
N MET D 147 7.63 -12.34 4.77
CA MET D 147 8.08 -11.17 4.05
C MET D 147 7.70 -11.31 2.60
N VAL D 148 7.55 -10.18 1.93
CA VAL D 148 7.39 -10.18 0.50
C VAL D 148 8.41 -9.20 0.00
N LEU D 149 9.40 -9.72 -0.72
CA LEU D 149 10.44 -8.91 -1.34
C LEU D 149 10.06 -8.62 -2.77
N ARG D 150 10.46 -7.44 -3.21
CA ARG D 150 10.47 -7.11 -4.62
C ARG D 150 11.91 -6.99 -5.05
N GLU D 151 12.20 -7.51 -6.24
CA GLU D 151 13.56 -7.42 -6.74
C GLU D 151 13.50 -7.22 -8.24
N PRO D 152 14.43 -6.48 -8.80
CA PRO D 152 14.45 -6.28 -10.25
C PRO D 152 14.41 -7.64 -10.94
N ILE D 153 13.55 -7.76 -11.95
CA ILE D 153 13.37 -9.06 -12.59
C ILE D 153 14.65 -9.49 -13.29
N GLY D 154 15.48 -8.54 -13.68
CA GLY D 154 16.75 -8.83 -14.32
C GLY D 154 16.91 -8.03 -15.59
N VAL D 155 17.20 -8.72 -16.70
CA VAL D 155 17.42 -8.08 -17.98
C VAL D 155 16.07 -7.86 -18.64
N VAL D 156 15.77 -6.62 -18.96
CA VAL D 156 14.50 -6.24 -19.52
C VAL D 156 14.73 -5.78 -20.95
N GLY D 157 14.00 -6.41 -21.88
CA GLY D 157 13.95 -5.90 -23.23
C GLY D 157 12.93 -4.78 -23.32
N LEU D 158 13.25 -3.77 -24.12
CA LEU D 158 12.37 -2.62 -24.30
C LEU D 158 12.27 -2.36 -25.78
N ILE D 159 11.08 -2.57 -26.33
CA ILE D 159 10.80 -2.29 -27.72
C ILE D 159 9.75 -1.20 -27.75
N THR D 160 10.03 -0.15 -28.50
CA THR D 160 9.22 1.05 -28.49
C THR D 160 8.80 1.40 -29.91
N PRO D 161 7.71 2.14 -30.05
CA PRO D 161 7.20 2.45 -31.39
C PRO D 161 7.71 3.80 -31.85
N TRP D 162 7.29 4.22 -33.03
CA TRP D 162 7.78 5.46 -33.60
C TRP D 162 6.89 6.64 -33.28
N ASN D 163 5.74 6.42 -32.65
CA ASN D 163 4.83 7.56 -32.52
C ASN D 163 5.25 8.50 -31.41
N PHE D 164 5.74 7.95 -30.31
CA PHE D 164 6.29 8.75 -29.21
C PHE D 164 7.63 8.13 -28.83
N PRO D 165 8.61 8.23 -29.71
CA PRO D 165 9.87 7.49 -29.50
C PRO D 165 10.52 7.84 -28.18
N PHE D 166 10.72 9.12 -27.92
CA PHE D 166 11.39 9.50 -26.68
C PHE D 166 10.47 9.36 -25.48
N MET D 167 9.22 9.79 -25.63
CA MET D 167 8.34 9.81 -24.46
C MET D 167 8.04 8.41 -23.98
N ILE D 168 7.67 7.51 -24.89
CA ILE D 168 7.36 6.15 -24.46
C ILE D 168 8.60 5.50 -23.87
N LEU D 169 9.76 5.73 -24.49
CA LEU D 169 11.01 5.27 -23.90
C LEU D 169 11.15 5.77 -22.47
N CYS D 170 10.91 7.06 -22.26
CA CYS D 170 11.06 7.60 -20.92
C CYS D 170 9.89 7.20 -20.05
N GLU D 171 8.81 6.73 -20.64
CA GLU D 171 7.71 6.18 -19.89
C GLU D 171 7.90 4.70 -19.59
N ARG D 172 9.08 4.15 -19.90
CA ARG D 172 9.40 2.76 -19.61
C ARG D 172 10.77 2.65 -18.98
N ALA D 173 11.80 3.06 -19.72
CA ALA D 173 13.19 2.85 -19.30
C ALA D 173 13.46 3.29 -17.86
N PRO D 174 13.16 4.52 -17.44
CA PRO D 174 13.50 4.87 -16.05
C PRO D 174 12.75 4.04 -15.03
N PHE D 175 11.47 3.72 -15.29
CA PHE D 175 10.73 2.88 -14.36
C PHE D 175 11.32 1.49 -14.29
N ILE D 176 11.79 0.97 -15.43
CA ILE D 176 12.45 -0.31 -15.44
C ILE D 176 13.77 -0.20 -14.70
N LEU D 177 14.55 0.84 -15.01
CA LEU D 177 15.86 1.01 -14.38
C LEU D 177 15.71 1.20 -12.89
N ALA D 178 14.61 1.83 -12.46
CA ALA D 178 14.45 2.21 -11.06
C ALA D 178 14.64 1.02 -10.11
N SER D 179 14.14 -0.16 -10.49
CA SER D 179 14.23 -1.30 -9.60
C SER D 179 15.62 -1.91 -9.57
N GLY D 180 16.46 -1.56 -10.53
CA GLY D 180 17.73 -2.23 -10.69
C GLY D 180 17.79 -3.12 -11.89
N CYS D 181 16.73 -3.16 -12.70
CA CYS D 181 16.77 -3.87 -13.96
C CYS D 181 17.77 -3.22 -14.88
N THR D 182 18.32 -4.01 -15.77
CA THR D 182 19.09 -3.52 -16.89
C THR D 182 18.25 -3.59 -18.15
N LEU D 183 18.65 -2.83 -19.15
CA LEU D 183 17.81 -2.62 -20.32
C LEU D 183 18.57 -2.97 -21.57
N VAL D 184 17.88 -3.67 -22.47
CA VAL D 184 18.24 -3.73 -23.88
C VAL D 184 17.08 -3.13 -24.64
N VAL D 185 17.33 -2.05 -25.36
CA VAL D 185 16.28 -1.25 -25.96
C VAL D 185 16.42 -1.33 -27.47
N LYS D 186 15.32 -1.64 -28.14
CA LYS D 186 15.24 -1.46 -29.59
C LYS D 186 14.16 -0.43 -29.86
N PRO D 187 14.51 0.80 -30.17
CA PRO D 187 13.49 1.77 -30.56
C PRO D 187 12.98 1.45 -31.95
N ALA D 188 11.94 2.16 -32.35
CA ALA D 188 11.47 1.98 -33.72
C ALA D 188 12.61 2.35 -34.66
N GLU D 189 12.84 1.51 -35.65
CA GLU D 189 13.89 1.75 -36.62
C GLU D 189 13.79 3.16 -37.20
N VAL D 190 12.57 3.64 -37.43
CA VAL D 190 12.37 4.95 -38.04
C VAL D 190 12.60 6.08 -37.06
N THR D 191 12.68 5.78 -35.76
CA THR D 191 12.83 6.81 -34.74
C THR D 191 13.76 6.30 -33.64
N SER D 192 15.00 6.02 -34.01
CA SER D 192 15.97 5.53 -33.04
C SER D 192 16.82 6.65 -32.46
N ALA D 193 16.87 7.81 -33.12
CA ALA D 193 17.82 8.84 -32.74
C ALA D 193 17.76 9.19 -31.26
N THR D 194 16.58 9.63 -30.80
CA THR D 194 16.46 10.14 -29.44
C THR D 194 16.63 9.05 -28.40
N THR D 195 16.40 7.80 -28.76
CA THR D 195 16.69 6.69 -27.87
C THR D 195 18.19 6.53 -27.68
N LEU D 196 18.96 6.68 -28.77
CA LEU D 196 20.41 6.70 -28.64
C LEU D 196 20.86 7.92 -27.85
N LEU D 197 20.16 9.04 -28.03
CA LEU D 197 20.46 10.22 -27.23
C LEU D 197 20.20 9.95 -25.75
N LEU D 198 19.15 9.17 -25.43
CA LEU D 198 18.93 8.82 -24.04
C LEU D 198 20.06 7.94 -23.51
N ALA D 199 20.58 7.03 -24.34
CA ALA D 199 21.71 6.20 -23.90
C ALA D 199 22.89 7.08 -23.50
N GLU D 200 23.16 8.10 -24.31
CA GLU D 200 24.20 9.08 -24.00
C GLU D 200 23.86 9.83 -22.73
N ILE D 201 22.61 10.31 -22.62
CA ILE D 201 22.19 11.04 -21.43
C ILE D 201 22.38 10.17 -20.19
N LEU D 202 21.98 8.90 -20.30
CA LEU D 202 22.12 8.00 -19.18
C LEU D 202 23.59 7.77 -18.85
N ALA D 203 24.43 7.63 -19.88
CA ALA D 203 25.86 7.50 -19.62
C ALA D 203 26.41 8.74 -18.94
N ASP D 204 26.03 9.93 -19.42
CA ASP D 204 26.53 11.15 -18.78
C ASP D 204 26.00 11.31 -17.38
N ALA D 205 24.81 10.77 -17.11
CA ALA D 205 24.20 10.79 -15.80
C ALA D 205 24.85 9.78 -14.86
N GLY D 206 25.81 9.01 -15.33
CA GLY D 206 26.50 8.05 -14.48
C GLY D 206 25.90 6.67 -14.47
N LEU D 207 24.96 6.37 -15.36
CA LEU D 207 24.43 5.02 -15.43
C LEU D 207 25.56 4.05 -15.73
N PRO D 208 25.72 2.99 -14.96
CA PRO D 208 26.81 2.05 -15.24
C PRO D 208 26.67 1.44 -16.62
N LYS D 209 27.81 1.04 -17.18
CA LYS D 209 27.84 0.41 -18.49
C LYS D 209 26.99 -0.85 -18.51
N GLY D 210 26.34 -1.10 -19.65
CA GLY D 210 25.56 -2.29 -19.78
C GLY D 210 24.19 -2.21 -19.16
N VAL D 211 23.88 -1.17 -18.40
CA VAL D 211 22.56 -1.08 -17.79
C VAL D 211 21.53 -0.65 -18.80
N PHE D 212 21.92 0.19 -19.76
CA PHE D 212 21.02 0.67 -20.80
C PHE D 212 21.73 0.49 -22.13
N ASN D 213 21.27 -0.48 -22.90
CA ASN D 213 21.84 -0.76 -24.20
C ASN D 213 20.78 -0.53 -25.25
N VAL D 214 21.18 0.10 -26.35
CA VAL D 214 20.27 0.36 -27.45
C VAL D 214 20.80 -0.42 -28.63
N VAL D 215 20.03 -1.41 -29.06
CA VAL D 215 20.34 -2.18 -30.26
C VAL D 215 19.34 -1.73 -31.29
N THR D 216 19.76 -0.89 -32.20
CA THR D 216 18.86 -0.39 -33.22
C THR D 216 18.72 -1.43 -34.33
N GLY D 217 17.61 -1.35 -35.04
CA GLY D 217 17.34 -2.30 -36.09
C GLY D 217 15.86 -2.55 -36.19
N THR D 218 15.52 -3.58 -36.95
CA THR D 218 14.12 -3.88 -37.25
C THR D 218 13.51 -4.74 -36.15
N GLY D 219 12.19 -4.61 -35.99
CA GLY D 219 11.50 -5.52 -35.09
C GLY D 219 11.62 -6.97 -35.50
N ARG D 220 11.71 -7.22 -36.81
CA ARG D 220 11.74 -8.59 -37.28
C ARG D 220 13.11 -9.22 -37.08
N THR D 221 14.15 -8.40 -36.94
CA THR D 221 15.49 -8.90 -36.64
C THR D 221 15.80 -8.70 -35.16
N VAL D 222 15.95 -7.44 -34.75
CA VAL D 222 16.32 -7.17 -33.36
C VAL D 222 15.15 -7.45 -32.43
N GLY D 223 13.98 -6.92 -32.76
CA GLY D 223 12.84 -7.10 -31.88
C GLY D 223 12.51 -8.56 -31.63
N GLN D 224 12.39 -9.34 -32.70
CA GLN D 224 12.05 -10.76 -32.56
C GLN D 224 13.07 -11.49 -31.71
N ALA D 225 14.35 -11.19 -31.89
CA ALA D 225 15.36 -11.82 -31.06
C ALA D 225 15.25 -11.41 -29.61
N MET D 226 14.81 -10.17 -29.35
CA MET D 226 14.58 -9.77 -27.97
C MET D 226 13.44 -10.58 -27.38
N THR D 227 12.32 -10.63 -28.09
CA THR D 227 11.18 -11.36 -27.56
C THR D 227 11.47 -12.85 -27.43
N GLU D 228 12.30 -13.40 -28.33
CA GLU D 228 12.67 -14.80 -28.27
C GLU D 228 13.90 -15.06 -27.43
N HIS D 229 14.49 -14.04 -26.83
CA HIS D 229 15.80 -14.23 -26.23
C HIS D 229 15.72 -15.12 -24.99
N GLN D 230 16.71 -15.96 -24.81
CA GLN D 230 16.68 -16.91 -23.67
C GLN D 230 17.18 -16.24 -22.39
N ASP D 231 17.68 -15.01 -22.51
CA ASP D 231 18.24 -14.37 -21.33
C ASP D 231 17.62 -13.00 -21.08
N ILE D 232 16.54 -12.65 -21.75
CA ILE D 232 15.74 -11.48 -21.39
C ILE D 232 14.62 -11.95 -20.48
N ASP D 233 14.61 -11.42 -19.25
CA ASP D 233 13.70 -11.92 -18.23
C ASP D 233 12.30 -11.34 -18.39
N MET D 234 12.22 -10.16 -18.98
CA MET D 234 10.96 -9.50 -19.21
C MET D 234 11.17 -8.54 -20.36
N LEU D 235 10.11 -8.33 -21.13
CA LEU D 235 10.18 -7.42 -22.26
C LEU D 235 9.02 -6.44 -22.16
N SER D 236 9.36 -5.16 -22.14
CA SER D 236 8.36 -4.11 -22.32
C SER D 236 8.17 -3.90 -23.81
N PHE D 237 6.98 -4.21 -24.30
CA PHE D 237 6.68 -3.96 -25.70
C PHE D 237 5.57 -2.93 -25.78
N THR D 238 5.82 -1.90 -26.57
CA THR D 238 4.82 -0.90 -26.91
C THR D 238 4.76 -0.80 -28.42
N GLY D 239 3.58 -1.04 -28.96
CA GLY D 239 3.39 -1.13 -30.39
C GLY D 239 2.07 -1.82 -30.71
N SER D 240 2.00 -2.37 -31.90
CA SER D 240 0.74 -2.89 -32.40
C SER D 240 0.31 -4.14 -31.63
N THR D 241 -0.99 -4.34 -31.59
CA THR D 241 -1.51 -5.58 -31.00
C THR D 241 -1.01 -6.79 -31.75
N GLY D 242 -0.90 -6.71 -33.08
CA GLY D 242 -0.38 -7.82 -33.84
C GLY D 242 1.02 -8.20 -33.40
N VAL D 243 1.90 -7.22 -33.28
CA VAL D 243 3.27 -7.53 -32.87
C VAL D 243 3.31 -7.88 -31.39
N GLY D 244 2.46 -7.25 -30.57
CA GLY D 244 2.35 -7.67 -29.18
C GLY D 244 2.09 -9.16 -29.08
N LYS D 245 1.16 -9.66 -29.89
CA LYS D 245 0.87 -11.10 -29.90
C LYS D 245 2.09 -11.92 -30.30
N SER D 246 2.88 -11.44 -31.26
CA SER D 246 4.12 -12.13 -31.60
C SER D 246 5.06 -12.19 -30.41
N CYS D 247 5.16 -11.11 -29.64
CA CYS D 247 5.96 -11.14 -28.40
C CYS D 247 5.47 -12.25 -27.49
N ILE D 248 4.15 -12.41 -27.38
CA ILE D 248 3.59 -13.41 -26.49
C ILE D 248 4.01 -14.80 -26.95
N HIS D 249 3.81 -15.09 -28.24
CA HIS D 249 4.30 -16.34 -28.82
C HIS D 249 5.78 -16.51 -28.55
N ALA D 250 6.56 -15.45 -28.78
CA ALA D 250 8.00 -15.55 -28.60
C ALA D 250 8.35 -15.81 -27.14
N ALA D 251 7.61 -15.21 -26.21
CA ALA D 251 7.83 -15.50 -24.80
C ALA D 251 7.55 -16.98 -24.50
N ALA D 252 6.41 -17.49 -25.00
CA ALA D 252 6.09 -18.90 -24.77
C ALA D 252 7.16 -19.80 -25.37
N ASP D 253 7.69 -19.42 -26.51
CA ASP D 253 8.65 -20.26 -27.22
C ASP D 253 10.08 -20.08 -26.72
N SER D 254 10.33 -19.07 -25.89
CA SER D 254 11.68 -18.89 -25.38
C SER D 254 11.71 -19.23 -23.90
N ASN D 255 11.83 -18.22 -23.05
CA ASN D 255 12.17 -18.42 -21.64
C ASN D 255 11.04 -18.03 -20.70
N LEU D 256 9.82 -17.88 -21.24
CA LEU D 256 8.66 -17.47 -20.45
C LEU D 256 8.84 -16.07 -19.89
N LYS D 257 9.59 -15.24 -20.60
CA LYS D 257 9.81 -13.88 -20.14
C LYS D 257 8.48 -13.19 -19.89
N LYS D 258 8.47 -12.39 -18.84
CA LYS D 258 7.26 -11.58 -18.57
C LYS D 258 7.15 -10.56 -19.70
N LEU D 259 5.94 -10.12 -19.95
CA LEU D 259 5.68 -9.16 -21.03
C LEU D 259 4.86 -8.01 -20.47
N GLY D 260 5.41 -6.81 -20.59
CA GLY D 260 4.64 -5.60 -20.40
C GLY D 260 4.22 -5.11 -21.78
N LEU D 261 2.94 -5.28 -22.10
CA LEU D 261 2.44 -5.02 -23.43
C LEU D 261 1.62 -3.75 -23.41
N GLU D 262 2.00 -2.81 -24.26
CA GLU D 262 1.23 -1.60 -24.48
C GLU D 262 0.86 -1.65 -25.96
N LEU D 263 -0.36 -2.06 -26.26
CA LEU D 263 -0.75 -2.44 -27.60
C LEU D 263 -1.73 -1.41 -28.18
N GLY D 264 -2.59 -1.85 -29.10
CA GLY D 264 -3.44 -0.94 -29.81
C GLY D 264 -4.57 -0.39 -28.96
N GLY D 265 -5.34 0.48 -29.57
CA GLY D 265 -6.52 0.98 -28.93
C GLY D 265 -7.47 1.52 -29.98
N LYS D 266 -8.74 1.59 -29.58
CA LYS D 266 -9.76 2.24 -30.36
C LYS D 266 -10.59 3.00 -29.34
N ASN D 267 -10.05 4.11 -28.89
CA ASN D 267 -10.50 4.64 -27.62
C ASN D 267 -11.75 5.49 -27.79
N PRO D 268 -12.74 5.29 -26.94
CA PRO D 268 -13.95 6.12 -26.98
C PRO D 268 -13.73 7.42 -26.24
N ILE D 269 -14.36 8.47 -26.74
CA ILE D 269 -14.57 9.68 -25.98
C ILE D 269 -16.07 9.89 -25.91
N VAL D 270 -16.63 9.71 -24.73
CA VAL D 270 -18.07 9.78 -24.55
C VAL D 270 -18.41 11.21 -24.16
N VAL D 271 -19.21 11.88 -24.98
CA VAL D 271 -19.57 13.27 -24.77
C VAL D 271 -21.07 13.31 -24.49
N PHE D 272 -21.41 13.77 -23.30
CA PHE D 272 -22.79 13.92 -22.89
C PHE D 272 -23.25 15.34 -23.16
N ALA D 273 -24.56 15.49 -23.35
CA ALA D 273 -25.13 16.81 -23.56
C ALA D 273 -24.84 17.74 -22.41
N ASP D 274 -24.78 17.20 -21.18
CA ASP D 274 -24.57 18.05 -20.02
C ASP D 274 -23.09 18.32 -19.75
N SER D 275 -22.20 17.92 -20.66
CA SER D 275 -20.81 18.30 -20.56
C SER D 275 -20.62 19.75 -21.00
N ASN D 276 -19.45 20.31 -20.71
CA ASN D 276 -19.07 21.57 -21.36
C ASN D 276 -18.71 21.24 -22.80
N LEU D 277 -19.66 21.47 -23.70
CA LEU D 277 -19.52 20.95 -25.06
C LEU D 277 -18.34 21.58 -25.79
N GLU D 278 -18.09 22.87 -25.59
CA GLU D 278 -16.92 23.45 -26.23
C GLU D 278 -15.65 22.85 -25.67
N ASP D 279 -15.57 22.68 -24.34
CA ASP D 279 -14.39 22.04 -23.76
C ASP D 279 -14.23 20.65 -24.33
N ALA D 280 -15.32 19.88 -24.35
CA ALA D 280 -15.26 18.53 -24.91
C ALA D 280 -14.89 18.56 -26.39
N ALA D 281 -15.44 19.52 -27.15
CA ALA D 281 -15.11 19.60 -28.56
C ALA D 281 -13.62 19.85 -28.77
N ASP D 282 -13.08 20.81 -28.00
CA ASP D 282 -11.64 21.03 -28.04
C ASP D 282 -10.88 19.77 -27.66
N ALA D 283 -11.32 19.12 -26.58
CA ALA D 283 -10.67 17.88 -26.16
C ALA D 283 -10.84 16.79 -27.19
N VAL D 284 -12.01 16.72 -27.83
CA VAL D 284 -12.23 15.71 -28.85
C VAL D 284 -11.32 15.97 -30.05
N ALA D 285 -11.30 17.21 -30.54
CA ALA D 285 -10.41 17.55 -31.63
C ALA D 285 -8.96 17.22 -31.27
N PHE D 286 -8.52 17.67 -30.09
CA PHE D 286 -7.18 17.33 -29.62
C PHE D 286 -7.00 15.83 -29.51
N GLY D 287 -7.95 15.12 -28.88
CA GLY D 287 -7.74 13.72 -28.60
C GLY D 287 -7.49 12.89 -29.83
N ILE D 288 -8.07 13.28 -30.96
CA ILE D 288 -7.86 12.57 -32.20
C ILE D 288 -6.76 13.20 -33.05
N SER D 289 -6.46 14.48 -32.85
CA SER D 289 -5.47 15.15 -33.67
C SER D 289 -4.08 15.19 -33.06
N PHE D 290 -3.98 15.08 -31.73
CA PHE D 290 -2.68 15.03 -31.07
C PHE D 290 -1.79 13.98 -31.71
N ASN D 291 -0.55 14.36 -32.00
CA ASN D 291 0.39 13.50 -32.72
C ASN D 291 -0.16 13.09 -34.08
N THR D 292 -1.01 13.94 -34.66
CA THR D 292 -1.74 13.60 -35.90
C THR D 292 -2.41 12.23 -35.78
N GLY D 293 -3.03 11.99 -34.62
CA GLY D 293 -3.73 10.74 -34.38
C GLY D 293 -2.87 9.51 -34.28
N GLN D 294 -1.55 9.64 -34.40
CA GLN D 294 -0.64 8.51 -34.26
C GLN D 294 -0.37 8.31 -32.78
N CYS D 295 -1.41 7.84 -32.10
CA CYS D 295 -1.43 7.86 -30.65
C CYS D 295 -2.35 6.74 -30.20
N ALA D 296 -1.84 5.84 -29.37
CA ALA D 296 -2.65 4.71 -28.96
C ALA D 296 -3.79 5.11 -28.04
N VAL D 297 -3.65 6.22 -27.32
CA VAL D 297 -4.69 6.71 -26.43
C VAL D 297 -5.57 7.76 -27.10
N SER D 298 -5.43 7.95 -28.42
CA SER D 298 -6.24 8.90 -29.14
C SER D 298 -7.71 8.53 -29.04
N SER D 299 -8.56 9.55 -28.90
CA SER D 299 -9.99 9.32 -28.81
C SER D 299 -10.52 9.23 -30.23
N SER D 300 -10.47 8.01 -30.78
CA SER D 300 -10.82 7.77 -32.18
C SER D 300 -12.31 7.53 -32.38
N ARG D 301 -13.05 7.28 -31.30
CA ARG D 301 -14.49 7.02 -31.38
C ARG D 301 -15.20 8.06 -30.55
N LEU D 302 -15.77 9.06 -31.22
CA LEU D 302 -16.63 10.02 -30.56
C LEU D 302 -17.96 9.34 -30.30
N ILE D 303 -18.36 9.27 -29.05
CA ILE D 303 -19.63 8.66 -28.67
C ILE D 303 -20.39 9.76 -27.96
N VAL D 304 -21.23 10.46 -28.70
CA VAL D 304 -21.81 11.73 -28.28
C VAL D 304 -23.32 11.55 -28.18
N GLU D 305 -23.90 12.17 -27.15
CA GLU D 305 -25.33 12.09 -26.92
C GLU D 305 -26.09 12.64 -28.12
N ARG D 306 -27.08 11.87 -28.60
CA ARG D 306 -27.78 12.19 -29.84
C ARG D 306 -28.36 13.60 -29.80
N SER D 307 -28.83 14.03 -28.63
CA SER D 307 -29.48 15.33 -28.51
C SER D 307 -28.57 16.48 -28.88
N VAL D 308 -27.25 16.31 -28.72
CA VAL D 308 -26.29 17.34 -29.11
C VAL D 308 -25.34 16.85 -30.18
N ALA D 309 -25.58 15.67 -30.76
CA ALA D 309 -24.54 15.02 -31.54
C ALA D 309 -24.11 15.90 -32.72
N GLU D 310 -25.08 16.27 -33.55
CA GLU D 310 -24.83 17.09 -34.75
C GLU D 310 -24.34 18.47 -34.35
N LYS D 311 -24.93 19.05 -33.31
CA LYS D 311 -24.38 20.36 -32.92
C LYS D 311 -22.91 20.19 -32.52
N PHE D 312 -22.62 19.15 -31.72
CA PHE D 312 -21.26 18.94 -31.21
C PHE D 312 -20.30 18.55 -32.32
N GLU D 313 -20.72 17.69 -33.25
CA GLU D 313 -19.86 17.35 -34.39
C GLU D 313 -19.43 18.62 -35.13
N ARG D 314 -20.34 19.58 -35.29
CA ARG D 314 -19.98 20.82 -35.96
C ARG D 314 -18.92 21.58 -35.19
N LEU D 315 -19.06 21.64 -33.86
CA LEU D 315 -18.00 22.23 -33.05
C LEU D 315 -16.69 21.48 -33.27
N VAL D 316 -16.76 20.16 -33.37
CA VAL D 316 -15.52 19.41 -33.60
C VAL D 316 -14.95 19.75 -34.96
N VAL D 317 -15.82 19.81 -35.99
CA VAL D 317 -15.37 20.20 -37.32
C VAL D 317 -14.67 21.56 -37.26
N ALA D 318 -15.33 22.54 -36.63
CA ALA D 318 -14.75 23.86 -36.48
C ALA D 318 -13.41 23.81 -35.75
N LYS D 319 -13.29 22.96 -34.72
CA LYS D 319 -12.03 22.84 -33.99
C LYS D 319 -10.95 22.19 -34.86
N MET D 320 -11.31 21.13 -35.59
CA MET D 320 -10.31 20.44 -36.40
C MET D 320 -9.78 21.34 -37.51
N GLU D 321 -10.67 22.13 -38.11
CA GLU D 321 -10.24 22.99 -39.21
C GLU D 321 -9.36 24.14 -38.75
N LYS D 322 -9.34 24.45 -37.46
CA LYS D 322 -8.42 25.46 -36.96
C LYS D 322 -7.12 24.85 -36.45
N ILE D 323 -6.99 23.54 -36.51
CA ILE D 323 -5.77 22.89 -36.04
C ILE D 323 -4.64 23.25 -37.01
N ARG D 324 -3.61 23.89 -36.49
CA ARG D 324 -2.49 24.34 -37.33
C ARG D 324 -1.65 23.14 -37.74
N VAL D 325 -1.77 22.74 -39.00
CA VAL D 325 -0.91 21.73 -39.61
C VAL D 325 0.20 22.46 -40.34
N GLY D 326 1.40 21.91 -40.33
CA GLY D 326 2.50 22.58 -41.00
C GLY D 326 3.83 22.00 -40.59
N ASP D 327 4.88 22.73 -40.95
CA ASP D 327 6.24 22.30 -40.64
C ASP D 327 6.38 22.09 -39.13
N PRO D 328 6.76 20.89 -38.68
CA PRO D 328 6.83 20.65 -37.24
C PRO D 328 7.80 21.56 -36.51
N PHE D 329 8.79 22.14 -37.20
CA PHE D 329 9.67 23.05 -36.49
C PHE D 329 9.05 24.43 -36.32
N ASP D 330 7.95 24.71 -36.99
CA ASP D 330 7.18 25.89 -36.66
C ASP D 330 6.62 25.68 -35.25
N PRO D 331 6.98 26.52 -34.28
CA PRO D 331 6.45 26.33 -32.92
C PRO D 331 4.93 26.47 -32.86
N GLU D 332 4.32 27.09 -33.86
CA GLU D 332 2.89 27.24 -33.90
C GLU D 332 2.19 25.99 -34.42
N THR D 333 2.91 25.13 -35.11
CA THR D 333 2.32 23.92 -35.67
C THR D 333 1.76 23.04 -34.54
N GLN D 334 0.54 22.58 -34.71
CA GLN D 334 -0.10 21.79 -33.67
C GLN D 334 -0.09 20.30 -33.94
N ILE D 335 -0.19 19.88 -35.19
CA ILE D 335 -0.04 18.48 -35.53
C ILE D 335 0.98 18.37 -36.65
N GLY D 336 1.79 17.33 -36.60
CA GLY D 336 2.88 17.17 -37.54
C GLY D 336 2.66 16.12 -38.59
N ALA D 337 3.76 15.59 -39.09
CA ALA D 337 3.73 14.69 -40.23
C ALA D 337 3.32 13.29 -39.78
N ILE D 338 2.76 12.53 -40.72
CA ILE D 338 2.66 11.11 -40.51
C ILE D 338 4.07 10.54 -40.53
N THR D 339 4.39 9.72 -39.54
CA THR D 339 5.78 9.38 -39.30
C THR D 339 6.31 8.43 -40.36
N THR D 340 5.50 7.47 -40.78
CA THR D 340 5.92 6.49 -41.77
C THR D 340 4.97 6.48 -42.97
N GLU D 341 5.53 6.07 -44.11
CA GLU D 341 4.73 5.96 -45.33
C GLU D 341 3.65 4.89 -45.19
N ALA D 342 4.01 3.75 -44.62
CA ALA D 342 3.03 2.69 -44.40
C ALA D 342 1.85 3.20 -43.60
N GLN D 343 2.11 3.94 -42.51
CA GLN D 343 1.02 4.47 -41.71
C GLN D 343 0.24 5.52 -42.48
N ASN D 344 0.93 6.36 -43.25
CA ASN D 344 0.24 7.34 -44.08
C ASN D 344 -0.72 6.65 -45.04
N LYS D 345 -0.27 5.58 -45.68
CA LYS D 345 -1.17 4.85 -46.56
C LYS D 345 -2.35 4.29 -45.77
N THR D 346 -2.04 3.65 -44.63
CA THR D 346 -3.09 3.06 -43.79
C THR D 346 -4.15 4.08 -43.42
N ILE D 347 -3.74 5.25 -42.97
CA ILE D 347 -4.71 6.28 -42.60
C ILE D 347 -5.52 6.68 -43.82
N LEU D 348 -4.84 6.98 -44.93
CA LEU D 348 -5.53 7.35 -46.15
C LEU D 348 -6.46 6.25 -46.61
N ASP D 349 -6.01 4.99 -46.54
CA ASP D 349 -6.86 3.86 -46.90
C ASP D 349 -8.14 3.84 -46.06
N TYR D 350 -8.00 4.01 -44.74
CA TYR D 350 -9.17 3.94 -43.86
C TYR D 350 -10.10 5.09 -44.12
N ILE D 351 -9.55 6.26 -44.45
CA ILE D 351 -10.41 7.35 -44.90
C ILE D 351 -11.14 6.94 -46.15
N ALA D 352 -10.42 6.31 -47.10
CA ALA D 352 -11.07 5.76 -48.28
C ALA D 352 -12.12 4.72 -47.89
N LYS D 353 -11.74 3.78 -47.01
CA LYS D 353 -12.68 2.79 -46.53
C LYS D 353 -13.87 3.44 -45.83
N GLY D 354 -13.61 4.48 -45.04
CA GLY D 354 -14.69 5.20 -44.37
C GLY D 354 -15.72 5.73 -45.35
N LYS D 355 -15.27 6.40 -46.41
CA LYS D 355 -16.18 6.87 -47.44
C LYS D 355 -16.85 5.71 -48.15
N ALA D 356 -16.05 4.71 -48.54
CA ALA D 356 -16.53 3.57 -49.32
C ALA D 356 -17.62 2.80 -48.58
N GLU D 357 -17.54 2.74 -47.26
CA GLU D 357 -18.52 2.01 -46.46
C GLU D 357 -19.72 2.88 -46.11
N GLY D 358 -19.78 4.12 -46.58
CA GLY D 358 -20.96 4.94 -46.43
C GLY D 358 -20.94 5.92 -45.27
N ALA D 359 -19.83 6.00 -44.54
CA ALA D 359 -19.76 6.99 -43.47
C ALA D 359 -19.71 8.40 -44.06
N LYS D 360 -20.32 9.34 -43.36
CA LYS D 360 -20.39 10.72 -43.84
C LYS D 360 -19.17 11.47 -43.35
N LEU D 361 -18.34 11.93 -44.28
CA LEU D 361 -17.19 12.75 -43.97
C LEU D 361 -17.68 14.17 -43.66
N LEU D 362 -17.33 14.67 -42.48
CA LEU D 362 -17.71 16.04 -42.12
C LEU D 362 -16.58 17.03 -42.29
N CYS D 363 -15.33 16.59 -42.20
CA CYS D 363 -14.20 17.48 -42.37
C CYS D 363 -12.97 16.65 -42.63
N GLY D 364 -11.94 17.29 -43.17
CA GLY D 364 -10.71 16.57 -43.48
C GLY D 364 -10.96 15.57 -44.59
N GLY D 365 -10.44 14.36 -44.42
CA GLY D 365 -10.60 13.31 -45.40
C GLY D 365 -9.48 13.16 -46.41
N GLY D 366 -8.51 14.07 -46.42
CA GLY D 366 -7.43 14.02 -47.39
C GLY D 366 -6.11 14.42 -46.77
N ILE D 367 -5.07 14.39 -47.59
CA ILE D 367 -3.77 14.87 -47.15
C ILE D 367 -3.80 16.39 -47.04
N VAL D 368 -2.81 16.92 -46.33
CA VAL D 368 -2.45 18.34 -46.41
C VAL D 368 -1.19 18.42 -47.26
N ASP D 369 -1.29 19.12 -48.39
CA ASP D 369 -0.24 19.12 -49.40
C ASP D 369 0.69 20.30 -49.12
N PHE D 370 1.86 20.00 -48.55
CA PHE D 370 2.90 20.99 -48.38
C PHE D 370 4.02 20.86 -49.41
N GLY D 371 3.85 19.95 -50.36
CA GLY D 371 4.88 19.73 -51.39
C GLY D 371 6.06 18.98 -50.82
N LYS D 372 6.07 18.80 -49.51
CA LYS D 372 7.23 18.14 -48.85
C LYS D 372 6.77 16.83 -48.22
N GLY D 373 6.50 16.82 -46.91
CA GLY D 373 6.26 15.55 -46.20
C GLY D 373 4.90 14.92 -46.35
N GLN D 374 4.48 14.18 -45.33
CA GLN D 374 3.23 13.42 -45.41
C GLN D 374 2.36 13.90 -44.26
N TYR D 375 1.37 14.74 -44.57
CA TYR D 375 0.46 15.30 -43.60
C TYR D 375 -0.96 14.90 -43.95
N ILE D 376 -1.78 14.70 -42.92
CA ILE D 376 -3.15 14.26 -43.09
C ILE D 376 -4.07 15.16 -42.28
N GLN D 377 -5.18 15.58 -42.89
CA GLN D 377 -6.12 16.47 -42.23
C GLN D 377 -6.76 15.77 -41.03
N PRO D 378 -7.05 16.51 -39.96
CA PRO D 378 -7.96 16.00 -38.96
C PRO D 378 -9.28 15.65 -39.64
N THR D 379 -9.74 14.43 -39.43
CA THR D 379 -10.81 13.86 -40.22
C THR D 379 -11.92 13.39 -39.29
N LEU D 380 -13.14 13.81 -39.57
CA LEU D 380 -14.30 13.40 -38.79
C LEU D 380 -15.32 12.74 -39.70
N PHE D 381 -15.67 11.50 -39.40
CA PHE D 381 -16.80 10.81 -40.00
C PHE D 381 -17.94 10.73 -38.99
N THR D 382 -19.15 10.98 -39.47
CA THR D 382 -20.35 10.66 -38.72
C THR D 382 -21.11 9.59 -39.49
N ASP D 383 -22.31 9.25 -39.01
CA ASP D 383 -23.09 8.12 -39.56
C ASP D 383 -22.22 6.87 -39.67
N VAL D 384 -21.47 6.59 -38.62
CA VAL D 384 -20.56 5.46 -38.57
C VAL D 384 -21.29 4.27 -37.95
N LYS D 385 -21.33 3.16 -38.66
CA LYS D 385 -22.12 2.02 -38.17
C LYS D 385 -21.13 1.07 -37.50
N PRO D 386 -21.48 0.42 -36.37
CA PRO D 386 -20.46 -0.37 -35.68
C PRO D 386 -19.69 -1.36 -36.53
N SER D 387 -20.26 -1.76 -37.67
CA SER D 387 -19.59 -2.75 -38.52
C SER D 387 -18.54 -2.14 -39.45
N MET D 388 -18.52 -0.81 -39.60
CA MET D 388 -17.57 -0.18 -40.50
C MET D 388 -16.12 -0.34 -40.00
N GLY D 389 -15.19 -0.33 -40.96
CA GLY D 389 -13.78 -0.46 -40.63
C GLY D 389 -13.26 0.66 -39.76
N ILE D 390 -13.62 1.91 -40.09
CA ILE D 390 -13.16 3.04 -39.30
C ILE D 390 -13.78 3.00 -37.91
N ALA D 391 -14.90 2.29 -37.73
CA ALA D 391 -15.45 2.13 -36.39
C ALA D 391 -14.60 1.22 -35.52
N ARG D 392 -14.07 0.16 -36.11
CA ARG D 392 -13.39 -0.86 -35.28
C ARG D 392 -11.87 -0.89 -35.44
N ASP D 393 -11.37 -0.72 -36.66
CA ASP D 393 -9.94 -0.82 -36.83
C ASP D 393 -9.27 0.40 -36.25
N GLU D 394 -8.12 0.19 -35.62
CA GLU D 394 -7.30 1.32 -35.18
C GLU D 394 -6.66 1.97 -36.41
N ILE D 395 -7.03 3.22 -36.66
CA ILE D 395 -6.51 3.91 -37.83
C ILE D 395 -5.12 4.49 -37.56
N PHE D 396 -4.85 4.90 -36.32
CA PHE D 396 -3.58 5.52 -35.95
C PHE D 396 -3.31 6.76 -36.81
N GLY D 397 -4.37 7.52 -37.07
CA GLY D 397 -4.27 8.78 -37.75
C GLY D 397 -5.36 9.69 -37.22
N PRO D 398 -5.39 10.93 -37.67
CA PRO D 398 -6.34 11.92 -37.13
C PRO D 398 -7.75 11.75 -37.70
N VAL D 399 -8.29 10.54 -37.55
CA VAL D 399 -9.56 10.15 -38.17
C VAL D 399 -10.55 9.78 -37.07
N LEU D 400 -11.54 10.62 -36.89
CA LEU D 400 -12.54 10.47 -35.84
C LEU D 400 -13.78 9.81 -36.41
N ALA D 401 -14.26 8.76 -35.75
CA ALA D 401 -15.52 8.12 -36.07
C ALA D 401 -16.52 8.50 -34.98
N SER D 402 -17.63 9.10 -35.38
CA SER D 402 -18.61 9.61 -34.43
C SER D 402 -19.81 8.68 -34.37
N PHE D 403 -20.24 8.38 -33.15
CA PHE D 403 -21.40 7.54 -32.87
C PHE D 403 -22.30 8.30 -31.91
N HIS D 404 -23.61 8.11 -32.07
CA HIS D 404 -24.57 8.81 -31.23
C HIS D 404 -25.19 7.82 -30.27
N PHE D 405 -25.65 8.33 -29.12
CA PHE D 405 -26.30 7.50 -28.13
C PHE D 405 -27.41 8.30 -27.47
N ASP D 406 -28.39 7.57 -26.92
CA ASP D 406 -29.45 8.17 -26.12
C ASP D 406 -29.30 7.91 -24.65
N THR D 407 -28.76 6.75 -24.29
CA THR D 407 -28.70 6.35 -22.90
C THR D 407 -27.26 6.16 -22.46
N VAL D 408 -27.07 6.30 -21.15
CA VAL D 408 -25.78 5.98 -20.56
C VAL D 408 -25.39 4.56 -20.95
N ASP D 409 -26.36 3.63 -20.88
CA ASP D 409 -26.08 2.25 -21.28
C ASP D 409 -25.55 2.17 -22.70
N GLU D 410 -26.15 2.95 -23.61
CA GLU D 410 -25.72 2.95 -25.00
C GLU D 410 -24.30 3.47 -25.14
N ALA D 411 -24.04 4.63 -24.53
CA ALA D 411 -22.70 5.18 -24.58
C ALA D 411 -21.68 4.17 -24.07
N ILE D 412 -22.02 3.49 -22.98
CA ILE D 412 -21.08 2.53 -22.40
C ILE D 412 -20.93 1.32 -23.30
N ALA D 413 -22.05 0.83 -23.86
CA ALA D 413 -22.00 -0.33 -24.74
C ALA D 413 -21.22 -0.01 -26.01
N ILE D 414 -21.46 1.17 -26.59
CA ILE D 414 -20.67 1.60 -27.74
C ILE D 414 -19.21 1.76 -27.31
N ALA D 415 -18.97 2.44 -26.19
CA ALA D 415 -17.59 2.63 -25.73
C ALA D 415 -16.89 1.29 -25.55
N ASN D 416 -17.58 0.31 -24.99
CA ASN D 416 -16.97 -0.99 -24.78
C ASN D 416 -16.95 -1.84 -26.03
N ASP D 417 -17.61 -1.40 -27.11
CA ASP D 417 -17.74 -2.23 -28.30
C ASP D 417 -16.43 -2.16 -29.09
N THR D 418 -15.44 -2.83 -28.53
CA THR D 418 -14.11 -2.90 -29.11
C THR D 418 -13.38 -4.06 -28.48
N VAL D 419 -12.47 -4.61 -29.26
CA VAL D 419 -11.57 -5.63 -28.76
C VAL D 419 -10.50 -5.00 -27.87
N TYR D 420 -10.33 -3.69 -27.95
CA TYR D 420 -9.30 -2.97 -27.24
C TYR D 420 -9.83 -2.45 -25.91
N GLY D 421 -8.97 -1.75 -25.17
CA GLY D 421 -9.39 -1.21 -23.91
C GLY D 421 -8.28 -0.40 -23.29
N LEU D 422 -7.60 0.39 -24.12
CA LEU D 422 -6.46 1.17 -23.65
C LEU D 422 -6.93 2.42 -22.90
N ALA D 423 -7.74 3.24 -23.54
CA ALA D 423 -8.04 4.54 -23.01
C ALA D 423 -9.50 4.86 -23.25
N ALA D 424 -9.99 5.79 -22.46
CA ALA D 424 -11.35 6.27 -22.66
C ALA D 424 -11.44 7.63 -22.00
N SER D 425 -12.35 8.43 -22.53
CA SER D 425 -12.59 9.78 -22.06
C SER D 425 -14.11 9.93 -21.97
N VAL D 426 -14.58 10.51 -20.88
CA VAL D 426 -15.98 10.79 -20.71
C VAL D 426 -16.13 12.26 -20.36
N TRP D 427 -17.05 12.91 -21.02
CA TRP D 427 -17.31 14.33 -20.85
C TRP D 427 -18.73 14.48 -20.35
N SER D 428 -18.88 14.98 -19.13
CA SER D 428 -20.16 15.18 -18.48
C SER D 428 -19.93 16.01 -17.23
N LYS D 429 -20.82 16.97 -16.99
CA LYS D 429 -20.79 17.63 -15.70
C LYS D 429 -21.49 16.79 -14.64
N ASP D 430 -22.17 15.74 -15.06
CA ASP D 430 -22.93 14.89 -14.15
C ASP D 430 -22.01 13.84 -13.53
N ILE D 431 -21.83 13.92 -12.22
CA ILE D 431 -20.92 13.00 -11.54
C ILE D 431 -21.37 11.57 -11.74
N ASP D 432 -22.68 11.32 -11.74
CA ASP D 432 -23.17 9.96 -11.91
C ASP D 432 -22.85 9.42 -13.30
N LYS D 433 -23.06 10.23 -14.33
CA LYS D 433 -22.69 9.78 -15.67
C LYS D 433 -21.19 9.56 -15.76
N ALA D 434 -20.41 10.54 -15.29
CA ALA D 434 -18.96 10.41 -15.33
C ALA D 434 -18.51 9.15 -14.63
N LEU D 435 -19.03 8.91 -13.42
CA LEU D 435 -18.61 7.74 -12.67
C LEU D 435 -19.13 6.46 -13.30
N ALA D 436 -20.38 6.48 -13.80
CA ALA D 436 -20.91 5.26 -14.41
C ALA D 436 -20.06 4.85 -15.61
N VAL D 437 -19.77 5.81 -16.50
CA VAL D 437 -18.97 5.49 -17.68
C VAL D 437 -17.58 5.08 -17.25
N THR D 438 -16.98 5.85 -16.32
CA THR D 438 -15.63 5.57 -15.87
C THR D 438 -15.53 4.16 -15.34
N ARG D 439 -16.51 3.75 -14.52
CA ARG D 439 -16.44 2.46 -13.87
C ARG D 439 -16.81 1.32 -14.80
N ARG D 440 -17.56 1.59 -15.87
CA ARG D 440 -18.11 0.53 -16.70
C ARG D 440 -17.48 0.43 -18.07
N VAL D 441 -16.70 1.41 -18.49
CA VAL D 441 -16.01 1.30 -19.76
C VAL D 441 -14.65 0.67 -19.49
N ARG D 442 -14.37 -0.42 -20.22
CA ARG D 442 -13.18 -1.23 -19.97
C ARG D 442 -11.98 -0.61 -20.68
N ALA D 443 -11.42 0.43 -20.06
CA ALA D 443 -10.22 1.08 -20.54
C ALA D 443 -9.27 1.29 -19.37
N GLY D 444 -7.98 1.11 -19.62
CA GLY D 444 -7.02 1.20 -18.54
C GLY D 444 -6.65 2.61 -18.16
N ARG D 445 -6.85 3.56 -19.07
CA ARG D 445 -6.54 4.96 -18.84
C ARG D 445 -7.81 5.74 -19.12
N PHE D 446 -8.37 6.36 -18.09
CA PHE D 446 -9.63 7.05 -18.21
C PHE D 446 -9.44 8.54 -17.94
N TRP D 447 -10.12 9.34 -18.74
CA TRP D 447 -10.12 10.78 -18.57
C TRP D 447 -11.54 11.24 -18.37
N VAL D 448 -11.78 12.02 -17.32
CA VAL D 448 -13.08 12.59 -17.05
C VAL D 448 -12.95 14.10 -17.23
N ASN D 449 -13.67 14.64 -18.21
CA ASN D 449 -13.63 16.05 -18.52
C ASN D 449 -12.21 16.53 -18.78
N THR D 450 -11.40 15.65 -19.36
CA THR D 450 -10.06 15.92 -19.86
C THR D 450 -9.74 14.85 -20.88
N ILE D 451 -8.54 14.96 -21.44
CA ILE D 451 -7.96 13.97 -22.31
C ILE D 451 -6.44 14.13 -22.18
N MET D 452 -5.71 13.00 -22.06
CA MET D 452 -4.24 13.00 -22.09
C MET D 452 -3.63 13.97 -21.07
N SER D 453 -4.11 13.90 -19.82
CA SER D 453 -3.73 14.87 -18.79
C SER D 453 -2.92 14.31 -17.62
N GLY D 454 -2.97 13.00 -17.36
CA GLY D 454 -2.24 12.49 -16.21
C GLY D 454 -0.73 12.44 -16.40
N GLY D 455 0.00 12.78 -15.33
CA GLY D 455 1.44 12.61 -15.33
C GLY D 455 1.83 11.19 -14.94
N PRO D 456 3.12 10.94 -14.71
CA PRO D 456 3.58 9.56 -14.44
C PRO D 456 3.32 9.06 -13.03
N GLU D 457 2.57 9.79 -12.20
CA GLU D 457 2.23 9.28 -10.88
C GLU D 457 1.38 8.02 -11.00
N THR D 458 0.64 7.90 -12.08
CA THR D 458 -0.35 6.86 -12.21
C THR D 458 0.11 5.78 -13.18
N PRO D 459 -0.31 4.54 -12.95
CA PRO D 459 -0.02 3.50 -13.94
C PRO D 459 -0.84 3.74 -15.19
N LEU D 460 -0.31 3.28 -16.29
CA LEU D 460 -1.01 3.34 -17.56
C LEU D 460 -0.93 1.96 -18.19
N GLY D 461 -1.96 1.65 -18.95
CA GLY D 461 -2.03 0.37 -19.61
C GLY D 461 -3.45 0.12 -20.06
N GLY D 462 -3.64 -1.06 -20.62
CA GLY D 462 -4.92 -1.33 -21.22
C GLY D 462 -5.62 -2.53 -20.64
N PHE D 463 -6.92 -2.60 -20.90
CA PHE D 463 -7.69 -3.81 -20.77
C PHE D 463 -7.61 -4.60 -22.07
N LYS D 464 -8.11 -5.84 -22.01
CA LYS D 464 -8.45 -6.65 -23.19
C LYS D 464 -7.23 -6.72 -24.09
N GLN D 465 -7.36 -6.46 -25.40
CA GLN D 465 -6.26 -6.61 -26.33
C GLN D 465 -5.42 -5.36 -26.44
N SER D 466 -5.64 -4.38 -25.57
CA SER D 466 -4.81 -3.19 -25.57
C SER D 466 -3.54 -3.38 -24.76
N GLY D 467 -3.36 -4.50 -24.09
CA GLY D 467 -2.07 -4.80 -23.53
C GLY D 467 -2.14 -5.58 -22.24
N TRP D 468 -0.95 -5.82 -21.70
CA TRP D 468 -0.71 -6.50 -20.43
C TRP D 468 0.14 -5.60 -19.55
N GLY D 469 -0.17 -5.57 -18.26
CA GLY D 469 0.64 -4.82 -17.31
C GLY D 469 0.33 -3.33 -17.31
N ARG D 470 1.02 -2.67 -16.41
CA ARG D 470 0.87 -1.21 -16.31
C ARG D 470 2.27 -0.62 -16.34
N GLU D 471 2.38 0.64 -16.74
CA GLU D 471 3.68 1.32 -16.78
C GLU D 471 3.48 2.64 -16.05
N ALA D 472 4.58 3.29 -15.65
CA ALA D 472 4.51 4.55 -14.90
C ALA D 472 3.88 4.30 -13.52
N GLY D 473 3.97 5.28 -12.65
CA GLY D 473 3.54 5.04 -11.27
C GLY D 473 4.51 4.11 -10.56
N LEU D 474 4.34 3.93 -9.26
CA LEU D 474 5.18 2.94 -8.55
C LEU D 474 4.79 1.58 -9.10
N TYR D 475 3.53 1.45 -9.51
CA TYR D 475 3.12 0.17 -10.09
C TYR D 475 4.01 -0.19 -11.28
N GLY D 476 4.25 0.77 -12.17
CA GLY D 476 5.07 0.49 -13.34
C GLY D 476 6.50 0.10 -12.99
N VAL D 477 7.05 0.65 -11.92
CA VAL D 477 8.33 0.16 -11.42
C VAL D 477 8.18 -1.25 -10.88
N GLU D 478 7.09 -1.52 -10.16
CA GLU D 478 6.88 -2.85 -9.60
C GLU D 478 6.70 -3.89 -10.69
N GLU D 479 6.18 -3.50 -11.85
CA GLU D 479 5.90 -4.45 -12.93
C GLU D 479 7.15 -5.17 -13.36
N TYR D 480 8.32 -4.54 -13.22
CA TYR D 480 9.60 -5.10 -13.61
C TYR D 480 10.35 -5.64 -12.42
N THR D 481 9.64 -5.90 -11.34
CA THR D 481 10.19 -6.61 -10.20
C THR D 481 9.51 -7.97 -10.08
N GLN D 482 10.22 -8.89 -9.46
CA GLN D 482 9.63 -10.15 -9.12
C GLN D 482 9.25 -10.13 -7.65
N ILE D 483 8.13 -10.74 -7.34
CA ILE D 483 7.65 -10.80 -5.97
C ILE D 483 8.17 -12.09 -5.37
N LYS D 484 8.87 -11.99 -4.26
CA LYS D 484 9.45 -13.15 -3.59
C LYS D 484 8.89 -13.20 -2.19
N SER D 485 8.02 -14.17 -1.93
CA SER D 485 7.54 -14.39 -0.59
C SER D 485 8.59 -15.14 0.20
N VAL D 486 8.75 -14.75 1.44
CA VAL D 486 9.76 -15.33 2.31
C VAL D 486 9.07 -15.66 3.62
N HIS D 487 9.17 -16.91 4.04
CA HIS D 487 8.68 -17.30 5.35
C HIS D 487 9.85 -17.83 6.16
N ILE D 488 10.02 -17.25 7.35
CA ILE D 488 11.07 -17.60 8.27
C ILE D 488 10.42 -18.19 9.50
N GLU D 489 10.83 -19.40 9.85
CA GLU D 489 10.46 -19.98 11.11
C GLU D 489 11.63 -19.86 12.09
#